data_4YR9
#
_entry.id   4YR9
#
_cell.length_a   74.150
_cell.length_b   160.130
_cell.length_c   194.300
_cell.angle_alpha   90.000
_cell.angle_beta   90.000
_cell.angle_gamma   90.000
#
_symmetry.space_group_name_H-M   'P 2 21 21'
#
loop_
_entity.id
_entity.type
_entity.pdbx_description
1 polymer 'L-threonine 3-dehydrogenase, mitochondrial'
2 non-polymer NICOTINAMIDE-ADENINE-DINUCLEOTIDE
3 non-polymer GLYCEROL
4 water water
#
_entity_poly.entity_id   1
_entity_poly.type   'polypeptide(L)'
_entity_poly.pdbx_seq_one_letter_code
;HMSTSISEAEPPRVLITGGLGQLGVGLANLLRKRFGKDNVILSDIRKPPAHVFHSGPFVYANILDYKSLREIVVNHRISW
LFHYSALLSAVGEANVSLARDVNITGLHNVLDVAAEYNVRLFVPSTIGAFGPTSPRNPAPDLCIQRPRTIYGVSKVHTEL
MGEYYYYRYGLDFRCLRYPGIISADSQPGGGTTDYAVQIFHAAAKNGTFECNLEAGTRLPMMYISDCLRATLEVMEAPAE
RLSMRTYNISAMSFTPEELAQALRKHAPDFQITYCVDPLRQAIAESWPMILDDSNARKDWGWKHDFDLPELVATMLNFHG
VSTRVAQVN
;
_entity_poly.pdbx_strand_id   A,B,C,D,E,F
#
loop_
_chem_comp.id
_chem_comp.type
_chem_comp.name
_chem_comp.formula
GOL non-polymer GLYCEROL 'C3 H8 O3'
NAD non-polymer NICOTINAMIDE-ADENINE-DINUCLEOTIDE 'C21 H27 N7 O14 P2'
#
# COMPACT_ATOMS: atom_id res chain seq x y z
N PRO A 11 -9.09 -47.54 0.55
CA PRO A 11 -8.28 -46.47 1.14
C PRO A 11 -7.88 -45.42 0.11
N PRO A 12 -8.06 -44.14 0.43
CA PRO A 12 -7.84 -43.05 -0.54
C PRO A 12 -6.40 -42.56 -0.67
N ARG A 13 -6.06 -42.11 -1.87
CA ARG A 13 -4.76 -41.51 -2.17
C ARG A 13 -4.94 -40.00 -2.22
N VAL A 14 -4.17 -39.29 -1.40
CA VAL A 14 -4.36 -37.86 -1.17
C VAL A 14 -3.24 -37.01 -1.79
N LEU A 15 -3.65 -35.94 -2.48
CA LEU A 15 -2.74 -34.87 -2.87
C LEU A 15 -3.11 -33.61 -2.11
N ILE A 16 -2.13 -32.97 -1.49
CA ILE A 16 -2.35 -31.67 -0.88
C ILE A 16 -1.68 -30.61 -1.73
N THR A 17 -2.49 -29.71 -2.25
CA THR A 17 -2.02 -28.62 -3.08
C THR A 17 -1.55 -27.47 -2.20
N GLY A 18 -0.44 -26.84 -2.56
CA GLY A 18 0.13 -25.74 -1.79
C GLY A 18 0.19 -26.04 -0.29
N GLY A 19 0.90 -27.10 0.07
CA GLY A 19 0.90 -27.61 1.44
C GLY A 19 2.11 -27.27 2.28
N LEU A 20 2.85 -26.23 1.89
CA LEU A 20 4.02 -25.80 2.65
C LEU A 20 3.77 -24.47 3.38
N GLY A 21 2.53 -24.00 3.33
CA GLY A 21 2.13 -22.80 4.05
C GLY A 21 1.81 -23.10 5.51
N GLN A 22 1.01 -22.23 6.11
CA GLN A 22 0.70 -22.34 7.54
C GLN A 22 -0.03 -23.64 7.89
N LEU A 23 -1.01 -24.02 7.07
CA LEU A 23 -1.87 -25.14 7.42
C LEU A 23 -1.44 -26.48 6.82
N GLY A 24 -0.85 -26.44 5.62
CA GLY A 24 -0.52 -27.63 4.85
C GLY A 24 0.24 -28.76 5.54
N VAL A 25 1.32 -28.42 6.24
CA VAL A 25 2.13 -29.40 6.95
C VAL A 25 1.30 -30.13 8.00
N GLY A 26 0.60 -29.36 8.83
CA GLY A 26 -0.32 -29.93 9.83
C GLY A 26 -1.35 -30.88 9.23
N LEU A 27 -1.92 -30.50 8.08
CA LEU A 27 -2.86 -31.33 7.36
C LEU A 27 -2.22 -32.63 6.88
N ALA A 28 -0.99 -32.54 6.41
CA ALA A 28 -0.25 -33.71 5.94
C ALA A 28 -0.06 -34.70 7.08
N ASN A 29 0.33 -34.19 8.24
CA ASN A 29 0.54 -35.03 9.43
C ASN A 29 -0.72 -35.75 9.88
N LEU A 30 -1.81 -35.00 10.03
CA LEU A 30 -3.09 -35.58 10.39
C LEU A 30 -3.54 -36.65 9.40
N LEU A 31 -3.42 -36.36 8.11
CA LEU A 31 -3.89 -37.30 7.08
C LEU A 31 -3.01 -38.56 6.95
N ARG A 32 -1.70 -38.38 7.07
CA ARG A 32 -0.76 -39.49 7.03
C ARG A 32 -0.96 -40.46 8.19
N LYS A 33 -1.39 -39.92 9.33
CA LYS A 33 -1.74 -40.75 10.47
C LYS A 33 -3.03 -41.54 10.19
N ARG A 34 -3.91 -40.96 9.38
CA ARG A 34 -5.20 -41.57 9.11
C ARG A 34 -5.19 -42.57 7.96
N PHE A 35 -4.25 -42.42 7.03
CA PHE A 35 -4.26 -43.20 5.80
C PHE A 35 -2.95 -43.89 5.49
N GLY A 36 -1.90 -43.50 6.18
CA GLY A 36 -0.58 -44.05 5.92
C GLY A 36 0.30 -42.99 5.31
N LYS A 37 1.57 -42.99 5.73
CA LYS A 37 2.59 -42.07 5.24
C LYS A 37 2.58 -41.92 3.71
N ASP A 38 2.60 -43.06 3.02
CA ASP A 38 2.75 -43.05 1.56
C ASP A 38 1.49 -42.73 0.76
N ASN A 39 0.34 -42.66 1.42
CA ASN A 39 -0.92 -42.33 0.74
C ASN A 39 -1.31 -40.85 0.80
N VAL A 40 -0.36 -40.00 1.22
CA VAL A 40 -0.59 -38.56 1.23
C VAL A 40 0.59 -37.88 0.55
N ILE A 41 0.32 -37.24 -0.58
CA ILE A 41 1.36 -36.58 -1.35
C ILE A 41 1.32 -35.07 -1.16
N LEU A 42 2.39 -34.56 -0.55
CA LEU A 42 2.51 -33.14 -0.31
C LEU A 42 3.05 -32.45 -1.56
N SER A 43 2.54 -31.25 -1.84
CA SER A 43 2.95 -30.51 -3.03
C SER A 43 2.87 -29.00 -2.86
N ASP A 44 3.83 -28.31 -3.46
CA ASP A 44 3.89 -26.87 -3.49
C ASP A 44 4.79 -26.46 -4.65
N ILE A 45 5.09 -25.17 -4.76
CA ILE A 45 6.06 -24.67 -5.73
C ILE A 45 7.39 -24.30 -5.07
N ARG A 46 7.38 -24.22 -3.74
CA ARG A 46 8.53 -23.83 -2.93
C ARG A 46 9.31 -25.06 -2.46
N LYS A 47 10.57 -24.85 -2.06
CA LYS A 47 11.42 -25.92 -1.55
C LYS A 47 11.03 -26.29 -0.11
N PRO A 48 10.83 -27.59 0.16
CA PRO A 48 10.41 -28.03 1.50
C PRO A 48 11.57 -28.15 2.49
N PRO A 49 11.36 -27.68 3.74
CA PRO A 49 12.29 -27.95 4.85
C PRO A 49 12.63 -29.44 4.95
N ALA A 50 13.85 -29.75 5.38
CA ALA A 50 14.33 -31.14 5.41
C ALA A 50 13.39 -32.10 6.13
N HIS A 51 12.88 -31.69 7.29
CA HIS A 51 12.00 -32.52 8.10
C HIS A 51 10.69 -32.87 7.38
N VAL A 52 10.09 -31.91 6.69
CA VAL A 52 8.80 -32.12 6.01
C VAL A 52 8.94 -32.99 4.75
N PHE A 53 10.08 -32.87 4.07
CA PHE A 53 10.39 -33.68 2.89
C PHE A 53 10.52 -35.16 3.24
N HIS A 54 11.08 -35.44 4.42
CA HIS A 54 11.26 -36.82 4.89
C HIS A 54 10.05 -37.38 5.64
N SER A 55 9.01 -36.56 5.78
CA SER A 55 7.75 -36.98 6.43
C SER A 55 6.97 -37.96 5.57
N GLY A 56 7.20 -37.89 4.26
CA GLY A 56 6.49 -38.72 3.29
C GLY A 56 6.69 -38.16 1.90
N PRO A 57 5.92 -38.66 0.91
CA PRO A 57 6.08 -38.18 -0.47
C PRO A 57 5.84 -36.68 -0.61
N PHE A 58 6.76 -36.01 -1.29
CA PHE A 58 6.58 -34.61 -1.69
C PHE A 58 6.86 -34.47 -3.19
N VAL A 59 6.10 -33.59 -3.84
CA VAL A 59 6.17 -33.42 -5.28
C VAL A 59 5.97 -31.94 -5.64
N TYR A 60 6.77 -31.41 -6.55
CA TYR A 60 6.57 -30.05 -7.05
C TYR A 60 5.27 -30.01 -7.85
N ALA A 61 4.45 -28.98 -7.59
CA ALA A 61 3.20 -28.81 -8.31
C ALA A 61 2.81 -27.34 -8.47
N ASN A 62 2.86 -26.85 -9.70
CA ASN A 62 2.41 -25.50 -10.01
C ASN A 62 0.96 -25.54 -10.46
N ILE A 63 0.11 -24.87 -9.70
CA ILE A 63 -1.35 -25.01 -9.86
C ILE A 63 -1.86 -24.32 -11.12
N LEU A 64 -1.09 -23.34 -11.61
CA LEU A 64 -1.40 -22.66 -12.86
C LEU A 64 -1.09 -23.53 -14.09
N ASP A 65 -0.27 -24.56 -13.88
CA ASP A 65 0.11 -25.48 -14.94
C ASP A 65 -0.81 -26.70 -14.93
N TYR A 66 -1.92 -26.60 -15.66
CA TYR A 66 -2.95 -27.63 -15.71
C TYR A 66 -2.44 -28.99 -16.18
N LYS A 67 -1.60 -28.99 -17.22
CA LYS A 67 -1.04 -30.22 -17.79
C LYS A 67 -0.36 -31.08 -16.73
N SER A 68 0.34 -30.42 -15.81
CA SER A 68 1.09 -31.10 -14.74
C SER A 68 0.20 -31.75 -13.69
N LEU A 69 -0.96 -31.15 -13.43
CA LEU A 69 -1.92 -31.69 -12.47
C LEU A 69 -2.53 -33.02 -12.90
N ARG A 70 -2.82 -33.14 -14.20
CA ARG A 70 -3.29 -34.39 -14.78
C ARG A 70 -2.27 -35.52 -14.56
N GLU A 71 -1.00 -35.25 -14.88
CA GLU A 71 0.08 -36.20 -14.67
C GLU A 71 0.06 -36.71 -13.24
N ILE A 72 0.19 -35.78 -12.29
CA ILE A 72 0.25 -36.10 -10.86
C ILE A 72 -0.94 -36.92 -10.38
N VAL A 73 -2.15 -36.51 -10.77
CA VAL A 73 -3.37 -37.20 -10.37
C VAL A 73 -3.49 -38.60 -10.97
N VAL A 74 -3.16 -38.72 -12.25
CA VAL A 74 -3.14 -40.01 -12.94
C VAL A 74 -2.03 -40.92 -12.40
N ASN A 75 -0.79 -40.40 -12.36
CA ASN A 75 0.38 -41.17 -11.97
C ASN A 75 0.29 -41.71 -10.55
N HIS A 76 -0.18 -40.87 -9.63
CA HIS A 76 -0.25 -41.23 -8.23
C HIS A 76 -1.62 -41.74 -7.80
N ARG A 77 -2.51 -41.90 -8.78
CA ARG A 77 -3.87 -42.42 -8.56
C ARG A 77 -4.62 -41.68 -7.46
N ILE A 78 -4.51 -40.35 -7.47
CA ILE A 78 -5.11 -39.49 -6.46
C ILE A 78 -6.64 -39.58 -6.49
N SER A 79 -7.25 -39.72 -5.31
CA SER A 79 -8.70 -39.77 -5.18
C SER A 79 -9.26 -38.72 -4.21
N TRP A 80 -8.39 -38.17 -3.37
CA TRP A 80 -8.74 -37.07 -2.47
C TRP A 80 -7.80 -35.90 -2.71
N LEU A 81 -8.36 -34.70 -2.95
CA LEU A 81 -7.53 -33.51 -3.11
C LEU A 81 -7.95 -32.40 -2.16
N PHE A 82 -6.95 -31.81 -1.52
CA PHE A 82 -7.14 -30.67 -0.62
C PHE A 82 -6.44 -29.46 -1.23
N HIS A 83 -7.22 -28.47 -1.65
CA HIS A 83 -6.68 -27.34 -2.42
C HIS A 83 -6.29 -26.18 -1.52
N TYR A 84 -5.05 -26.19 -1.06
CA TYR A 84 -4.55 -25.19 -0.11
C TYR A 84 -3.79 -24.04 -0.75
N SER A 85 -3.45 -24.16 -2.04
CA SER A 85 -2.66 -23.11 -2.70
C SER A 85 -3.50 -21.87 -3.01
N ALA A 86 -3.00 -20.72 -2.56
CA ALA A 86 -3.65 -19.44 -2.78
C ALA A 86 -2.71 -18.28 -2.44
N LEU A 87 -3.07 -17.07 -2.89
CA LEU A 87 -2.47 -15.85 -2.37
C LEU A 87 -3.51 -15.17 -1.49
N LEU A 88 -3.17 -14.98 -0.22
CA LEU A 88 -4.14 -14.51 0.78
C LEU A 88 -4.42 -13.01 0.67
N SER A 89 -5.13 -12.47 1.66
CA SER A 89 -5.52 -11.05 1.66
C SER A 89 -4.32 -10.11 1.80
N ALA A 90 -3.24 -10.62 2.40
CA ALA A 90 -2.01 -9.86 2.57
C ALA A 90 -1.41 -9.42 1.24
N VAL A 91 -0.81 -10.38 0.52
CA VAL A 91 -0.09 -10.08 -0.73
C VAL A 91 -1.05 -9.95 -1.91
N GLY A 92 -2.28 -10.46 -1.75
CA GLY A 92 -3.29 -10.42 -2.79
C GLY A 92 -3.55 -9.02 -3.32
N GLU A 93 -3.75 -8.08 -2.40
CA GLU A 93 -4.03 -6.69 -2.76
C GLU A 93 -2.88 -6.02 -3.49
N ALA A 94 -1.64 -6.32 -3.08
CA ALA A 94 -0.44 -5.75 -3.69
C ALA A 94 -0.16 -6.33 -5.09
N ASN A 95 -0.64 -7.56 -5.34
CA ASN A 95 -0.42 -8.25 -6.59
C ASN A 95 -1.72 -8.82 -7.18
N VAL A 96 -2.60 -7.91 -7.63
CA VAL A 96 -3.94 -8.29 -8.09
C VAL A 96 -3.93 -9.27 -9.26
N SER A 97 -3.07 -9.03 -10.25
CA SER A 97 -2.95 -9.90 -11.42
C SER A 97 -2.64 -11.36 -11.05
N LEU A 98 -1.61 -11.55 -10.23
CA LEU A 98 -1.15 -12.89 -9.87
C LEU A 98 -2.13 -13.61 -8.95
N ALA A 99 -2.68 -12.88 -7.99
CA ALA A 99 -3.65 -13.44 -7.04
C ALA A 99 -4.90 -13.89 -7.77
N ARG A 100 -5.28 -13.14 -8.80
CA ARG A 100 -6.38 -13.51 -9.68
C ARG A 100 -6.05 -14.82 -10.40
N ASP A 101 -4.84 -14.91 -10.93
CA ASP A 101 -4.38 -16.09 -11.66
C ASP A 101 -4.35 -17.33 -10.77
N VAL A 102 -3.61 -17.25 -9.67
CA VAL A 102 -3.43 -18.39 -8.75
C VAL A 102 -4.74 -18.83 -8.13
N ASN A 103 -5.57 -17.87 -7.74
CA ASN A 103 -6.83 -18.16 -7.06
C ASN A 103 -7.94 -18.64 -7.98
N ILE A 104 -8.17 -17.94 -9.09
CA ILE A 104 -9.30 -18.26 -9.98
C ILE A 104 -8.95 -19.29 -11.06
N THR A 105 -7.87 -19.05 -11.81
CA THR A 105 -7.42 -20.01 -12.82
C THR A 105 -6.99 -21.32 -12.14
N GLY A 106 -6.29 -21.18 -11.01
CA GLY A 106 -5.86 -22.33 -10.23
C GLY A 106 -7.04 -23.17 -9.80
N LEU A 107 -8.10 -22.51 -9.33
CA LEU A 107 -9.35 -23.17 -8.96
C LEU A 107 -9.94 -23.98 -10.11
N HIS A 108 -10.09 -23.33 -11.26
CA HIS A 108 -10.63 -23.97 -12.46
C HIS A 108 -9.89 -25.27 -12.81
N ASN A 109 -8.56 -25.19 -12.84
CA ASN A 109 -7.71 -26.34 -13.13
C ASN A 109 -7.97 -27.50 -12.16
N VAL A 110 -7.99 -27.18 -10.87
CA VAL A 110 -8.23 -28.19 -9.84
C VAL A 110 -9.65 -28.77 -9.99
N LEU A 111 -10.62 -27.90 -10.28
CA LEU A 111 -11.98 -28.36 -10.57
C LEU A 111 -11.99 -29.34 -11.74
N ASP A 112 -11.39 -28.94 -12.86
CA ASP A 112 -11.36 -29.76 -14.08
C ASP A 112 -10.72 -31.13 -13.86
N VAL A 113 -9.55 -31.15 -13.20
CA VAL A 113 -8.83 -32.39 -12.93
C VAL A 113 -9.67 -33.34 -12.06
N ALA A 114 -10.17 -32.81 -10.94
CA ALA A 114 -11.02 -33.58 -10.02
C ALA A 114 -12.29 -34.10 -10.69
N ALA A 115 -12.86 -33.29 -11.58
CA ALA A 115 -14.06 -33.65 -12.32
C ALA A 115 -13.79 -34.78 -13.31
N GLU A 116 -12.64 -34.74 -13.96
CA GLU A 116 -12.30 -35.71 -14.98
C GLU A 116 -11.87 -37.05 -14.38
N TYR A 117 -11.23 -37.00 -13.22
CA TYR A 117 -10.61 -38.18 -12.64
C TYR A 117 -11.28 -38.69 -11.36
N ASN A 118 -12.50 -38.19 -11.12
CA ASN A 118 -13.34 -38.64 -10.01
C ASN A 118 -12.72 -38.45 -8.63
N VAL A 119 -12.22 -37.24 -8.38
CA VAL A 119 -11.53 -36.91 -7.13
C VAL A 119 -12.48 -36.20 -6.17
N ARG A 120 -12.43 -36.58 -4.89
CA ARG A 120 -13.15 -35.85 -3.86
C ARG A 120 -12.35 -34.62 -3.46
N LEU A 121 -12.97 -33.45 -3.60
CA LEU A 121 -12.26 -32.18 -3.58
C LEU A 121 -12.58 -31.27 -2.41
N PHE A 122 -11.55 -30.93 -1.64
CA PHE A 122 -11.68 -29.95 -0.56
C PHE A 122 -11.02 -28.64 -0.94
N VAL A 123 -11.79 -27.55 -0.82
CA VAL A 123 -11.23 -26.22 -0.93
C VAL A 123 -11.76 -25.35 0.23
N PRO A 124 -10.85 -24.72 0.98
CA PRO A 124 -11.25 -23.81 2.04
C PRO A 124 -11.81 -22.50 1.51
N SER A 125 -12.80 -21.96 2.21
CA SER A 125 -13.16 -20.56 2.07
C SER A 125 -12.84 -19.86 3.38
N THR A 126 -13.24 -18.61 3.51
CA THR A 126 -12.69 -17.76 4.58
C THR A 126 -13.67 -16.73 5.12
N ILE A 127 -13.31 -16.16 6.27
CA ILE A 127 -14.02 -15.02 6.83
C ILE A 127 -13.89 -13.80 5.90
N GLY A 128 -12.93 -13.87 4.98
CA GLY A 128 -12.72 -12.84 3.97
C GLY A 128 -13.69 -12.89 2.80
N ALA A 129 -14.46 -13.98 2.73
CA ALA A 129 -15.50 -14.13 1.69
C ALA A 129 -16.76 -13.29 1.97
N PHE A 130 -16.76 -12.53 3.07
CA PHE A 130 -17.87 -11.62 3.39
C PHE A 130 -17.48 -10.17 3.15
N GLY A 131 -18.49 -9.30 3.11
CA GLY A 131 -18.28 -7.87 2.88
C GLY A 131 -18.94 -6.98 3.92
N PRO A 132 -18.73 -5.65 3.81
CA PRO A 132 -19.35 -4.66 4.70
C PRO A 132 -20.87 -4.71 4.69
N THR A 133 -21.45 -5.22 3.61
CA THR A 133 -22.90 -5.34 3.47
C THR A 133 -23.44 -6.68 4.01
N SER A 134 -22.54 -7.46 4.63
CA SER A 134 -22.89 -8.76 5.19
C SER A 134 -23.21 -8.66 6.68
N PRO A 135 -24.10 -9.54 7.19
CA PRO A 135 -24.28 -9.64 8.64
C PRO A 135 -22.97 -10.03 9.31
N ARG A 136 -22.66 -9.38 10.43
CA ARG A 136 -21.38 -9.59 11.10
C ARG A 136 -21.49 -10.09 12.53
N ASN A 137 -22.71 -10.18 13.05
CA ASN A 137 -22.92 -10.54 14.45
C ASN A 137 -24.18 -11.39 14.68
N PRO A 138 -24.14 -12.68 14.30
CA PRO A 138 -23.02 -13.34 13.62
C PRO A 138 -23.21 -13.31 12.10
N ALA A 139 -22.31 -13.98 11.38
CA ALA A 139 -22.49 -14.19 9.95
C ALA A 139 -23.02 -15.60 9.75
N PRO A 140 -24.19 -15.73 9.10
CA PRO A 140 -24.72 -17.07 8.83
C PRO A 140 -24.08 -17.67 7.60
N ASP A 141 -24.46 -18.89 7.25
CA ASP A 141 -23.96 -19.58 6.08
C ASP A 141 -24.48 -18.98 4.77
N LEU A 142 -25.75 -18.60 4.76
CA LEU A 142 -26.37 -18.00 3.57
C LEU A 142 -26.73 -16.53 3.80
N CYS A 143 -25.93 -15.65 3.20
CA CYS A 143 -26.13 -14.20 3.35
C CYS A 143 -25.42 -13.44 2.24
N ILE A 144 -25.67 -12.14 2.18
CA ILE A 144 -24.99 -11.24 1.25
C ILE A 144 -23.47 -11.43 1.34
N GLN A 145 -22.85 -11.66 0.20
CA GLN A 145 -21.39 -11.75 0.11
C GLN A 145 -20.89 -10.80 -0.97
N ARG A 146 -20.29 -9.69 -0.54
CA ARG A 146 -19.80 -8.68 -1.45
C ARG A 146 -18.41 -8.16 -1.03
N PRO A 147 -17.44 -9.08 -0.83
CA PRO A 147 -16.15 -8.61 -0.35
C PRO A 147 -15.48 -7.63 -1.32
N ARG A 148 -14.62 -6.78 -0.78
CA ARG A 148 -13.92 -5.80 -1.59
C ARG A 148 -12.43 -6.08 -1.56
N THR A 149 -12.11 -7.37 -1.49
CA THR A 149 -10.74 -7.86 -1.61
C THR A 149 -10.69 -8.94 -2.68
N ILE A 150 -9.63 -8.93 -3.49
CA ILE A 150 -9.48 -9.90 -4.58
C ILE A 150 -9.46 -11.33 -4.05
N TYR A 151 -8.92 -11.48 -2.85
CA TYR A 151 -8.84 -12.76 -2.17
C TYR A 151 -10.23 -13.29 -1.83
N GLY A 152 -11.09 -12.41 -1.31
CA GLY A 152 -12.45 -12.78 -0.91
C GLY A 152 -13.31 -13.05 -2.12
N VAL A 153 -13.30 -12.11 -3.06
CA VAL A 153 -14.02 -12.25 -4.33
C VAL A 153 -13.72 -13.61 -4.96
N SER A 154 -12.44 -13.98 -4.99
CA SER A 154 -12.04 -15.26 -5.57
C SER A 154 -12.53 -16.46 -4.75
N LYS A 155 -12.70 -16.26 -3.44
CA LYS A 155 -13.23 -17.32 -2.57
C LYS A 155 -14.75 -17.45 -2.67
N VAL A 156 -15.43 -16.33 -2.94
CA VAL A 156 -16.86 -16.37 -3.24
C VAL A 156 -17.04 -17.17 -4.52
N HIS A 157 -16.16 -16.91 -5.49
CA HIS A 157 -16.14 -17.64 -6.74
C HIS A 157 -15.88 -19.13 -6.50
N THR A 158 -15.00 -19.43 -5.55
CA THR A 158 -14.68 -20.81 -5.19
C THR A 158 -15.91 -21.56 -4.67
N GLU A 159 -16.65 -20.92 -3.77
CA GLU A 159 -17.88 -21.48 -3.23
C GLU A 159 -18.90 -21.77 -4.31
N LEU A 160 -19.14 -20.78 -5.18
CA LEU A 160 -20.17 -20.87 -6.20
C LEU A 160 -19.84 -21.91 -7.27
N MET A 161 -18.62 -21.84 -7.80
CA MET A 161 -18.11 -22.76 -8.81
C MET A 161 -18.11 -24.19 -8.32
N GLY A 162 -17.62 -24.37 -7.10
CA GLY A 162 -17.57 -25.68 -6.45
C GLY A 162 -18.95 -26.29 -6.36
N GLU A 163 -19.91 -25.51 -5.86
CA GLU A 163 -21.29 -25.95 -5.74
C GLU A 163 -21.91 -26.26 -7.10
N TYR A 164 -21.68 -25.39 -8.08
CA TYR A 164 -22.19 -25.62 -9.44
C TYR A 164 -21.71 -26.94 -10.02
N TYR A 165 -20.41 -27.20 -9.87
CA TYR A 165 -19.80 -28.44 -10.35
C TYR A 165 -20.36 -29.67 -9.66
N TYR A 166 -20.95 -29.47 -8.48
CA TYR A 166 -21.64 -30.54 -7.76
C TYR A 166 -23.04 -30.79 -8.32
N TYR A 167 -23.65 -29.77 -8.89
CA TYR A 167 -24.99 -29.89 -9.45
C TYR A 167 -24.97 -30.27 -10.93
N ARG A 168 -24.00 -29.72 -11.66
CA ARG A 168 -23.84 -30.00 -13.08
C ARG A 168 -23.24 -31.40 -13.29
N TYR A 169 -22.10 -31.65 -12.65
CA TYR A 169 -21.52 -32.99 -12.60
C TYR A 169 -21.66 -33.50 -11.16
N GLY A 170 -21.33 -34.76 -10.93
CA GLY A 170 -21.44 -35.30 -9.58
C GLY A 170 -20.23 -35.03 -8.71
N LEU A 171 -19.53 -33.93 -8.96
CA LEU A 171 -18.27 -33.64 -8.28
C LEU A 171 -18.45 -33.50 -6.78
N ASP A 172 -17.74 -34.34 -6.04
CA ASP A 172 -17.77 -34.31 -4.59
C ASP A 172 -16.95 -33.11 -4.06
N PHE A 173 -17.59 -31.95 -4.06
CA PHE A 173 -16.96 -30.72 -3.61
C PHE A 173 -17.40 -30.38 -2.18
N ARG A 174 -16.42 -30.13 -1.31
CA ARG A 174 -16.69 -29.80 0.10
C ARG A 174 -15.87 -28.60 0.57
N CYS A 175 -16.53 -27.66 1.22
CA CYS A 175 -15.93 -26.36 1.54
C CYS A 175 -16.23 -25.88 2.95
N LEU A 176 -15.18 -25.60 3.72
CA LEU A 176 -15.32 -25.01 5.04
C LEU A 176 -14.77 -23.58 5.02
N ARG A 177 -15.55 -22.65 5.58
CA ARG A 177 -15.06 -21.30 5.76
C ARG A 177 -14.26 -21.22 7.05
N TYR A 178 -12.93 -21.24 6.93
CA TYR A 178 -12.06 -21.14 8.09
C TYR A 178 -12.11 -19.75 8.70
N PRO A 179 -12.19 -19.67 10.05
CA PRO A 179 -11.87 -18.42 10.74
C PRO A 179 -10.36 -18.22 10.71
N GLY A 180 -9.86 -17.15 11.34
CA GLY A 180 -8.43 -16.95 11.49
C GLY A 180 -7.83 -18.12 12.25
N ILE A 181 -6.84 -18.77 11.66
CA ILE A 181 -6.26 -19.96 12.27
C ILE A 181 -5.01 -19.63 13.09
N ILE A 182 -4.96 -20.13 14.32
CA ILE A 182 -3.83 -19.92 15.21
C ILE A 182 -3.00 -21.19 15.32
N SER A 183 -1.70 -21.07 15.05
CA SER A 183 -0.78 -22.20 15.14
C SER A 183 0.56 -21.73 15.70
N ALA A 184 1.37 -22.68 16.18
CA ALA A 184 2.62 -22.38 16.88
C ALA A 184 3.63 -21.60 16.05
N ASP A 185 4.31 -22.31 15.13
CA ASP A 185 5.34 -21.69 14.31
C ASP A 185 4.86 -21.34 12.91
N SER A 186 4.25 -20.16 12.80
CA SER A 186 3.73 -19.63 11.55
C SER A 186 4.49 -18.37 11.17
N PRO A 188 6.37 -17.66 8.71
CA PRO A 188 6.34 -16.30 8.17
C PRO A 188 5.17 -15.46 8.71
N GLY A 189 5.26 -14.14 8.52
CA GLY A 189 4.23 -13.21 8.97
C GLY A 189 2.95 -13.24 8.15
N GLY A 190 2.10 -12.24 8.36
CA GLY A 190 0.80 -12.16 7.69
C GLY A 190 0.51 -10.78 7.14
N GLY A 191 -0.78 -10.42 7.04
CA GLY A 191 -1.88 -11.24 7.55
C GLY A 191 -2.63 -10.44 8.59
N THR A 192 -3.96 -10.39 8.45
CA THR A 192 -4.77 -9.55 9.32
C THR A 192 -4.93 -10.17 10.71
N THR A 193 -5.20 -11.47 10.76
CA THR A 193 -5.35 -12.18 12.02
C THR A 193 -3.99 -12.65 12.56
N ASP A 194 -2.92 -12.05 12.05
CA ASP A 194 -1.56 -12.51 12.33
C ASP A 194 -1.06 -12.15 13.74
N TYR A 195 -1.57 -11.05 14.30
CA TYR A 195 -1.17 -10.61 15.65
C TYR A 195 -1.32 -11.75 16.65
N ALA A 196 -2.39 -12.53 16.47
CA ALA A 196 -2.78 -13.59 17.40
C ALA A 196 -1.84 -14.79 17.35
N VAL A 197 -0.97 -14.83 16.35
CA VAL A 197 0.10 -15.82 16.29
C VAL A 197 1.38 -15.23 16.88
N GLN A 198 1.73 -14.03 16.42
CA GLN A 198 2.96 -13.33 16.82
C GLN A 198 3.00 -12.96 18.31
N ILE A 199 1.83 -12.74 18.90
CA ILE A 199 1.72 -12.37 20.32
C ILE A 199 2.41 -13.39 21.24
N PHE A 200 2.27 -14.67 20.91
CA PHE A 200 2.84 -15.75 21.71
C PHE A 200 4.36 -15.85 21.60
N HIS A 201 4.90 -15.40 20.46
CA HIS A 201 6.35 -15.31 20.28
C HIS A 201 6.96 -14.26 21.20
N ALA A 202 6.38 -13.04 21.16
CA ALA A 202 6.84 -11.91 21.96
C ALA A 202 6.57 -12.08 23.46
N ALA A 203 5.60 -12.92 23.79
CA ALA A 203 5.27 -13.23 25.19
C ALA A 203 6.39 -13.99 25.88
N ALA A 204 7.11 -14.82 25.12
CA ALA A 204 8.21 -15.61 25.65
C ALA A 204 9.58 -14.98 25.39
N LYS A 205 9.63 -14.08 24.41
CA LYS A 205 10.88 -13.43 24.01
C LYS A 205 11.27 -12.30 24.97
N ASN A 206 10.35 -11.36 25.19
CA ASN A 206 10.62 -10.17 25.99
C ASN A 206 9.61 -9.96 27.12
N GLY A 207 8.34 -10.17 26.79
CA GLY A 207 7.24 -9.88 27.70
C GLY A 207 6.48 -8.66 27.24
N THR A 208 6.84 -8.15 26.06
CA THR A 208 6.20 -6.99 25.45
C THR A 208 5.87 -7.21 23.97
N PHE A 209 4.65 -6.87 23.57
CA PHE A 209 4.19 -7.04 22.19
C PHE A 209 3.47 -5.82 21.64
N GLU A 210 3.88 -5.39 20.45
CA GLU A 210 3.19 -4.31 19.73
C GLU A 210 2.12 -4.91 18.82
N CYS A 211 0.88 -4.50 19.05
CA CYS A 211 -0.27 -5.01 18.29
C CYS A 211 -0.69 -4.01 17.21
N ASN A 212 -1.05 -4.53 16.04
CA ASN A 212 -1.38 -3.69 14.89
C ASN A 212 -2.87 -3.56 14.59
N LEU A 213 -3.71 -4.15 15.44
CA LEU A 213 -5.16 -3.99 15.34
C LEU A 213 -5.69 -3.31 16.60
N GLU A 214 -6.91 -2.76 16.51
CA GLU A 214 -7.53 -2.09 17.67
C GLU A 214 -7.84 -3.08 18.79
N ALA A 215 -7.66 -2.63 20.03
CA ALA A 215 -7.83 -3.45 21.23
C ALA A 215 -9.12 -4.27 21.26
N GLY A 216 -10.19 -3.72 20.67
CA GLY A 216 -11.48 -4.38 20.68
C GLY A 216 -12.00 -4.84 19.33
N THR A 217 -11.10 -5.17 18.40
CA THR A 217 -11.50 -5.71 17.09
C THR A 217 -11.77 -7.22 17.17
N ARG A 218 -13.04 -7.56 17.35
CA ARG A 218 -13.49 -8.94 17.45
C ARG A 218 -13.47 -9.65 16.10
N LEU A 219 -12.80 -10.79 16.04
CA LEU A 219 -12.76 -11.63 14.86
C LEU A 219 -12.92 -13.09 15.28
N PRO A 220 -13.50 -13.93 14.40
CA PRO A 220 -13.58 -15.37 14.69
C PRO A 220 -12.20 -16.02 14.55
N MET A 221 -11.83 -16.86 15.51
CA MET A 221 -10.52 -17.51 15.54
C MET A 221 -10.65 -18.99 15.83
N MET A 222 -9.57 -19.74 15.61
CA MET A 222 -9.56 -21.19 15.83
C MET A 222 -8.15 -21.75 15.89
N TYR A 223 -7.93 -22.71 16.78
CA TYR A 223 -6.65 -23.42 16.84
C TYR A 223 -6.54 -24.40 15.67
N ILE A 224 -5.31 -24.58 15.19
CA ILE A 224 -5.02 -25.44 14.03
C ILE A 224 -5.56 -26.88 14.14
N SER A 225 -5.51 -27.48 15.34
CA SER A 225 -6.02 -28.84 15.56
C SER A 225 -7.50 -28.94 15.22
N ASP A 226 -8.27 -27.92 15.63
CA ASP A 226 -9.70 -27.86 15.33
C ASP A 226 -9.94 -27.70 13.83
N CYS A 227 -9.16 -26.82 13.20
CA CYS A 227 -9.29 -26.52 11.77
C CYS A 227 -9.13 -27.75 10.90
N LEU A 228 -8.10 -28.54 11.20
CA LEU A 228 -7.78 -29.73 10.46
C LEU A 228 -8.71 -30.89 10.83
N ARG A 229 -9.08 -30.99 12.10
CA ARG A 229 -10.03 -32.02 12.53
C ARG A 229 -11.37 -31.84 11.82
N ALA A 230 -11.83 -30.59 11.74
CA ALA A 230 -13.06 -30.27 11.00
C ALA A 230 -12.91 -30.67 9.53
N THR A 231 -11.74 -30.36 8.96
CA THR A 231 -11.44 -30.63 7.57
C THR A 231 -11.50 -32.13 7.24
N LEU A 232 -10.94 -32.94 8.13
CA LEU A 232 -10.97 -34.38 7.95
C LEU A 232 -12.38 -34.92 8.12
N GLU A 233 -13.06 -34.47 9.18
CA GLU A 233 -14.40 -34.96 9.52
C GLU A 233 -15.39 -34.76 8.37
N VAL A 234 -15.50 -33.51 7.88
CA VAL A 234 -16.42 -33.17 6.79
C VAL A 234 -16.12 -33.97 5.53
N MET A 235 -14.84 -34.28 5.33
CA MET A 235 -14.40 -35.11 4.21
C MET A 235 -14.77 -36.59 4.43
N GLU A 236 -14.75 -37.03 5.69
CA GLU A 236 -15.10 -38.41 6.03
C GLU A 236 -16.62 -38.59 6.20
N ALA A 237 -17.34 -37.47 6.23
CA ALA A 237 -18.79 -37.48 6.42
C ALA A 237 -19.52 -38.24 5.31
N PRO A 238 -20.65 -38.89 5.66
CA PRO A 238 -21.53 -39.45 4.63
C PRO A 238 -22.21 -38.35 3.84
N ALA A 239 -22.25 -38.50 2.52
CA ALA A 239 -22.76 -37.47 1.61
C ALA A 239 -24.16 -36.99 1.98
N GLU A 240 -25.06 -37.95 2.22
CA GLU A 240 -26.48 -37.67 2.48
C GLU A 240 -26.75 -36.70 3.64
N ARG A 241 -25.85 -36.69 4.62
CA ARG A 241 -26.01 -35.80 5.78
C ARG A 241 -25.56 -34.36 5.54
N LEU A 242 -25.10 -34.07 4.33
CA LEU A 242 -24.64 -32.73 3.96
C LEU A 242 -25.69 -32.00 3.13
N SER A 243 -26.49 -31.16 3.79
CA SER A 243 -27.56 -30.42 3.11
C SER A 243 -27.01 -29.30 2.23
N MET A 244 -25.80 -28.85 2.53
CA MET A 244 -25.09 -27.89 1.69
C MET A 244 -23.61 -28.30 1.57
N ARG A 245 -22.87 -27.63 0.69
CA ARG A 245 -21.48 -28.02 0.45
C ARG A 245 -20.46 -27.02 0.98
N THR A 246 -20.92 -25.82 1.31
CA THR A 246 -20.10 -24.82 2.00
C THR A 246 -20.66 -24.56 3.41
N TYR A 247 -19.80 -24.74 4.41
CA TYR A 247 -20.17 -24.52 5.81
C TYR A 247 -19.26 -23.51 6.50
N ASN A 248 -19.84 -22.69 7.38
CA ASN A 248 -19.06 -21.97 8.37
C ASN A 248 -18.57 -22.96 9.40
N ILE A 249 -17.36 -22.72 9.91
CA ILE A 249 -16.79 -23.54 10.95
C ILE A 249 -16.41 -22.56 12.07
N SER A 250 -16.72 -22.91 13.31
CA SER A 250 -16.54 -21.94 14.40
C SER A 250 -15.99 -22.55 15.69
N ALA A 251 -15.24 -21.75 16.43
CA ALA A 251 -14.69 -22.14 17.73
C ALA A 251 -14.84 -21.01 18.75
N MET A 252 -14.35 -19.83 18.41
CA MET A 252 -14.31 -18.70 19.33
C MET A 252 -14.18 -17.37 18.60
N SER A 253 -14.60 -16.30 19.27
CA SER A 253 -14.35 -14.95 18.79
C SER A 253 -13.73 -14.16 19.92
N PHE A 254 -12.65 -13.44 19.62
CA PHE A 254 -12.04 -12.57 20.62
C PHE A 254 -11.36 -11.32 20.07
N THR A 255 -10.91 -10.49 20.99
CA THR A 255 -10.26 -9.22 20.70
C THR A 255 -8.83 -9.29 21.23
N PRO A 256 -7.93 -8.42 20.74
CA PRO A 256 -6.59 -8.34 21.31
C PRO A 256 -6.59 -8.17 22.84
N GLU A 257 -7.49 -7.32 23.36
CA GLU A 257 -7.64 -7.13 24.80
C GLU A 257 -8.00 -8.43 25.54
N GLU A 258 -8.98 -9.16 25.00
CA GLU A 258 -9.41 -10.42 25.59
C GLU A 258 -8.33 -11.50 25.53
N LEU A 259 -7.51 -11.47 24.48
CA LEU A 259 -6.37 -12.36 24.35
C LEU A 259 -5.27 -11.99 25.35
N ALA A 260 -5.09 -10.70 25.55
CA ALA A 260 -4.08 -10.17 26.48
C ALA A 260 -4.34 -10.56 27.93
N GLN A 261 -5.61 -10.70 28.31
CA GLN A 261 -5.96 -11.18 29.64
C GLN A 261 -5.63 -12.67 29.81
N ALA A 262 -6.00 -13.47 28.82
CA ALA A 262 -5.75 -14.90 28.85
C ALA A 262 -4.24 -15.20 28.94
N LEU A 263 -3.43 -14.36 28.29
CA LEU A 263 -1.99 -14.41 28.43
C LEU A 263 -1.54 -14.07 29.85
N ARG A 264 -2.14 -13.02 30.41
CA ARG A 264 -1.79 -12.53 31.74
C ARG A 264 -2.19 -13.49 32.86
N LYS A 265 -3.11 -14.41 32.56
CA LYS A 265 -3.47 -15.48 33.49
C LYS A 265 -2.26 -16.37 33.80
N HIS A 266 -1.36 -16.50 32.84
CA HIS A 266 -0.16 -17.31 32.99
C HIS A 266 1.06 -16.42 33.20
N ALA A 267 1.10 -15.29 32.51
CA ALA A 267 2.20 -14.34 32.61
C ALA A 267 1.67 -12.96 32.99
N PRO A 268 1.49 -12.70 34.30
CA PRO A 268 0.89 -11.44 34.77
C PRO A 268 1.73 -10.21 34.41
N ASP A 269 3.00 -10.42 34.09
CA ASP A 269 3.90 -9.33 33.72
C ASP A 269 3.72 -8.87 32.27
N PHE A 270 3.03 -9.67 31.47
CA PHE A 270 2.89 -9.42 30.03
C PHE A 270 2.37 -8.02 29.70
N GLN A 271 3.12 -7.32 28.84
CA GLN A 271 2.81 -5.94 28.46
C GLN A 271 2.43 -5.82 26.99
N ILE A 272 1.41 -5.01 26.72
CA ILE A 272 0.88 -4.84 25.37
C ILE A 272 0.85 -3.36 24.96
N THR A 273 1.32 -3.06 23.76
CA THR A 273 1.22 -1.72 23.17
C THR A 273 0.43 -1.79 21.87
N TYR A 274 0.08 -0.63 21.32
CA TYR A 274 -0.69 -0.58 20.08
C TYR A 274 -0.13 0.41 19.07
N CYS A 275 -0.09 -0.03 17.81
CA CYS A 275 0.19 0.83 16.67
C CYS A 275 -0.57 0.27 15.48
N VAL A 276 -1.78 0.76 15.29
CA VAL A 276 -2.73 0.22 14.33
C VAL A 276 -2.29 0.50 12.88
N ASP A 277 -2.33 -0.54 12.05
CA ASP A 277 -2.13 -0.39 10.62
C ASP A 277 -3.50 -0.22 9.95
N PRO A 278 -3.76 0.97 9.38
CA PRO A 278 -5.06 1.29 8.77
C PRO A 278 -5.46 0.29 7.67
N LEU A 279 -4.50 -0.13 6.85
CA LEU A 279 -4.74 -1.12 5.80
C LEU A 279 -5.31 -2.41 6.35
N ARG A 280 -4.66 -2.97 7.37
CA ARG A 280 -5.12 -4.20 8.02
C ARG A 280 -6.36 -3.98 8.88
N GLN A 281 -6.47 -2.80 9.48
CA GLN A 281 -7.62 -2.45 10.30
C GLN A 281 -8.89 -2.30 9.45
N ALA A 282 -8.73 -1.72 8.26
CA ALA A 282 -9.84 -1.51 7.34
C ALA A 282 -10.48 -2.82 6.90
N ILE A 283 -9.65 -3.83 6.61
CA ILE A 283 -10.17 -5.12 6.16
C ILE A 283 -10.63 -6.02 7.33
N ALA A 284 -10.14 -5.72 8.53
CA ALA A 284 -10.63 -6.37 9.74
C ALA A 284 -12.07 -5.94 10.02
N GLU A 285 -12.33 -4.63 9.89
CA GLU A 285 -13.66 -4.06 10.11
C GLU A 285 -14.67 -4.59 9.09
N SER A 286 -14.18 -4.96 7.90
CA SER A 286 -15.04 -5.46 6.82
C SER A 286 -15.45 -6.92 7.02
N TRP A 287 -14.68 -7.63 7.84
CA TRP A 287 -14.97 -9.03 8.15
C TRP A 287 -16.03 -9.15 9.25
N PRO A 288 -16.64 -10.34 9.40
CA PRO A 288 -17.57 -10.53 10.52
C PRO A 288 -16.86 -10.64 11.86
N MET A 289 -17.62 -10.53 12.94
CA MET A 289 -17.07 -10.65 14.29
C MET A 289 -17.22 -12.09 14.80
N ILE A 290 -18.36 -12.70 14.50
CA ILE A 290 -18.66 -14.07 14.90
C ILE A 290 -19.12 -14.87 13.68
N LEU A 291 -18.73 -16.15 13.62
CA LEU A 291 -19.25 -17.08 12.61
C LEU A 291 -20.26 -18.03 13.22
N ASP A 292 -21.44 -18.10 12.61
CA ASP A 292 -22.51 -18.99 13.06
C ASP A 292 -22.45 -20.31 12.31
N ASP A 293 -22.09 -21.38 13.01
CA ASP A 293 -21.93 -22.70 12.40
C ASP A 293 -23.02 -23.69 12.81
N SER A 294 -24.26 -23.19 12.95
CA SER A 294 -25.40 -24.02 13.35
C SER A 294 -25.49 -25.25 12.45
N ASN A 295 -25.46 -25.01 11.14
CA ASN A 295 -25.58 -26.05 10.14
C ASN A 295 -24.47 -27.09 10.20
N ALA A 296 -23.24 -26.64 10.38
CA ALA A 296 -22.10 -27.54 10.50
C ALA A 296 -22.22 -28.46 11.71
N ARG A 297 -22.71 -27.94 12.84
CA ARG A 297 -22.86 -28.76 14.05
C ARG A 297 -24.04 -29.73 13.93
N LYS A 298 -25.07 -29.32 13.20
CA LYS A 298 -26.29 -30.11 13.05
C LYS A 298 -26.15 -31.23 12.02
N ASP A 299 -25.62 -30.90 10.85
CA ASP A 299 -25.54 -31.84 9.72
C ASP A 299 -24.55 -32.98 9.96
N TRP A 300 -23.27 -32.62 10.12
CA TRP A 300 -22.23 -33.55 10.56
C TRP A 300 -21.81 -33.09 11.96
N GLY A 301 -21.10 -33.93 12.70
CA GLY A 301 -20.99 -33.70 14.15
C GLY A 301 -19.95 -32.70 14.64
N TRP A 302 -19.98 -31.47 14.11
CA TRP A 302 -18.93 -30.51 14.42
C TRP A 302 -18.94 -29.93 15.85
N LYS A 303 -17.85 -30.17 16.57
CA LYS A 303 -17.64 -29.62 17.91
C LYS A 303 -16.17 -29.22 18.02
N HIS A 304 -15.92 -27.98 18.46
CA HIS A 304 -14.55 -27.52 18.67
C HIS A 304 -14.01 -27.99 20.02
N ASP A 305 -12.71 -28.24 20.09
CA ASP A 305 -12.05 -28.72 21.30
C ASP A 305 -11.26 -27.63 22.00
N PHE A 306 -11.13 -26.49 21.34
CA PHE A 306 -10.30 -25.39 21.85
C PHE A 306 -11.06 -24.07 21.96
N ASP A 307 -11.11 -23.51 23.16
CA ASP A 307 -11.51 -22.11 23.36
C ASP A 307 -10.36 -21.29 23.95
N LEU A 308 -10.62 -20.02 24.23
CA LEU A 308 -9.55 -19.08 24.59
C LEU A 308 -8.55 -19.55 25.68
N PRO A 309 -9.04 -20.12 26.80
CA PRO A 309 -8.09 -20.60 27.82
C PRO A 309 -7.13 -21.69 27.30
N GLU A 310 -7.68 -22.77 26.76
CA GLU A 310 -6.87 -23.91 26.29
C GLU A 310 -6.01 -23.60 25.07
N LEU A 311 -6.51 -22.73 24.19
CA LEU A 311 -5.74 -22.23 23.05
C LEU A 311 -4.47 -21.54 23.54
N VAL A 312 -4.63 -20.66 24.51
CA VAL A 312 -3.52 -19.92 25.11
C VAL A 312 -2.53 -20.88 25.81
N ALA A 313 -3.08 -21.86 26.53
CA ALA A 313 -2.26 -22.85 27.24
C ALA A 313 -1.36 -23.65 26.30
N THR A 314 -1.94 -24.14 25.19
CA THR A 314 -1.20 -24.93 24.22
C THR A 314 -0.14 -24.09 23.51
N MET A 315 -0.52 -22.88 23.12
CA MET A 315 0.39 -21.96 22.42
C MET A 315 1.59 -21.56 23.28
N LEU A 316 1.37 -21.43 24.58
CA LEU A 316 2.44 -21.15 25.53
C LEU A 316 3.30 -22.38 25.79
N ASN A 317 2.70 -23.57 25.64
CA ASN A 317 3.42 -24.84 25.78
C ASN A 317 4.46 -25.10 24.69
N PHE A 318 4.46 -24.28 23.64
CA PHE A 318 5.44 -24.40 22.56
C PHE A 318 6.63 -23.45 22.75
N HIS A 319 6.78 -22.89 23.95
CA HIS A 319 7.85 -21.94 24.23
C HIS A 319 8.52 -22.18 25.58
N PRO B 11 8.64 8.63 57.59
CA PRO B 11 7.20 8.64 57.76
C PRO B 11 6.55 9.94 57.24
N PRO B 12 5.57 9.81 56.32
CA PRO B 12 4.86 10.97 55.80
C PRO B 12 3.62 11.33 56.63
N ARG B 13 3.16 12.57 56.47
CA ARG B 13 1.91 13.03 57.07
C ARG B 13 0.92 13.32 55.95
N VAL B 14 -0.27 12.74 56.06
CA VAL B 14 -1.20 12.69 54.94
C VAL B 14 -2.51 13.43 55.23
N LEU B 15 -2.89 14.30 54.29
CA LEU B 15 -4.23 14.85 54.26
C LEU B 15 -4.96 14.33 53.03
N ILE B 16 -6.16 13.80 53.26
CA ILE B 16 -7.04 13.40 52.17
C ILE B 16 -8.15 14.43 52.07
N THR B 17 -8.26 15.01 50.88
CA THR B 17 -9.31 15.97 50.59
C THR B 17 -10.55 15.25 50.06
N GLY B 18 -11.72 15.70 50.53
CA GLY B 18 -13.01 15.16 50.08
C GLY B 18 -13.11 13.65 50.14
N GLY B 19 -12.74 13.09 51.29
CA GLY B 19 -12.62 11.65 51.42
C GLY B 19 -13.75 10.94 52.14
N LEU B 20 -14.96 11.49 52.07
CA LEU B 20 -16.13 10.82 52.64
C LEU B 20 -16.97 10.15 51.55
N GLY B 21 -16.47 10.17 50.33
CA GLY B 21 -17.15 9.55 49.20
C GLY B 21 -16.82 8.08 49.05
N GLN B 22 -16.95 7.59 47.81
CA GLN B 22 -16.75 6.18 47.50
C GLN B 22 -15.34 5.69 47.82
N LEU B 23 -14.35 6.53 47.53
CA LEU B 23 -12.96 6.10 47.55
C LEU B 23 -12.19 6.51 48.81
N GLY B 24 -12.54 7.67 49.36
CA GLY B 24 -11.80 8.28 50.46
C GLY B 24 -11.56 7.39 51.65
N VAL B 25 -12.62 6.74 52.12
CA VAL B 25 -12.57 5.88 53.30
C VAL B 25 -11.67 4.68 53.03
N GLY B 26 -11.82 4.09 51.84
CA GLY B 26 -10.95 3.02 51.39
C GLY B 26 -9.50 3.46 51.38
N LEU B 27 -9.23 4.62 50.77
CA LEU B 27 -7.89 5.19 50.74
C LEU B 27 -7.34 5.45 52.14
N ALA B 28 -8.18 5.98 53.03
CA ALA B 28 -7.77 6.30 54.40
C ALA B 28 -7.31 5.05 55.14
N ASN B 29 -8.07 3.97 55.01
CA ASN B 29 -7.75 2.70 55.66
C ASN B 29 -6.41 2.12 55.22
N LEU B 30 -6.13 2.22 53.93
CA LEU B 30 -4.90 1.72 53.34
C LEU B 30 -3.67 2.48 53.86
N LEU B 31 -3.77 3.81 53.88
CA LEU B 31 -2.65 4.67 54.30
C LEU B 31 -2.40 4.61 55.81
N ARG B 32 -3.47 4.47 56.58
CA ARG B 32 -3.37 4.36 58.03
C ARG B 32 -2.70 3.06 58.46
N LYS B 33 -2.92 1.99 57.68
CA LYS B 33 -2.20 0.75 57.88
C LYS B 33 -0.72 0.88 57.51
N ARG B 34 -0.44 1.64 56.46
CA ARG B 34 0.94 1.85 56.00
C ARG B 34 1.71 2.84 56.87
N PHE B 35 1.04 3.89 57.34
CA PHE B 35 1.73 5.00 58.01
C PHE B 35 1.31 5.26 59.46
N GLY B 36 0.20 4.67 59.87
CA GLY B 36 -0.29 4.87 61.23
C GLY B 36 -1.55 5.70 61.26
N LYS B 37 -2.45 5.34 62.19
CA LYS B 37 -3.73 6.01 62.37
C LYS B 37 -3.61 7.54 62.45
N ASP B 38 -2.73 8.04 63.31
CA ASP B 38 -2.61 9.48 63.55
C ASP B 38 -1.91 10.27 62.44
N ASN B 39 -1.21 9.57 61.54
CA ASN B 39 -0.50 10.25 60.45
C ASN B 39 -1.34 10.51 59.20
N VAL B 40 -2.59 10.06 59.20
CA VAL B 40 -3.50 10.25 58.06
C VAL B 40 -4.76 10.99 58.50
N ILE B 41 -4.87 12.24 58.08
CA ILE B 41 -6.01 13.09 58.44
C ILE B 41 -7.01 13.12 57.30
N LEU B 42 -8.19 12.56 57.56
CA LEU B 42 -9.29 12.54 56.61
C LEU B 42 -10.11 13.83 56.71
N SER B 43 -10.47 14.38 55.55
CA SER B 43 -11.26 15.61 55.51
C SER B 43 -12.35 15.57 54.45
N ASP B 44 -13.36 16.40 54.66
CA ASP B 44 -14.50 16.59 53.75
C ASP B 44 -15.34 17.72 54.32
N ILE B 45 -16.38 18.12 53.60
CA ILE B 45 -17.34 19.11 54.11
C ILE B 45 -18.57 18.46 54.76
N ARG B 46 -18.86 17.21 54.41
CA ARG B 46 -20.03 16.50 54.94
C ARG B 46 -19.75 15.95 56.34
N LYS B 47 -20.81 15.54 57.03
CA LYS B 47 -20.68 14.97 58.37
C LYS B 47 -20.26 13.50 58.28
N PRO B 48 -19.10 13.16 58.88
CA PRO B 48 -18.66 11.76 58.89
C PRO B 48 -19.52 10.90 59.81
N PRO B 49 -19.94 9.70 59.34
CA PRO B 49 -20.64 8.75 60.21
C PRO B 49 -19.73 8.24 61.33
N ALA B 50 -20.35 7.88 62.46
CA ALA B 50 -19.65 7.54 63.70
C ALA B 50 -18.37 6.72 63.54
N HIS B 51 -18.46 5.58 62.85
CA HIS B 51 -17.33 4.67 62.72
C HIS B 51 -16.19 5.22 61.86
N VAL B 52 -16.52 6.02 60.85
CA VAL B 52 -15.52 6.70 60.03
C VAL B 52 -14.75 7.73 60.86
N PHE B 53 -15.48 8.49 61.68
CA PHE B 53 -14.91 9.52 62.54
C PHE B 53 -13.89 8.95 63.54
N HIS B 54 -14.20 7.78 64.09
CA HIS B 54 -13.39 7.22 65.17
C HIS B 54 -12.20 6.39 64.70
N SER B 55 -12.10 6.20 63.38
CA SER B 55 -11.00 5.44 62.76
C SER B 55 -9.69 6.22 62.84
N GLY B 56 -9.80 7.55 62.89
CA GLY B 56 -8.64 8.42 62.95
C GLY B 56 -9.03 9.88 62.83
N PRO B 57 -8.02 10.77 62.77
CA PRO B 57 -8.24 12.22 62.73
C PRO B 57 -9.14 12.66 61.59
N PHE B 58 -10.26 13.29 61.93
CA PHE B 58 -11.11 13.94 60.96
C PHE B 58 -11.18 15.43 61.20
N VAL B 59 -11.17 16.19 60.11
CA VAL B 59 -11.17 17.65 60.15
C VAL B 59 -12.12 18.17 59.06
N TYR B 60 -12.80 19.27 59.33
CA TYR B 60 -13.61 19.92 58.29
C TYR B 60 -12.69 20.72 57.38
N ALA B 61 -12.88 20.55 56.07
CA ALA B 61 -12.08 21.27 55.07
C ALA B 61 -12.86 21.52 53.79
N ASN B 62 -13.19 22.79 53.54
CA ASN B 62 -13.80 23.20 52.28
C ASN B 62 -12.72 23.62 51.31
N ILE B 63 -12.70 22.95 50.15
CA ILE B 63 -11.66 23.11 49.15
C ILE B 63 -11.66 24.50 48.50
N LEU B 64 -12.80 25.19 48.60
CA LEU B 64 -12.93 26.56 48.11
C LEU B 64 -12.34 27.60 49.06
N ASP B 65 -12.09 27.20 50.32
CA ASP B 65 -11.51 28.09 51.32
C ASP B 65 -9.99 27.92 51.38
N TYR B 66 -9.31 28.65 50.50
CA TYR B 66 -7.85 28.63 50.42
C TYR B 66 -7.13 28.87 51.76
N LYS B 67 -7.57 29.90 52.50
CA LYS B 67 -7.01 30.23 53.83
C LYS B 67 -7.05 29.06 54.82
N SER B 68 -8.11 28.24 54.72
CA SER B 68 -8.28 27.06 55.58
C SER B 68 -7.28 25.98 55.24
N LEU B 69 -7.05 25.76 53.95
CA LEU B 69 -6.06 24.81 53.46
C LEU B 69 -4.65 25.15 53.92
N ARG B 70 -4.35 26.44 54.04
CA ARG B 70 -3.04 26.86 54.54
C ARG B 70 -2.89 26.56 56.02
N GLU B 71 -3.92 26.87 56.81
CA GLU B 71 -3.93 26.55 58.25
C GLU B 71 -3.70 25.06 58.50
N ILE B 72 -4.49 24.23 57.80
CA ILE B 72 -4.48 22.78 57.99
C ILE B 72 -3.13 22.18 57.63
N VAL B 73 -2.62 22.53 56.45
CA VAL B 73 -1.35 21.99 55.97
C VAL B 73 -0.21 22.32 56.93
N VAL B 74 -0.13 23.58 57.35
CA VAL B 74 0.91 24.03 58.28
C VAL B 74 0.81 23.41 59.67
N ASN B 75 -0.35 23.56 60.31
CA ASN B 75 -0.53 23.09 61.70
C ASN B 75 -0.44 21.57 61.89
N HIS B 76 -0.80 20.83 60.85
CA HIS B 76 -0.74 19.37 60.91
C HIS B 76 0.50 18.80 60.21
N ARG B 77 1.39 19.70 59.76
CA ARG B 77 2.63 19.33 59.06
C ARG B 77 2.38 18.29 57.97
N ILE B 78 1.59 18.66 56.97
CA ILE B 78 1.22 17.76 55.89
C ILE B 78 2.31 17.70 54.82
N SER B 79 2.67 16.49 54.41
CA SER B 79 3.69 16.28 53.38
C SER B 79 3.18 15.44 52.20
N TRP B 80 2.04 14.78 52.37
CA TRP B 80 1.35 14.11 51.27
C TRP B 80 -0.10 14.58 51.23
N LEU B 81 -0.61 14.84 50.03
CA LEU B 81 -2.01 15.23 49.88
C LEU B 81 -2.69 14.47 48.75
N PHE B 82 -3.78 13.78 49.08
CA PHE B 82 -4.60 13.11 48.08
C PHE B 82 -5.89 13.90 47.86
N HIS B 83 -6.00 14.48 46.67
CA HIS B 83 -7.11 15.38 46.34
C HIS B 83 -8.29 14.61 45.74
N TYR B 84 -9.31 14.35 46.55
CA TYR B 84 -10.45 13.55 46.11
C TYR B 84 -11.75 14.34 45.95
N SER B 85 -11.78 15.58 46.43
CA SER B 85 -12.99 16.39 46.33
C SER B 85 -13.22 16.82 44.90
N ALA B 86 -14.44 16.56 44.42
CA ALA B 86 -14.87 16.93 43.08
C ALA B 86 -16.38 16.76 42.99
N LEU B 87 -16.96 17.25 41.89
CA LEU B 87 -18.31 16.89 41.51
C LEU B 87 -18.17 16.02 40.26
N LEU B 88 -18.82 14.86 40.28
CA LEU B 88 -18.64 13.84 39.24
C LEU B 88 -19.36 14.18 37.94
N SER B 89 -19.24 13.29 36.94
CA SER B 89 -19.77 13.48 35.59
C SER B 89 -21.25 13.87 35.52
N ALA B 90 -22.12 12.96 35.95
CA ALA B 90 -23.58 13.13 35.88
C ALA B 90 -24.07 14.36 36.64
N VAL B 91 -23.62 14.52 37.88
CA VAL B 91 -24.02 15.65 38.72
C VAL B 91 -23.43 16.97 38.19
N GLY B 92 -22.24 16.88 37.58
CA GLY B 92 -21.56 18.05 37.01
C GLY B 92 -22.35 18.75 35.92
N GLU B 93 -23.04 17.97 35.10
CA GLU B 93 -23.85 18.50 34.00
C GLU B 93 -25.12 19.20 34.49
N ALA B 94 -25.60 18.80 35.65
CA ALA B 94 -26.77 19.44 36.25
C ALA B 94 -26.40 20.73 36.98
N ASN B 95 -25.16 20.82 37.46
CA ASN B 95 -24.68 21.95 38.25
C ASN B 95 -23.34 22.49 37.73
N VAL B 96 -23.34 23.06 36.53
CA VAL B 96 -22.11 23.48 35.86
C VAL B 96 -21.26 24.45 36.69
N SER B 97 -21.85 25.57 37.10
CA SER B 97 -21.13 26.60 37.86
C SER B 97 -20.46 26.05 39.12
N LEU B 98 -21.20 25.22 39.86
CA LEU B 98 -20.69 24.66 41.11
C LEU B 98 -19.55 23.68 40.85
N ALA B 99 -19.74 22.80 39.87
CA ALA B 99 -18.73 21.82 39.51
C ALA B 99 -17.48 22.49 38.98
N ARG B 100 -17.67 23.65 38.36
CA ARG B 100 -16.57 24.45 37.83
C ARG B 100 -15.73 25.04 38.96
N ASP B 101 -16.39 25.58 39.98
CA ASP B 101 -15.68 26.12 41.15
C ASP B 101 -14.94 25.01 41.90
N VAL B 102 -15.70 24.01 42.36
CA VAL B 102 -15.14 22.94 43.19
C VAL B 102 -13.95 22.24 42.51
N ASN B 103 -14.11 21.93 41.22
CA ASN B 103 -13.06 21.23 40.47
C ASN B 103 -11.89 22.09 40.04
N ILE B 104 -12.18 23.30 39.55
CA ILE B 104 -11.13 24.18 39.02
C ILE B 104 -10.49 25.05 40.11
N THR B 105 -11.29 25.82 40.83
CA THR B 105 -10.80 26.63 41.95
C THR B 105 -10.20 25.74 43.04
N GLY B 106 -10.87 24.62 43.31
CA GLY B 106 -10.39 23.63 44.28
C GLY B 106 -9.03 23.09 43.93
N LEU B 107 -8.81 22.85 42.64
CA LEU B 107 -7.50 22.42 42.15
C LEU B 107 -6.44 23.48 42.42
N HIS B 108 -6.69 24.69 41.92
CA HIS B 108 -5.77 25.81 42.05
C HIS B 108 -5.34 26.03 43.50
N ASN B 109 -6.32 26.03 44.40
CA ASN B 109 -6.05 26.16 45.83
C ASN B 109 -5.10 25.07 46.31
N VAL B 110 -5.42 23.82 45.97
CA VAL B 110 -4.63 22.66 46.35
C VAL B 110 -3.22 22.72 45.75
N LEU B 111 -3.14 23.09 44.48
CA LEU B 111 -1.86 23.30 43.80
C LEU B 111 -1.01 24.35 44.50
N ASP B 112 -1.62 25.48 44.84
CA ASP B 112 -0.93 26.57 45.53
C ASP B 112 -0.39 26.17 46.90
N VAL B 113 -1.21 25.47 47.68
CA VAL B 113 -0.80 25.06 49.02
C VAL B 113 0.29 24.00 48.98
N ALA B 114 0.15 23.03 48.07
CA ALA B 114 1.15 21.97 47.94
C ALA B 114 2.50 22.49 47.44
N ALA B 115 2.47 23.42 46.51
CA ALA B 115 3.69 24.02 45.97
C ALA B 115 4.46 24.82 47.02
N GLU B 116 3.75 25.70 47.74
CA GLU B 116 4.38 26.61 48.70
C GLU B 116 4.94 25.89 49.92
N TYR B 117 4.26 24.81 50.34
CA TYR B 117 4.62 24.15 51.59
C TYR B 117 5.27 22.79 51.39
N ASN B 118 5.74 22.57 50.16
CA ASN B 118 6.51 21.38 49.79
C ASN B 118 5.78 20.05 50.00
N VAL B 119 4.56 19.95 49.47
CA VAL B 119 3.71 18.79 49.66
C VAL B 119 3.65 17.94 48.37
N ARG B 120 3.83 16.62 48.52
CA ARG B 120 3.68 15.70 47.40
C ARG B 120 2.19 15.50 47.13
N LEU B 121 1.77 15.83 45.92
CA LEU B 121 0.36 15.95 45.61
C LEU B 121 -0.15 14.88 44.64
N PHE B 122 -1.19 14.18 45.07
CA PHE B 122 -1.91 13.25 44.21
C PHE B 122 -3.28 13.80 43.87
N VAL B 123 -3.57 13.86 42.57
CA VAL B 123 -4.91 14.17 42.09
C VAL B 123 -5.26 13.13 41.03
N PRO B 124 -6.33 12.36 41.26
CA PRO B 124 -6.76 11.39 40.24
C PRO B 124 -7.43 12.09 39.05
N SER B 125 -7.21 11.55 37.85
CA SER B 125 -8.00 11.93 36.70
C SER B 125 -9.05 10.83 36.43
N THR B 126 -9.60 10.82 35.23
CA THR B 126 -10.69 9.90 34.91
C THR B 126 -10.69 9.54 33.43
N ILE B 127 -11.41 8.47 33.10
CA ILE B 127 -11.67 8.11 31.70
C ILE B 127 -12.52 9.19 31.02
N GLY B 128 -13.13 10.04 31.85
CA GLY B 128 -13.90 11.18 31.39
C GLY B 128 -13.06 12.28 30.76
N ALA B 129 -11.74 12.22 30.94
CA ALA B 129 -10.83 13.21 30.37
C ALA B 129 -10.55 12.96 28.88
N PHE B 130 -11.42 12.18 28.25
CA PHE B 130 -11.30 11.88 26.83
C PHE B 130 -12.56 12.28 26.08
N GLY B 131 -12.39 12.63 24.80
CA GLY B 131 -13.51 13.05 23.96
C GLY B 131 -13.81 12.06 22.86
N PRO B 132 -14.91 12.30 22.10
CA PRO B 132 -15.25 11.51 20.93
C PRO B 132 -14.18 11.57 19.83
N THR B 133 -13.35 12.61 19.85
CA THR B 133 -12.23 12.77 18.91
C THR B 133 -10.93 12.12 19.42
N SER B 134 -11.02 11.40 20.54
CA SER B 134 -9.90 10.66 21.09
C SER B 134 -9.95 9.20 20.62
N PRO B 135 -8.79 8.57 20.42
CA PRO B 135 -8.78 7.13 20.12
C PRO B 135 -9.43 6.39 21.27
N ARG B 136 -10.29 5.41 20.96
CA ARG B 136 -11.10 4.75 21.98
C ARG B 136 -10.78 3.26 22.13
N ASN B 137 -10.06 2.71 21.16
CA ASN B 137 -9.66 1.31 21.16
C ASN B 137 -8.17 1.11 20.88
N PRO B 138 -7.31 1.30 21.89
CA PRO B 138 -7.65 1.86 23.20
C PRO B 138 -7.26 3.33 23.28
N ALA B 139 -7.65 4.00 24.36
CA ALA B 139 -7.16 5.34 24.62
C ALA B 139 -5.74 5.25 25.17
N PRO B 140 -4.77 5.86 24.46
CA PRO B 140 -3.39 5.85 24.96
C PRO B 140 -3.16 6.89 26.05
N ASP B 141 -1.91 7.07 26.46
CA ASP B 141 -1.55 8.10 27.44
C ASP B 141 -1.44 9.49 26.80
N LEU B 142 -0.82 9.56 25.63
CA LEU B 142 -0.69 10.81 24.88
C LEU B 142 -1.58 10.77 23.64
N CYS B 143 -2.67 11.54 23.68
CA CYS B 143 -3.59 11.63 22.55
C CYS B 143 -4.44 12.91 22.60
N ILE B 144 -5.42 12.98 21.71
CA ILE B 144 -6.38 14.07 21.67
C ILE B 144 -7.31 13.98 22.88
N GLN B 145 -7.41 15.08 23.64
CA GLN B 145 -8.31 15.15 24.78
C GLN B 145 -9.25 16.34 24.62
N ARG B 146 -10.50 16.05 24.25
CA ARG B 146 -11.50 17.07 23.97
C ARG B 146 -12.86 16.68 24.56
N PRO B 147 -12.89 16.43 25.89
CA PRO B 147 -14.12 15.91 26.49
C PRO B 147 -15.29 16.89 26.40
N ARG B 148 -16.50 16.35 26.44
CA ARG B 148 -17.69 17.17 26.28
C ARG B 148 -18.58 17.12 27.53
N THR B 149 -17.92 16.93 28.67
CA THR B 149 -18.53 17.07 29.99
C THR B 149 -17.66 17.99 30.85
N ILE B 150 -18.29 18.88 31.62
CA ILE B 150 -17.57 19.85 32.48
C ILE B 150 -16.60 19.16 33.43
N TYR B 151 -17.06 18.06 34.03
CA TYR B 151 -16.21 17.17 34.83
C TYR B 151 -14.93 16.82 34.07
N GLY B 152 -15.08 16.33 32.84
CA GLY B 152 -13.96 15.96 31.99
C GLY B 152 -13.01 17.10 31.67
N VAL B 153 -13.57 18.27 31.37
CA VAL B 153 -12.77 19.44 31.00
C VAL B 153 -11.91 19.91 32.17
N SER B 154 -12.50 19.92 33.36
CA SER B 154 -11.77 20.30 34.57
C SER B 154 -10.69 19.28 34.92
N LYS B 155 -10.92 18.03 34.55
CA LYS B 155 -9.95 16.96 34.76
C LYS B 155 -8.76 17.07 33.81
N VAL B 156 -9.03 17.51 32.58
CA VAL B 156 -7.96 17.79 31.62
C VAL B 156 -7.11 18.93 32.19
N HIS B 157 -7.80 19.97 32.67
CA HIS B 157 -7.18 21.10 33.34
C HIS B 157 -6.34 20.63 34.53
N THR B 158 -6.90 19.74 35.35
CA THR B 158 -6.18 19.10 36.43
C THR B 158 -4.85 18.52 35.95
N GLU B 159 -4.91 17.68 34.92
CA GLU B 159 -3.73 17.02 34.37
C GLU B 159 -2.66 18.00 33.92
N LEU B 160 -3.07 18.96 33.09
CA LEU B 160 -2.15 19.93 32.50
C LEU B 160 -1.60 20.93 33.53
N MET B 161 -2.45 21.40 34.44
CA MET B 161 -2.03 22.34 35.49
C MET B 161 -1.05 21.71 36.46
N GLY B 162 -1.33 20.48 36.88
CA GLY B 162 -0.44 19.72 37.76
C GLY B 162 0.91 19.50 37.14
N GLU B 163 0.91 19.12 35.86
CA GLU B 163 2.15 18.89 35.12
C GLU B 163 2.95 20.18 34.98
N TYR B 164 2.26 21.27 34.66
CA TYR B 164 2.91 22.56 34.55
C TYR B 164 3.61 22.95 35.85
N TYR B 165 2.93 22.77 36.98
CA TYR B 165 3.49 23.08 38.28
C TYR B 165 4.68 22.19 38.63
N TYR B 166 4.72 20.98 38.06
CA TYR B 166 5.90 20.12 38.17
C TYR B 166 7.06 20.70 37.35
N TYR B 167 6.77 21.19 36.15
CA TYR B 167 7.81 21.75 35.29
C TYR B 167 8.25 23.16 35.72
N ARG B 168 7.28 24.04 36.00
CA ARG B 168 7.55 25.42 36.38
C ARG B 168 8.16 25.52 37.77
N TYR B 169 7.53 24.86 38.73
CA TYR B 169 8.08 24.72 40.08
C TYR B 169 8.56 23.28 40.24
N GLY B 170 9.01 22.90 41.43
CA GLY B 170 9.45 21.52 41.64
C GLY B 170 8.37 20.58 42.15
N LEU B 171 7.10 20.96 41.95
CA LEU B 171 5.97 20.28 42.58
C LEU B 171 5.88 18.79 42.24
N ASP B 172 5.91 17.97 43.28
CA ASP B 172 5.81 16.53 43.13
C ASP B 172 4.34 16.15 42.89
N PHE B 173 3.95 16.22 41.62
CA PHE B 173 2.59 15.94 41.19
C PHE B 173 2.53 14.58 40.50
N ARG B 174 1.61 13.74 40.98
CA ARG B 174 1.41 12.41 40.43
C ARG B 174 -0.08 12.18 40.21
N CYS B 175 -0.43 11.76 39.00
CA CYS B 175 -1.82 11.64 38.58
C CYS B 175 -2.10 10.31 37.90
N LEU B 176 -3.21 9.70 38.26
CA LEU B 176 -3.66 8.45 37.62
C LEU B 176 -5.05 8.67 37.07
N ARG B 177 -5.32 8.08 35.91
CA ARG B 177 -6.66 8.13 35.34
C ARG B 177 -7.47 6.90 35.77
N TYR B 178 -8.28 7.04 36.80
CA TYR B 178 -9.11 5.93 37.27
C TYR B 178 -10.19 5.59 36.24
N PRO B 179 -10.40 4.28 35.99
CA PRO B 179 -11.61 3.86 35.29
C PRO B 179 -12.73 3.63 36.32
N GLY B 180 -13.96 3.44 35.85
CA GLY B 180 -15.11 3.24 36.74
C GLY B 180 -14.82 2.28 37.86
N ILE B 181 -15.04 2.70 39.10
CA ILE B 181 -14.63 1.87 40.23
C ILE B 181 -15.81 1.18 40.91
N ILE B 182 -15.61 -0.09 41.27
CA ILE B 182 -16.63 -0.90 41.91
C ILE B 182 -16.28 -1.09 43.38
N SER B 183 -17.30 -1.01 44.24
CA SER B 183 -17.15 -1.26 45.67
C SER B 183 -18.52 -1.56 46.28
N ALA B 184 -18.52 -2.05 47.51
CA ALA B 184 -19.76 -2.49 48.18
C ALA B 184 -20.66 -1.35 48.68
N ASP B 185 -20.10 -0.16 48.85
CA ASP B 185 -20.85 0.99 49.36
C ASP B 185 -20.79 2.19 48.39
N PRO B 188 -24.57 4.21 48.37
CA PRO B 188 -24.73 5.48 47.68
C PRO B 188 -24.29 5.39 46.22
N GLY B 189 -24.43 6.47 45.46
CA GLY B 189 -23.94 6.49 44.09
C GLY B 189 -24.41 7.65 43.22
N GLY B 190 -23.68 7.86 42.11
CA GLY B 190 -24.01 8.90 41.14
C GLY B 190 -25.12 8.47 40.20
N GLY B 191 -24.84 8.30 38.91
CA GLY B 191 -23.49 8.37 38.34
C GLY B 191 -23.47 7.62 37.02
N THR B 192 -22.48 7.90 36.18
CA THR B 192 -22.44 7.32 34.82
C THR B 192 -22.20 5.80 34.84
N THR B 193 -21.20 5.37 35.60
CA THR B 193 -20.84 3.96 35.69
C THR B 193 -21.55 3.25 36.85
N ASP B 194 -22.49 3.95 37.48
CA ASP B 194 -23.16 3.48 38.69
C ASP B 194 -23.85 2.13 38.57
N TYR B 195 -24.20 1.72 37.34
CA TYR B 195 -24.90 0.46 37.09
C TYR B 195 -24.13 -0.77 37.60
N ALA B 196 -22.80 -0.68 37.56
CA ALA B 196 -21.93 -1.81 37.93
C ALA B 196 -21.73 -1.95 39.44
N VAL B 197 -22.28 -1.02 40.21
CA VAL B 197 -22.21 -1.06 41.67
C VAL B 197 -23.57 -1.42 42.23
N GLN B 198 -24.62 -0.89 41.61
CA GLN B 198 -26.01 -1.11 42.04
C GLN B 198 -26.51 -2.50 41.68
N ILE B 199 -25.92 -3.08 40.63
CA ILE B 199 -26.34 -4.38 40.10
C ILE B 199 -26.22 -5.53 41.10
N PHE B 200 -25.24 -5.44 42.00
CA PHE B 200 -24.96 -6.49 42.98
C PHE B 200 -25.98 -6.53 44.12
N HIS B 201 -26.60 -5.37 44.40
CA HIS B 201 -27.68 -5.30 45.39
C HIS B 201 -28.89 -6.12 44.92
N ALA B 202 -29.29 -5.89 43.67
CA ALA B 202 -30.44 -6.57 43.08
C ALA B 202 -30.16 -8.03 42.74
N ALA B 203 -28.88 -8.36 42.55
CA ALA B 203 -28.46 -9.72 42.23
C ALA B 203 -28.62 -10.68 43.42
N ALA B 204 -28.39 -10.17 44.63
CA ALA B 204 -28.50 -10.97 45.84
C ALA B 204 -29.93 -10.96 46.41
N LYS B 205 -30.56 -9.79 46.39
CA LYS B 205 -31.92 -9.61 46.92
C LYS B 205 -32.98 -10.29 46.05
N ASN B 206 -32.80 -10.21 44.73
CA ASN B 206 -33.70 -10.83 43.78
C ASN B 206 -32.96 -11.51 42.63
N GLY B 207 -33.53 -11.43 41.43
CA GLY B 207 -32.90 -11.90 40.22
C GLY B 207 -33.26 -11.00 39.06
N THR B 208 -33.32 -9.70 39.33
CA THR B 208 -33.67 -8.69 38.31
C THR B 208 -33.09 -7.32 38.65
N PHE B 209 -32.49 -6.69 37.65
CA PHE B 209 -31.91 -5.36 37.81
C PHE B 209 -32.16 -4.49 36.58
N GLU B 210 -32.48 -3.22 36.83
CA GLU B 210 -32.69 -2.25 35.76
C GLU B 210 -31.41 -1.47 35.48
N CYS B 211 -30.82 -1.72 34.30
CA CYS B 211 -29.59 -1.05 33.88
C CYS B 211 -29.91 0.18 33.04
N ASN B 212 -29.27 1.30 33.37
CA ASN B 212 -29.51 2.57 32.69
C ASN B 212 -28.55 2.88 31.53
N LEU B 213 -27.87 1.84 31.06
CA LEU B 213 -26.98 1.94 29.88
C LEU B 213 -27.24 0.81 28.89
N GLU B 214 -26.95 1.07 27.62
CA GLU B 214 -27.13 0.06 26.56
C GLU B 214 -26.35 -1.21 26.85
N ALA B 215 -26.95 -2.36 26.50
CA ALA B 215 -26.37 -3.67 26.76
C ALA B 215 -24.94 -3.85 26.23
N GLY B 216 -24.62 -3.16 25.13
CA GLY B 216 -23.32 -3.32 24.46
C GLY B 216 -22.33 -2.18 24.63
N THR B 217 -22.60 -1.27 25.55
CA THR B 217 -21.68 -0.15 25.81
C THR B 217 -20.51 -0.55 26.68
N ARG B 218 -19.31 -0.52 26.09
CA ARG B 218 -18.10 -0.98 26.75
C ARG B 218 -17.37 0.18 27.41
N LEU B 219 -17.05 0.00 28.68
CA LEU B 219 -16.31 0.98 29.47
C LEU B 219 -15.25 0.30 30.32
N PRO B 220 -14.12 1.00 30.56
CA PRO B 220 -13.11 0.43 31.47
C PRO B 220 -13.58 0.53 32.92
N MET B 221 -13.47 -0.59 33.64
CA MET B 221 -13.82 -0.64 35.05
C MET B 221 -12.67 -1.24 35.85
N MET B 222 -12.74 -1.12 37.17
CA MET B 222 -11.72 -1.64 38.08
C MET B 222 -12.31 -1.82 39.48
N TYR B 223 -11.74 -2.75 40.25
CA TYR B 223 -12.12 -2.92 41.66
C TYR B 223 -11.33 -1.97 42.55
N ILE B 224 -11.97 -1.56 43.65
CA ILE B 224 -11.43 -0.53 44.54
C ILE B 224 -10.05 -0.87 45.10
N SER B 225 -9.86 -2.11 45.57
CA SER B 225 -8.55 -2.55 46.05
C SER B 225 -7.43 -2.20 45.07
N ASP B 226 -7.64 -2.49 43.79
CA ASP B 226 -6.68 -2.17 42.74
C ASP B 226 -6.49 -0.66 42.56
N CYS B 227 -7.62 0.06 42.56
CA CYS B 227 -7.60 1.51 42.47
C CYS B 227 -6.72 2.13 43.56
N LEU B 228 -6.92 1.69 44.80
CA LEU B 228 -6.21 2.26 45.95
C LEU B 228 -4.76 1.81 46.02
N ARG B 229 -4.49 0.57 45.62
CA ARG B 229 -3.14 0.02 45.60
C ARG B 229 -2.28 0.80 44.61
N ALA B 230 -2.83 1.03 43.41
CA ALA B 230 -2.13 1.81 42.38
C ALA B 230 -1.84 3.24 42.84
N THR B 231 -2.77 3.80 43.61
CA THR B 231 -2.64 5.15 44.17
C THR B 231 -1.42 5.25 45.08
N LEU B 232 -1.28 4.30 46.00
CA LEU B 232 -0.11 4.24 46.87
C LEU B 232 1.15 3.93 46.08
N GLU B 233 1.08 2.91 45.22
CA GLU B 233 2.24 2.44 44.47
C GLU B 233 2.89 3.52 43.61
N VAL B 234 2.07 4.39 43.04
CA VAL B 234 2.60 5.50 42.23
C VAL B 234 3.24 6.56 43.13
N MET B 235 2.73 6.72 44.35
CA MET B 235 3.27 7.69 45.29
C MET B 235 4.59 7.21 45.88
N GLU B 236 4.69 5.90 46.11
CA GLU B 236 5.89 5.31 46.69
C GLU B 236 7.00 5.11 45.66
N ALA B 237 6.67 5.29 44.38
CA ALA B 237 7.61 5.12 43.29
C ALA B 237 8.70 6.20 43.29
N PRO B 238 9.95 5.81 42.97
CA PRO B 238 11.02 6.80 42.82
C PRO B 238 10.78 7.69 41.60
N ALA B 239 11.07 8.98 41.74
CA ALA B 239 10.80 9.98 40.71
C ALA B 239 11.51 9.69 39.38
N GLU B 240 12.68 9.04 39.46
CA GLU B 240 13.48 8.73 38.26
C GLU B 240 12.87 7.64 37.37
N ARG B 241 11.90 6.90 37.91
CA ARG B 241 11.21 5.88 37.13
C ARG B 241 9.82 6.33 36.69
N LEU B 242 9.70 7.62 36.35
CA LEU B 242 8.43 8.18 35.89
C LEU B 242 8.63 9.06 34.66
N SER B 243 8.37 8.48 33.48
CA SER B 243 8.54 9.19 32.21
C SER B 243 7.48 10.27 31.99
N MET B 244 6.39 10.16 32.76
CA MET B 244 5.33 11.17 32.78
C MET B 244 4.73 11.26 34.18
N ARG B 245 3.83 12.22 34.39
CA ARG B 245 3.22 12.41 35.71
C ARG B 245 1.73 12.05 35.72
N THR B 246 1.21 11.70 34.55
CA THR B 246 -0.17 11.24 34.42
C THR B 246 -0.21 9.89 33.68
N TYR B 247 -0.75 8.89 34.37
CA TYR B 247 -0.79 7.51 33.87
C TYR B 247 -2.20 6.94 33.79
N ASN B 248 -2.50 6.31 32.67
CA ASN B 248 -3.63 5.39 32.60
C ASN B 248 -3.38 4.21 33.52
N ILE B 249 -4.46 3.65 34.05
CA ILE B 249 -4.39 2.55 34.98
C ILE B 249 -5.59 1.63 34.67
N SER B 250 -5.29 0.39 34.27
CA SER B 250 -6.32 -0.53 33.75
C SER B 250 -6.44 -1.84 34.50
N ALA B 251 -7.66 -2.37 34.54
CA ALA B 251 -7.92 -3.70 35.07
C ALA B 251 -8.70 -4.53 34.07
N MET B 252 -9.84 -3.99 33.63
CA MET B 252 -10.77 -4.70 32.76
C MET B 252 -11.67 -3.74 32.00
N SER B 253 -12.29 -4.25 30.94
CA SER B 253 -13.30 -3.51 30.20
C SER B 253 -14.46 -4.42 29.88
N PHE B 254 -15.68 -4.04 30.27
CA PHE B 254 -16.86 -4.86 30.00
C PHE B 254 -18.13 -4.09 29.71
N THR B 255 -19.07 -4.80 29.08
CA THR B 255 -20.41 -4.30 28.80
C THR B 255 -21.37 -4.85 29.86
N PRO B 256 -22.55 -4.19 30.02
CA PRO B 256 -23.56 -4.68 30.98
C PRO B 256 -23.98 -6.15 30.74
N GLU B 257 -24.15 -6.53 29.47
CA GLU B 257 -24.50 -7.90 29.10
C GLU B 257 -23.45 -8.90 29.61
N GLU B 258 -22.18 -8.52 29.52
CA GLU B 258 -21.05 -9.35 29.93
C GLU B 258 -20.93 -9.53 31.44
N LEU B 259 -21.21 -8.45 32.19
CA LEU B 259 -21.22 -8.51 33.65
C LEU B 259 -22.37 -9.39 34.11
N ALA B 260 -23.52 -9.25 33.46
CA ALA B 260 -24.70 -10.08 33.71
C ALA B 260 -24.40 -11.57 33.53
N GLN B 261 -23.66 -11.89 32.48
CA GLN B 261 -23.17 -13.24 32.23
C GLN B 261 -22.23 -13.74 33.34
N ALA B 262 -21.30 -12.88 33.74
CA ALA B 262 -20.35 -13.19 34.81
C ALA B 262 -21.04 -13.35 36.16
N LEU B 263 -22.21 -12.73 36.29
CA LEU B 263 -23.05 -12.86 37.47
C LEU B 263 -23.80 -14.19 37.51
N ARG B 264 -24.18 -14.68 36.33
CA ARG B 264 -24.94 -15.94 36.20
C ARG B 264 -24.18 -17.17 36.72
N LYS B 265 -22.85 -17.09 36.74
CA LYS B 265 -22.01 -18.19 37.21
C LYS B 265 -22.17 -18.45 38.71
N HIS B 266 -22.74 -17.48 39.43
CA HIS B 266 -22.99 -17.62 40.86
C HIS B 266 -24.49 -17.67 41.17
N ALA B 267 -25.29 -17.07 40.29
CA ALA B 267 -26.76 -17.09 40.40
C ALA B 267 -27.42 -16.99 39.02
N PRO B 268 -27.92 -18.13 38.50
CA PRO B 268 -28.50 -18.19 37.16
C PRO B 268 -29.88 -17.52 37.06
N ASP B 269 -30.54 -17.33 38.19
CA ASP B 269 -31.88 -16.73 38.26
C ASP B 269 -31.89 -15.26 37.84
N PHE B 270 -30.70 -14.66 37.76
CA PHE B 270 -30.53 -13.23 37.52
C PHE B 270 -30.90 -12.80 36.10
N GLN B 271 -31.84 -11.86 36.01
CA GLN B 271 -32.28 -11.26 34.76
C GLN B 271 -31.75 -9.83 34.64
N ILE B 272 -31.78 -9.30 33.42
CA ILE B 272 -31.39 -7.91 33.17
C ILE B 272 -32.37 -7.17 32.27
N THR B 273 -33.05 -6.17 32.84
CA THR B 273 -33.92 -5.27 32.08
C THR B 273 -33.10 -4.05 31.66
N TYR B 274 -33.62 -3.28 30.70
CA TYR B 274 -32.91 -2.10 30.20
C TYR B 274 -33.80 -0.88 30.00
N CYS B 275 -33.53 0.16 30.79
CA CYS B 275 -34.18 1.46 30.64
C CYS B 275 -33.12 2.55 30.55
N VAL B 276 -32.74 2.89 29.32
CA VAL B 276 -31.61 3.76 29.04
C VAL B 276 -31.82 5.21 29.47
N ASP B 277 -30.96 5.68 30.38
CA ASP B 277 -30.86 7.09 30.72
C ASP B 277 -29.98 7.74 29.65
N PRO B 278 -30.56 8.64 28.83
CA PRO B 278 -29.90 9.20 27.64
C PRO B 278 -28.76 10.18 27.96
N LEU B 279 -28.84 10.83 29.12
CA LEU B 279 -27.79 11.76 29.56
C LEU B 279 -26.48 11.00 29.79
N ARG B 280 -26.56 9.93 30.59
CA ARG B 280 -25.41 9.08 30.89
C ARG B 280 -24.99 8.22 29.69
N GLN B 281 -25.93 7.96 28.79
CA GLN B 281 -25.66 7.21 27.58
C GLN B 281 -24.73 8.00 26.67
N ALA B 282 -25.10 9.24 26.38
CA ALA B 282 -24.34 10.13 25.49
C ALA B 282 -22.89 10.33 25.97
N ILE B 283 -22.70 10.47 27.27
CA ILE B 283 -21.35 10.62 27.82
C ILE B 283 -20.57 9.31 27.85
N ALA B 284 -21.29 8.19 27.94
CA ALA B 284 -20.67 6.87 27.84
C ALA B 284 -20.11 6.65 26.44
N GLU B 285 -20.86 7.11 25.43
CA GLU B 285 -20.44 7.06 24.03
C GLU B 285 -19.19 7.91 23.80
N SER B 286 -19.04 8.97 24.57
CA SER B 286 -17.92 9.90 24.43
C SER B 286 -16.66 9.38 25.12
N TRP B 287 -16.85 8.54 26.13
CA TRP B 287 -15.74 7.94 26.87
C TRP B 287 -15.11 6.78 26.09
N PRO B 288 -13.82 6.48 26.35
CA PRO B 288 -13.17 5.36 25.67
C PRO B 288 -13.71 4.00 26.12
N MET B 289 -13.61 3.01 25.23
CA MET B 289 -14.05 1.64 25.51
C MET B 289 -13.00 0.84 26.27
N ILE B 290 -11.74 1.00 25.89
CA ILE B 290 -10.61 0.29 26.51
C ILE B 290 -9.49 1.28 26.81
N LEU B 291 -8.90 1.15 28.00
CA LEU B 291 -7.84 2.05 28.44
C LEU B 291 -6.47 1.36 28.39
N ASP B 292 -5.50 2.02 27.75
CA ASP B 292 -4.14 1.49 27.63
C ASP B 292 -3.21 1.99 28.72
N ASP B 293 -2.80 1.08 29.61
CA ASP B 293 -1.96 1.43 30.75
C ASP B 293 -0.51 0.95 30.63
N SER B 294 -0.02 0.87 29.38
CA SER B 294 1.30 0.31 29.11
C SER B 294 2.44 1.08 29.77
N ASN B 295 2.34 2.41 29.77
CA ASN B 295 3.33 3.27 30.42
C ASN B 295 3.42 3.06 31.94
N ALA B 296 2.27 2.85 32.58
CA ALA B 296 2.22 2.59 34.02
C ALA B 296 2.95 1.30 34.36
N ARG B 297 2.72 0.27 33.55
CA ARG B 297 3.31 -1.04 33.74
C ARG B 297 4.82 -1.02 33.46
N LYS B 298 5.20 -0.32 32.40
CA LYS B 298 6.61 -0.18 32.03
C LYS B 298 7.39 0.60 33.09
N ASP B 299 6.86 1.74 33.51
CA ASP B 299 7.58 2.68 34.36
C ASP B 299 7.66 2.29 35.85
N TRP B 300 6.57 1.78 36.40
CA TRP B 300 6.52 1.47 37.83
C TRP B 300 5.82 0.15 38.20
N GLY B 301 5.71 -0.75 37.22
CA GLY B 301 5.32 -2.14 37.47
C GLY B 301 3.89 -2.42 37.89
N TRP B 302 2.95 -1.57 37.45
CA TRP B 302 1.55 -1.75 37.79
C TRP B 302 0.94 -2.99 37.15
N LYS B 303 0.29 -3.82 37.98
CA LYS B 303 -0.58 -4.89 37.48
C LYS B 303 -1.90 -4.84 38.25
N HIS B 304 -2.98 -5.28 37.63
CA HIS B 304 -4.24 -5.44 38.35
C HIS B 304 -4.30 -6.83 38.97
N ASP B 305 -4.85 -6.90 40.18
CA ASP B 305 -5.07 -8.17 40.87
C ASP B 305 -6.49 -8.71 40.64
N PHE B 306 -7.36 -7.88 40.08
CA PHE B 306 -8.77 -8.24 39.93
C PHE B 306 -9.26 -8.04 38.49
N ASP B 307 -9.69 -9.14 37.86
CA ASP B 307 -10.39 -9.06 36.58
C ASP B 307 -11.87 -9.41 36.75
N LEU B 308 -12.64 -9.37 35.66
CA LEU B 308 -14.10 -9.55 35.72
C LEU B 308 -14.56 -10.72 36.59
N PRO B 309 -13.99 -11.93 36.39
CA PRO B 309 -14.41 -13.06 37.24
C PRO B 309 -14.21 -12.82 38.75
N GLU B 310 -12.97 -12.56 39.17
CA GLU B 310 -12.66 -12.43 40.59
C GLU B 310 -13.22 -11.15 41.23
N LEU B 311 -13.65 -10.20 40.40
CA LEU B 311 -14.36 -9.02 40.89
C LEU B 311 -15.74 -9.43 41.39
N VAL B 312 -16.51 -10.10 40.52
CA VAL B 312 -17.86 -10.55 40.83
C VAL B 312 -17.86 -11.40 42.11
N ALA B 313 -16.86 -12.27 42.24
CA ALA B 313 -16.69 -13.11 43.42
C ALA B 313 -16.50 -12.30 44.70
N THR B 314 -15.58 -11.33 44.68
CA THR B 314 -15.30 -10.50 45.85
C THR B 314 -16.52 -9.65 46.24
N MET B 315 -17.20 -9.10 45.22
CA MET B 315 -18.38 -8.27 45.42
C MET B 315 -19.57 -9.01 46.02
N LEU B 316 -19.75 -10.27 45.62
CA LEU B 316 -20.87 -11.08 46.09
C LEU B 316 -20.66 -11.62 47.51
N ASN B 317 -19.40 -11.66 47.95
CA ASN B 317 -19.05 -12.10 49.31
C ASN B 317 -19.53 -11.15 50.40
N PHE B 318 -19.73 -9.88 50.03
CA PHE B 318 -20.21 -8.87 50.97
C PHE B 318 -21.69 -9.03 51.31
N HIS B 319 -22.45 -9.63 50.39
CA HIS B 319 -23.89 -9.83 50.56
C HIS B 319 -24.22 -11.18 51.18
N PRO C 11 -17.83 14.03 -26.20
CA PRO C 11 -18.09 13.12 -27.31
C PRO C 11 -17.21 11.85 -27.23
N PRO C 12 -17.65 10.85 -26.45
CA PRO C 12 -16.85 9.66 -26.18
C PRO C 12 -16.70 8.72 -27.38
N ARG C 13 -15.60 8.00 -27.41
CA ARG C 13 -15.33 7.01 -28.46
C ARG C 13 -15.65 5.63 -27.89
N VAL C 14 -16.60 4.95 -28.52
CA VAL C 14 -17.22 3.75 -27.97
C VAL C 14 -16.77 2.48 -28.70
N LEU C 15 -16.60 1.40 -27.94
CA LEU C 15 -16.46 0.06 -28.51
C LEU C 15 -17.50 -0.90 -27.92
N ILE C 16 -18.29 -1.52 -28.79
CA ILE C 16 -19.24 -2.55 -28.38
C ILE C 16 -18.65 -3.93 -28.65
N THR C 17 -18.40 -4.66 -27.57
CA THR C 17 -17.87 -6.01 -27.62
C THR C 17 -18.99 -7.02 -27.83
N GLY C 18 -18.73 -8.04 -28.64
CA GLY C 18 -19.73 -9.08 -28.95
C GLY C 18 -21.08 -8.49 -29.30
N GLY C 19 -21.11 -7.61 -30.29
CA GLY C 19 -22.28 -6.80 -30.58
C GLY C 19 -23.08 -7.21 -31.80
N LEU C 20 -23.01 -8.49 -32.17
CA LEU C 20 -23.78 -9.01 -33.27
C LEU C 20 -24.95 -9.86 -32.79
N GLY C 21 -25.05 -10.03 -31.48
CA GLY C 21 -26.17 -10.75 -30.87
C GLY C 21 -27.45 -9.93 -30.88
N GLN C 22 -28.34 -10.24 -29.95
CA GLN C 22 -29.65 -9.63 -29.89
C GLN C 22 -29.63 -8.12 -29.63
N LEU C 23 -28.69 -7.67 -28.80
CA LEU C 23 -28.73 -6.32 -28.26
C LEU C 23 -27.75 -5.33 -28.89
N GLY C 24 -26.56 -5.81 -29.23
CA GLY C 24 -25.45 -4.96 -29.71
C GLY C 24 -25.75 -4.06 -30.89
N VAL C 25 -26.54 -4.56 -31.83
CA VAL C 25 -26.88 -3.81 -33.04
C VAL C 25 -27.77 -2.63 -32.70
N GLY C 26 -28.82 -2.89 -31.91
CA GLY C 26 -29.72 -1.83 -31.42
C GLY C 26 -28.98 -0.79 -30.59
N LEU C 27 -28.05 -1.26 -29.76
CA LEU C 27 -27.22 -0.38 -28.95
C LEU C 27 -26.31 0.47 -29.82
N ALA C 28 -25.81 -0.11 -30.91
CA ALA C 28 -24.97 0.63 -31.86
C ALA C 28 -25.78 1.76 -32.46
N ASN C 29 -27.00 1.43 -32.90
CA ASN C 29 -27.91 2.41 -33.47
C ASN C 29 -28.18 3.57 -32.52
N LEU C 30 -28.53 3.24 -31.27
CA LEU C 30 -28.83 4.25 -30.27
C LEU C 30 -27.63 5.15 -29.99
N LEU C 31 -26.47 4.55 -29.77
CA LEU C 31 -25.26 5.29 -29.44
C LEU C 31 -24.76 6.15 -30.59
N ARG C 32 -24.92 5.68 -31.81
CA ARG C 32 -24.47 6.42 -33.00
C ARG C 32 -25.32 7.66 -33.26
N LYS C 33 -26.62 7.55 -32.97
CA LYS C 33 -27.55 8.67 -33.11
C LYS C 33 -27.30 9.73 -32.03
N ARG C 34 -26.68 9.30 -30.94
CA ARG C 34 -26.39 10.19 -29.82
C ARG C 34 -24.98 10.80 -29.88
N PHE C 35 -23.98 9.98 -30.16
CA PHE C 35 -22.57 10.42 -30.11
C PHE C 35 -21.89 10.56 -31.46
N GLY C 36 -22.53 10.03 -32.52
CA GLY C 36 -21.94 10.10 -33.86
C GLY C 36 -21.62 8.74 -34.44
N LYS C 37 -21.95 8.55 -35.70
CA LYS C 37 -21.77 7.28 -36.41
C LYS C 37 -20.37 6.70 -36.28
N ASP C 38 -19.35 7.52 -36.56
CA ASP C 38 -17.97 7.02 -36.60
C ASP C 38 -17.29 6.94 -35.24
N ASN C 39 -18.01 7.35 -34.18
CA ASN C 39 -17.49 7.31 -32.82
C ASN C 39 -17.90 6.04 -32.05
N VAL C 40 -18.64 5.16 -32.72
CA VAL C 40 -19.10 3.91 -32.11
C VAL C 40 -18.68 2.72 -32.98
N ILE C 41 -17.77 1.91 -32.45
CA ILE C 41 -17.26 0.75 -33.17
C ILE C 41 -17.94 -0.53 -32.69
N LEU C 42 -18.51 -1.26 -33.64
CA LEU C 42 -19.15 -2.52 -33.36
C LEU C 42 -18.14 -3.64 -33.59
N SER C 43 -18.15 -4.65 -32.71
CA SER C 43 -17.16 -5.70 -32.81
C SER C 43 -17.74 -7.04 -32.35
N ASP C 44 -17.23 -8.10 -32.97
CA ASP C 44 -17.60 -9.47 -32.65
C ASP C 44 -16.56 -10.39 -33.31
N ILE C 45 -16.83 -11.69 -33.29
CA ILE C 45 -15.97 -12.68 -33.94
C ILE C 45 -16.62 -13.23 -35.21
N ARG C 46 -17.95 -13.13 -35.28
CA ARG C 46 -18.74 -13.63 -36.39
C ARG C 46 -18.72 -12.65 -37.56
N LYS C 47 -19.15 -13.12 -38.73
CA LYS C 47 -19.28 -12.28 -39.92
C LYS C 47 -20.53 -11.40 -39.81
N PRO C 48 -20.36 -10.07 -39.89
CA PRO C 48 -21.50 -9.17 -39.80
C PRO C 48 -22.35 -9.19 -41.07
N PRO C 49 -23.69 -9.17 -40.94
CA PRO C 49 -24.56 -8.98 -42.10
C PRO C 49 -24.16 -7.75 -42.90
N ALA C 50 -24.56 -7.70 -44.16
CA ALA C 50 -24.17 -6.59 -45.03
C ALA C 50 -24.66 -5.25 -44.48
N HIS C 51 -25.97 -5.17 -44.21
CA HIS C 51 -26.58 -3.92 -43.75
C HIS C 51 -25.96 -3.36 -42.47
N VAL C 52 -25.59 -4.25 -41.55
CA VAL C 52 -24.96 -3.84 -40.30
C VAL C 52 -23.50 -3.44 -40.47
N PHE C 53 -22.82 -4.05 -41.43
CA PHE C 53 -21.43 -3.72 -41.73
C PHE C 53 -21.29 -2.27 -42.20
N HIS C 54 -22.26 -1.81 -42.98
CA HIS C 54 -22.28 -0.46 -43.53
C HIS C 54 -22.93 0.58 -42.60
N SER C 55 -23.32 0.16 -41.39
CA SER C 55 -23.94 1.07 -40.42
C SER C 55 -22.93 2.06 -39.85
N GLY C 56 -21.69 1.60 -39.72
CA GLY C 56 -20.61 2.37 -39.11
C GLY C 56 -19.41 1.45 -38.91
N PRO C 57 -18.34 1.96 -38.27
CA PRO C 57 -17.10 1.19 -38.13
C PRO C 57 -17.32 -0.18 -37.47
N PHE C 58 -16.89 -1.23 -38.15
CA PHE C 58 -16.91 -2.59 -37.61
C PHE C 58 -15.51 -3.17 -37.61
N VAL C 59 -15.23 -3.98 -36.59
CA VAL C 59 -13.90 -4.55 -36.38
C VAL C 59 -14.02 -5.93 -35.73
N TYR C 60 -13.23 -6.89 -36.22
CA TYR C 60 -13.13 -8.20 -35.58
C TYR C 60 -12.41 -8.04 -34.25
N ALA C 61 -13.00 -8.61 -33.20
CA ALA C 61 -12.40 -8.53 -31.87
C ALA C 61 -12.76 -9.78 -31.06
N ASN C 62 -11.81 -10.68 -30.94
CA ASN C 62 -11.98 -11.85 -30.08
C ASN C 62 -11.67 -11.51 -28.64
N ILE C 63 -12.66 -11.70 -27.78
CA ILE C 63 -12.57 -11.27 -26.39
C ILE C 63 -11.50 -12.03 -25.61
N LEU C 64 -11.19 -13.23 -26.06
CA LEU C 64 -10.19 -14.08 -25.41
C LEU C 64 -8.78 -13.63 -25.76
N ASP C 65 -8.67 -12.74 -26.74
CA ASP C 65 -7.38 -12.25 -27.21
C ASP C 65 -7.08 -10.90 -26.57
N TYR C 66 -6.45 -10.94 -25.40
CA TYR C 66 -6.08 -9.76 -24.64
C TYR C 66 -5.28 -8.72 -25.46
N LYS C 67 -4.26 -9.20 -26.17
CA LYS C 67 -3.40 -8.33 -26.99
C LYS C 67 -4.16 -7.54 -28.04
N SER C 68 -5.18 -8.16 -28.62
CA SER C 68 -6.00 -7.50 -29.65
C SER C 68 -6.90 -6.43 -29.07
N LEU C 69 -7.33 -6.62 -27.84
CA LEU C 69 -8.14 -5.64 -27.13
C LEU C 69 -7.32 -4.39 -26.78
N ARG C 70 -6.06 -4.61 -26.40
CA ARG C 70 -5.14 -3.51 -26.11
C ARG C 70 -4.93 -2.65 -27.35
N GLU C 71 -4.68 -3.30 -28.49
CA GLU C 71 -4.61 -2.63 -29.79
C GLU C 71 -5.83 -1.77 -30.07
N ILE C 72 -7.00 -2.41 -30.17
CA ILE C 72 -8.24 -1.73 -30.54
C ILE C 72 -8.51 -0.51 -29.64
N VAL C 73 -8.41 -0.69 -28.32
CA VAL C 73 -8.65 0.38 -27.37
C VAL C 73 -7.70 1.57 -27.52
N VAL C 74 -6.41 1.30 -27.73
CA VAL C 74 -5.42 2.37 -27.95
C VAL C 74 -5.60 3.03 -29.32
N ASN C 75 -5.57 2.24 -30.39
CA ASN C 75 -5.66 2.75 -31.76
C ASN C 75 -6.90 3.60 -32.01
N HIS C 76 -8.06 3.08 -31.64
CA HIS C 76 -9.33 3.80 -31.81
C HIS C 76 -9.67 4.70 -30.62
N ARG C 77 -8.69 4.95 -29.76
CA ARG C 77 -8.83 5.86 -28.61
C ARG C 77 -10.16 5.70 -27.87
N ILE C 78 -10.47 4.46 -27.48
CA ILE C 78 -11.74 4.14 -26.84
C ILE C 78 -11.78 4.67 -25.40
N SER C 79 -12.88 5.33 -25.04
CA SER C 79 -13.09 5.78 -23.66
C SER C 79 -14.32 5.14 -23.02
N TRP C 80 -15.28 4.72 -23.85
CA TRP C 80 -16.46 3.98 -23.40
C TRP C 80 -16.48 2.58 -24.00
N LEU C 81 -16.60 1.57 -23.14
CA LEU C 81 -16.72 0.20 -23.59
C LEU C 81 -18.00 -0.45 -23.06
N PHE C 82 -18.77 -1.07 -23.95
CA PHE C 82 -19.95 -1.83 -23.60
C PHE C 82 -19.68 -3.30 -23.90
N HIS C 83 -19.62 -4.12 -22.84
CA HIS C 83 -19.16 -5.51 -22.94
C HIS C 83 -20.33 -6.49 -23.06
N TYR C 84 -20.71 -6.80 -24.28
CA TYR C 84 -21.89 -7.64 -24.53
C TYR C 84 -21.57 -9.11 -24.85
N SER C 85 -20.31 -9.43 -25.12
CA SER C 85 -19.95 -10.80 -25.47
C SER C 85 -20.15 -11.74 -24.31
N ALA C 86 -20.81 -12.86 -24.59
CA ALA C 86 -21.07 -13.90 -23.60
C ALA C 86 -21.59 -15.15 -24.29
N LEU C 87 -21.64 -16.25 -23.54
CA LEU C 87 -22.48 -17.39 -23.89
C LEU C 87 -23.58 -17.43 -22.83
N LEU C 88 -24.83 -17.49 -23.27
CA LEU C 88 -25.97 -17.37 -22.37
C LEU C 88 -26.33 -18.69 -21.69
N SER C 89 -27.36 -18.66 -20.84
CA SER C 89 -27.70 -19.77 -19.95
C SER C 89 -27.89 -21.13 -20.62
N ALA C 90 -28.58 -21.16 -21.76
CA ALA C 90 -28.92 -22.43 -22.43
C ALA C 90 -27.73 -23.12 -23.10
N VAL C 91 -26.95 -22.37 -23.89
CA VAL C 91 -25.79 -22.92 -24.61
C VAL C 91 -24.58 -23.16 -23.70
N GLY C 92 -24.54 -22.43 -22.58
CA GLY C 92 -23.44 -22.52 -21.62
C GLY C 92 -23.41 -23.83 -20.84
N GLU C 93 -24.59 -24.37 -20.55
CA GLU C 93 -24.69 -25.64 -19.82
C GLU C 93 -24.20 -26.80 -20.67
N ALA C 94 -24.26 -26.63 -21.99
CA ALA C 94 -23.76 -27.63 -22.93
C ALA C 94 -22.24 -27.59 -23.00
N ASN C 95 -21.67 -26.39 -23.06
CA ASN C 95 -20.22 -26.20 -23.15
C ASN C 95 -19.71 -25.39 -21.97
N VAL C 96 -19.40 -26.08 -20.87
CA VAL C 96 -18.98 -25.42 -19.63
C VAL C 96 -17.58 -24.79 -19.76
N SER C 97 -16.63 -25.55 -20.30
CA SER C 97 -15.25 -25.07 -20.44
C SER C 97 -15.14 -23.84 -21.34
N LEU C 98 -15.89 -23.85 -22.45
CA LEU C 98 -15.89 -22.73 -23.39
C LEU C 98 -16.55 -21.50 -22.76
N ALA C 99 -17.73 -21.69 -22.18
CA ALA C 99 -18.48 -20.62 -21.52
C ALA C 99 -17.73 -20.02 -20.33
N ARG C 100 -16.94 -20.85 -19.67
CA ARG C 100 -16.10 -20.39 -18.58
C ARG C 100 -15.00 -19.45 -19.10
N ASP C 101 -14.37 -19.82 -20.23
CA ASP C 101 -13.32 -19.00 -20.84
C ASP C 101 -13.86 -17.64 -21.27
N VAL C 102 -14.89 -17.67 -22.13
CA VAL C 102 -15.47 -16.47 -22.72
C VAL C 102 -16.06 -15.53 -21.68
N ASN C 103 -16.75 -16.10 -20.69
CA ASN C 103 -17.40 -15.30 -19.67
C ASN C 103 -16.49 -14.88 -18.53
N ILE C 104 -15.43 -15.65 -18.27
CA ILE C 104 -14.53 -15.32 -17.17
C ILE C 104 -13.21 -14.68 -17.61
N THR C 105 -12.41 -15.38 -18.42
CA THR C 105 -11.15 -14.77 -18.87
C THR C 105 -11.42 -13.60 -19.84
N GLY C 106 -12.58 -13.65 -20.49
CA GLY C 106 -13.04 -12.54 -21.34
C GLY C 106 -13.33 -11.30 -20.51
N LEU C 107 -13.95 -11.50 -19.35
CA LEU C 107 -14.22 -10.41 -18.42
C LEU C 107 -12.91 -9.85 -17.85
N HIS C 108 -12.02 -10.75 -17.43
CA HIS C 108 -10.72 -10.39 -16.87
C HIS C 108 -9.93 -9.51 -17.83
N ASN C 109 -9.91 -9.90 -19.10
CA ASN C 109 -9.26 -9.12 -20.15
C ASN C 109 -9.89 -7.74 -20.32
N VAL C 110 -11.21 -7.71 -20.43
CA VAL C 110 -11.96 -6.46 -20.55
C VAL C 110 -11.69 -5.54 -19.34
N LEU C 111 -11.64 -6.12 -18.15
CA LEU C 111 -11.33 -5.37 -16.93
C LEU C 111 -9.94 -4.74 -16.98
N ASP C 112 -8.92 -5.55 -17.25
CA ASP C 112 -7.53 -5.08 -17.28
C ASP C 112 -7.30 -3.95 -18.28
N VAL C 113 -8.01 -4.03 -19.41
CA VAL C 113 -7.87 -3.03 -20.45
C VAL C 113 -8.55 -1.73 -20.04
N ALA C 114 -9.77 -1.84 -19.51
CA ALA C 114 -10.56 -0.69 -19.10
C ALA C 114 -9.89 0.11 -17.97
N ALA C 115 -9.23 -0.59 -17.06
CA ALA C 115 -8.51 0.02 -15.95
C ALA C 115 -7.26 0.74 -16.42
N GLU C 116 -6.45 0.06 -17.24
CA GLU C 116 -5.18 0.62 -17.70
C GLU C 116 -5.35 1.89 -18.54
N TYR C 117 -6.35 1.89 -19.42
CA TYR C 117 -6.51 2.97 -20.40
C TYR C 117 -7.57 3.99 -20.03
N ASN C 118 -8.03 3.92 -18.78
CA ASN C 118 -9.01 4.85 -18.22
C ASN C 118 -10.31 4.84 -19.01
N VAL C 119 -10.92 3.67 -19.11
CA VAL C 119 -12.10 3.46 -19.93
C VAL C 119 -13.32 3.26 -19.03
N ARG C 120 -14.41 3.96 -19.34
CA ARG C 120 -15.70 3.69 -18.71
C ARG C 120 -16.22 2.34 -19.18
N LEU C 121 -16.36 1.41 -18.25
CA LEU C 121 -16.76 0.06 -18.59
C LEU C 121 -18.22 -0.25 -18.21
N PHE C 122 -18.98 -0.70 -19.19
CA PHE C 122 -20.31 -1.24 -18.95
C PHE C 122 -20.33 -2.74 -19.21
N VAL C 123 -20.75 -3.49 -18.20
CA VAL C 123 -21.01 -4.92 -18.36
C VAL C 123 -22.40 -5.20 -17.81
N PRO C 124 -23.24 -5.89 -18.59
CA PRO C 124 -24.55 -6.17 -18.04
C PRO C 124 -24.59 -7.48 -17.28
N SER C 125 -25.21 -7.45 -16.10
CA SER C 125 -25.56 -8.68 -15.41
C SER C 125 -26.99 -9.03 -15.79
N THR C 126 -27.57 -10.00 -15.09
CA THR C 126 -28.83 -10.59 -15.52
C THR C 126 -29.62 -11.12 -14.33
N ILE C 127 -30.91 -11.39 -14.55
CA ILE C 127 -31.75 -12.07 -13.56
C ILE C 127 -31.16 -13.45 -13.24
N GLY C 128 -30.33 -13.94 -14.16
CA GLY C 128 -29.64 -15.22 -14.00
C GLY C 128 -28.63 -15.22 -12.87
N ALA C 129 -28.22 -14.03 -12.43
CA ALA C 129 -27.25 -13.89 -11.34
C ALA C 129 -27.84 -14.19 -9.96
N PHE C 130 -29.10 -14.63 -9.92
CA PHE C 130 -29.73 -15.07 -8.68
C PHE C 130 -29.98 -16.58 -8.70
N GLY C 131 -30.28 -17.14 -7.53
CA GLY C 131 -30.53 -18.58 -7.40
C GLY C 131 -31.77 -18.90 -6.58
N PRO C 132 -31.95 -20.18 -6.20
CA PRO C 132 -33.13 -20.65 -5.45
C PRO C 132 -33.13 -20.22 -3.99
N THR C 133 -31.99 -19.69 -3.52
CA THR C 133 -31.84 -19.25 -2.14
C THR C 133 -32.02 -17.74 -2.03
N SER C 134 -32.22 -17.09 -3.18
CA SER C 134 -32.37 -15.64 -3.27
C SER C 134 -33.83 -15.20 -3.10
N PRO C 135 -34.04 -13.95 -2.61
CA PRO C 135 -35.36 -13.32 -2.66
C PRO C 135 -35.87 -13.25 -4.10
N ARG C 136 -37.10 -13.72 -4.33
CA ARG C 136 -37.62 -13.84 -5.70
C ARG C 136 -38.78 -12.90 -6.04
N ASN C 137 -39.39 -12.28 -5.03
CA ASN C 137 -40.65 -11.55 -5.23
C ASN C 137 -40.83 -10.38 -4.24
N PRO C 138 -40.20 -9.22 -4.54
CA PRO C 138 -39.23 -8.97 -5.60
C PRO C 138 -37.79 -9.17 -5.13
N ALA C 139 -36.86 -9.26 -6.10
CA ALA C 139 -35.43 -9.36 -5.80
C ALA C 139 -34.82 -7.98 -5.61
N PRO C 140 -34.20 -7.73 -4.44
CA PRO C 140 -33.56 -6.44 -4.22
C PRO C 140 -32.19 -6.35 -4.89
N ASP C 141 -31.57 -5.17 -4.79
CA ASP C 141 -30.24 -4.93 -5.32
C ASP C 141 -29.17 -5.69 -4.55
N LEU C 142 -29.31 -5.73 -3.22
CA LEU C 142 -28.39 -6.48 -2.36
C LEU C 142 -29.10 -7.67 -1.73
N CYS C 143 -28.62 -8.87 -2.07
CA CYS C 143 -29.17 -10.10 -1.51
C CYS C 143 -28.24 -11.29 -1.75
N ILE C 144 -28.63 -12.44 -1.20
CA ILE C 144 -27.96 -13.71 -1.43
C ILE C 144 -28.00 -14.04 -2.93
N GLN C 145 -26.85 -14.39 -3.49
CA GLN C 145 -26.75 -14.73 -4.90
C GLN C 145 -26.01 -16.06 -5.08
N ARG C 146 -26.78 -17.12 -5.32
CA ARG C 146 -26.24 -18.47 -5.42
C ARG C 146 -26.76 -19.17 -6.66
N PRO C 147 -26.43 -18.66 -7.86
CA PRO C 147 -26.97 -19.23 -9.09
C PRO C 147 -26.36 -20.60 -9.38
N ARG C 148 -27.18 -21.49 -9.93
CA ARG C 148 -26.74 -22.86 -10.16
C ARG C 148 -26.50 -23.16 -11.65
N THR C 149 -26.20 -22.10 -12.40
CA THR C 149 -25.76 -22.18 -13.79
C THR C 149 -24.41 -21.48 -13.95
N ILE C 150 -23.54 -22.00 -14.81
CA ILE C 150 -22.20 -21.41 -15.06
C ILE C 150 -22.29 -19.95 -15.50
N TYR C 151 -23.27 -19.66 -16.35
CA TYR C 151 -23.53 -18.31 -16.82
C TYR C 151 -23.89 -17.43 -15.64
N GLY C 152 -24.71 -17.96 -14.74
CA GLY C 152 -25.08 -17.27 -13.51
C GLY C 152 -23.90 -17.02 -12.58
N VAL C 153 -23.06 -18.03 -12.42
CA VAL C 153 -21.87 -17.94 -11.55
C VAL C 153 -20.84 -16.94 -12.10
N SER C 154 -20.75 -16.84 -13.41
CA SER C 154 -19.83 -15.90 -14.06
C SER C 154 -20.36 -14.46 -14.03
N LYS C 155 -21.67 -14.31 -13.93
CA LYS C 155 -22.29 -12.98 -13.87
C LYS C 155 -22.22 -12.38 -12.47
N VAL C 156 -22.19 -13.24 -11.45
CA VAL C 156 -21.96 -12.80 -10.08
C VAL C 156 -20.50 -12.39 -9.96
N HIS C 157 -19.63 -13.18 -10.57
CA HIS C 157 -18.21 -12.90 -10.62
C HIS C 157 -17.96 -11.57 -11.31
N THR C 158 -18.72 -11.31 -12.38
CA THR C 158 -18.70 -10.03 -13.09
C THR C 158 -19.01 -8.87 -12.16
N GLU C 159 -20.06 -9.02 -11.36
CA GLU C 159 -20.46 -7.99 -10.41
C GLU C 159 -19.35 -7.69 -9.40
N LEU C 160 -18.86 -8.74 -8.74
CA LEU C 160 -17.89 -8.60 -7.66
C LEU C 160 -16.54 -8.06 -8.14
N MET C 161 -16.04 -8.59 -9.25
CA MET C 161 -14.78 -8.14 -9.84
C MET C 161 -14.84 -6.69 -10.26
N GLY C 162 -15.91 -6.34 -10.96
CA GLY C 162 -16.13 -4.98 -11.44
C GLY C 162 -16.16 -3.97 -10.32
N GLU C 163 -16.91 -4.29 -9.27
CA GLU C 163 -16.98 -3.44 -8.09
C GLU C 163 -15.64 -3.40 -7.37
N TYR C 164 -14.95 -4.53 -7.29
CA TYR C 164 -13.64 -4.55 -6.66
C TYR C 164 -12.65 -3.60 -7.35
N TYR C 165 -12.62 -3.67 -8.67
CA TYR C 165 -11.74 -2.81 -9.47
C TYR C 165 -12.08 -1.32 -9.32
N TYR C 166 -13.35 -1.05 -8.99
CA TYR C 166 -13.77 0.30 -8.65
C TYR C 166 -13.21 0.75 -7.30
N TYR C 167 -13.23 -0.14 -6.30
CA TYR C 167 -12.70 0.19 -4.97
C TYR C 167 -11.19 0.03 -4.87
N ARG C 168 -10.59 -0.71 -5.79
CA ARG C 168 -9.16 -0.98 -5.77
C ARG C 168 -8.42 0.05 -6.61
N TYR C 169 -8.78 0.11 -7.89
CA TYR C 169 -8.25 1.13 -8.78
C TYR C 169 -9.30 2.22 -8.94
N GLY C 170 -9.21 3.00 -10.01
CA GLY C 170 -10.22 4.03 -10.25
C GLY C 170 -11.21 3.64 -11.32
N LEU C 171 -11.37 2.34 -11.54
CA LEU C 171 -12.18 1.84 -12.65
C LEU C 171 -13.65 2.24 -12.55
N ASP C 172 -14.10 3.04 -13.51
CA ASP C 172 -15.50 3.42 -13.61
C ASP C 172 -16.31 2.24 -14.18
N PHE C 173 -16.68 1.34 -13.29
CA PHE C 173 -17.45 0.16 -13.65
C PHE C 173 -18.93 0.38 -13.36
N ARG C 174 -19.76 0.28 -14.39
CA ARG C 174 -21.20 0.45 -14.24
C ARG C 174 -21.95 -0.75 -14.78
N CYS C 175 -22.89 -1.27 -14.00
CA CYS C 175 -23.50 -2.56 -14.28
C CYS C 175 -25.01 -2.56 -14.07
N LEU C 176 -25.74 -3.13 -15.02
CA LEU C 176 -27.17 -3.31 -14.87
C LEU C 176 -27.54 -4.78 -14.98
N ARG C 177 -28.51 -5.20 -14.16
CA ARG C 177 -29.04 -6.55 -14.24
C ARG C 177 -30.26 -6.55 -15.14
N TYR C 178 -30.09 -6.99 -16.38
CA TYR C 178 -31.20 -7.04 -17.31
C TYR C 178 -32.20 -8.13 -16.95
N PRO C 179 -33.50 -7.85 -17.15
CA PRO C 179 -34.50 -8.92 -17.24
C PRO C 179 -34.41 -9.54 -18.63
N GLY C 180 -35.21 -10.56 -18.90
CA GLY C 180 -35.26 -11.14 -20.25
C GLY C 180 -35.69 -10.09 -21.24
N ILE C 181 -34.82 -9.76 -22.18
CA ILE C 181 -35.10 -8.68 -23.14
C ILE C 181 -35.89 -9.20 -24.33
N ILE C 182 -36.89 -8.42 -24.75
CA ILE C 182 -37.72 -8.76 -25.90
C ILE C 182 -37.46 -7.78 -27.03
N SER C 183 -37.24 -8.33 -28.23
CA SER C 183 -37.07 -7.55 -29.46
C SER C 183 -37.62 -8.33 -30.64
N ALA C 184 -37.99 -7.63 -31.71
CA ALA C 184 -38.58 -8.26 -32.90
C ALA C 184 -37.56 -9.04 -33.71
N ASP C 185 -36.38 -8.46 -33.87
CA ASP C 185 -35.30 -9.07 -34.65
C ASP C 185 -34.43 -9.96 -33.77
N SER C 186 -34.92 -11.17 -33.51
CA SER C 186 -34.22 -12.12 -32.66
C SER C 186 -34.21 -13.54 -33.24
N GLN C 187 -33.01 -14.06 -33.48
CA GLN C 187 -32.83 -15.37 -34.10
C GLN C 187 -33.14 -16.52 -33.13
N GLY C 190 -32.23 -20.25 -28.72
CA GLY C 190 -33.15 -21.10 -27.97
C GLY C 190 -32.94 -21.02 -26.47
N GLY C 191 -33.07 -19.82 -25.92
CA GLY C 191 -32.88 -19.59 -24.48
C GLY C 191 -34.13 -19.86 -23.66
N THR C 192 -34.11 -19.43 -22.40
CA THR C 192 -35.22 -19.67 -21.46
C THR C 192 -36.39 -18.73 -21.70
N THR C 193 -36.10 -17.45 -21.87
CA THR C 193 -37.12 -16.41 -22.04
C THR C 193 -37.52 -16.24 -23.51
N ASP C 194 -37.07 -17.18 -24.34
CA ASP C 194 -37.23 -17.12 -25.79
C ASP C 194 -38.68 -17.14 -26.25
N TYR C 195 -39.55 -17.78 -25.46
CA TYR C 195 -40.97 -17.94 -25.80
C TYR C 195 -41.66 -16.61 -26.15
N ALA C 196 -41.28 -15.55 -25.44
CA ALA C 196 -41.91 -14.25 -25.59
C ALA C 196 -41.49 -13.50 -26.87
N VAL C 197 -40.57 -14.10 -27.62
CA VAL C 197 -40.17 -13.56 -28.92
C VAL C 197 -40.74 -14.42 -30.05
N GLN C 198 -40.66 -15.74 -29.88
CA GLN C 198 -41.18 -16.69 -30.86
C GLN C 198 -42.71 -16.68 -30.93
N ILE C 199 -43.33 -16.03 -29.96
CA ILE C 199 -44.80 -15.95 -29.89
C ILE C 199 -45.39 -15.04 -30.97
N PHE C 200 -44.81 -13.85 -31.13
CA PHE C 200 -45.31 -12.87 -32.10
C PHE C 200 -45.14 -13.34 -33.55
N HIS C 201 -44.00 -13.99 -33.82
CA HIS C 201 -43.72 -14.56 -35.14
C HIS C 201 -44.68 -15.70 -35.48
N ALA C 202 -45.41 -16.17 -34.47
CA ALA C 202 -46.45 -17.19 -34.65
C ALA C 202 -47.84 -16.65 -34.27
N ALA C 203 -47.91 -15.37 -33.92
CA ALA C 203 -49.18 -14.73 -33.55
C ALA C 203 -49.85 -14.05 -34.74
N ALA C 204 -49.08 -13.27 -35.50
CA ALA C 204 -49.58 -12.61 -36.70
C ALA C 204 -49.93 -13.64 -37.78
N LYS C 205 -49.06 -14.64 -37.96
CA LYS C 205 -49.37 -15.81 -38.77
C LYS C 205 -50.19 -16.78 -37.92
N ASN C 206 -51.47 -16.44 -37.74
CA ASN C 206 -52.40 -17.11 -36.81
C ASN C 206 -52.34 -18.64 -36.77
N GLY C 207 -52.52 -19.22 -35.58
CA GLY C 207 -52.76 -18.47 -34.35
C GLY C 207 -52.57 -19.27 -33.08
N THR C 208 -51.76 -20.32 -33.18
CA THR C 208 -51.44 -21.17 -32.03
C THR C 208 -49.92 -21.22 -31.84
N PHE C 209 -49.48 -20.83 -30.65
CA PHE C 209 -48.06 -20.91 -30.28
C PHE C 209 -47.87 -21.97 -29.20
N GLU C 210 -46.92 -22.87 -29.43
CA GLU C 210 -46.56 -23.88 -28.44
C GLU C 210 -45.52 -23.30 -27.48
N CYS C 211 -45.93 -23.08 -26.23
CA CYS C 211 -45.07 -22.51 -25.20
C CYS C 211 -44.37 -23.62 -24.42
N ASN C 212 -43.09 -23.40 -24.11
CA ASN C 212 -42.30 -24.40 -23.38
C ASN C 212 -42.09 -24.03 -21.90
N LEU C 213 -43.01 -23.23 -21.36
CA LEU C 213 -43.01 -22.85 -19.94
C LEU C 213 -44.41 -22.86 -19.36
N GLU C 214 -44.52 -23.23 -18.10
CA GLU C 214 -45.83 -23.36 -17.41
C GLU C 214 -46.64 -22.08 -17.42
N ALA C 215 -47.97 -22.23 -17.41
CA ALA C 215 -48.92 -21.13 -17.59
C ALA C 215 -48.72 -19.94 -16.64
N GLY C 216 -48.37 -20.24 -15.39
CA GLY C 216 -48.19 -19.20 -14.38
C GLY C 216 -46.78 -19.11 -13.84
N THR C 217 -45.81 -18.97 -14.74
CA THR C 217 -44.39 -18.82 -14.37
C THR C 217 -43.89 -17.42 -14.67
N ARG C 218 -43.88 -16.58 -13.66
CA ARG C 218 -43.53 -15.17 -13.80
C ARG C 218 -42.02 -14.95 -13.89
N LEU C 219 -41.63 -14.11 -14.84
CA LEU C 219 -40.26 -13.67 -15.00
C LEU C 219 -40.24 -12.16 -15.28
N PRO C 220 -39.19 -11.46 -14.84
CA PRO C 220 -39.08 -10.05 -15.21
C PRO C 220 -38.73 -9.93 -16.69
N MET C 221 -39.43 -9.04 -17.38
CA MET C 221 -39.27 -8.85 -18.82
C MET C 221 -39.14 -7.37 -19.12
N MET C 222 -38.55 -7.05 -20.27
CA MET C 222 -38.38 -5.67 -20.71
C MET C 222 -38.25 -5.60 -22.24
N TYR C 223 -38.75 -4.51 -22.82
CA TYR C 223 -38.61 -4.27 -24.25
C TYR C 223 -37.25 -3.61 -24.54
N ILE C 224 -36.65 -4.00 -25.65
CA ILE C 224 -35.30 -3.57 -26.02
C ILE C 224 -35.01 -2.08 -25.87
N SER C 225 -35.97 -1.23 -26.24
CA SER C 225 -35.79 0.23 -26.16
C SER C 225 -35.44 0.71 -24.75
N ASP C 226 -36.17 0.21 -23.75
CA ASP C 226 -35.94 0.58 -22.35
C ASP C 226 -34.58 0.09 -21.89
N CYS C 227 -34.26 -1.15 -22.25
CA CYS C 227 -32.98 -1.78 -21.93
C CYS C 227 -31.80 -0.94 -22.44
N LEU C 228 -31.88 -0.55 -23.71
CA LEU C 228 -30.82 0.22 -24.35
C LEU C 228 -30.73 1.63 -23.78
N ARG C 229 -31.88 2.23 -23.49
CA ARG C 229 -31.94 3.59 -22.96
C ARG C 229 -31.34 3.67 -21.56
N ALA C 230 -31.66 2.69 -20.71
CA ALA C 230 -31.11 2.63 -19.36
C ALA C 230 -29.60 2.46 -19.38
N THR C 231 -29.15 1.65 -20.34
CA THR C 231 -27.74 1.38 -20.54
C THR C 231 -26.97 2.66 -20.88
N LEU C 232 -27.57 3.50 -21.72
CA LEU C 232 -26.97 4.80 -22.04
C LEU C 232 -27.06 5.75 -20.84
N GLU C 233 -28.25 5.85 -20.26
CA GLU C 233 -28.53 6.78 -19.17
C GLU C 233 -27.66 6.55 -17.93
N VAL C 234 -27.43 5.28 -17.59
CA VAL C 234 -26.56 4.95 -16.46
C VAL C 234 -25.10 5.36 -16.73
N MET C 235 -24.70 5.30 -17.99
CA MET C 235 -23.35 5.71 -18.39
C MET C 235 -23.23 7.24 -18.39
N GLU C 236 -24.30 7.92 -18.78
CA GLU C 236 -24.33 9.38 -18.81
C GLU C 236 -24.44 9.98 -17.41
N ALA C 237 -24.99 9.20 -16.48
CA ALA C 237 -25.21 9.62 -15.11
C ALA C 237 -23.93 10.09 -14.43
N PRO C 238 -24.00 11.19 -13.64
CA PRO C 238 -22.85 11.66 -12.88
C PRO C 238 -22.39 10.61 -11.86
N ALA C 239 -21.08 10.40 -11.79
CA ALA C 239 -20.47 9.38 -10.95
C ALA C 239 -20.85 9.50 -9.47
N GLU C 240 -20.99 10.74 -8.99
CA GLU C 240 -21.25 10.98 -7.57
C GLU C 240 -22.70 10.72 -7.14
N ARG C 241 -23.60 10.63 -8.13
CA ARG C 241 -24.99 10.27 -7.85
C ARG C 241 -25.22 8.76 -7.79
N LEU C 242 -24.15 7.99 -7.86
CA LEU C 242 -24.24 6.53 -7.86
C LEU C 242 -23.80 5.92 -6.54
N SER C 243 -24.77 5.47 -5.75
CA SER C 243 -24.51 4.88 -4.42
C SER C 243 -23.95 3.46 -4.51
N MET C 244 -24.18 2.81 -5.65
CA MET C 244 -23.62 1.49 -5.92
C MET C 244 -23.24 1.41 -7.40
N ARG C 245 -22.61 0.31 -7.80
CA ARG C 245 -22.22 0.12 -9.21
C ARG C 245 -23.01 -0.98 -9.93
N THR C 246 -23.87 -1.69 -9.21
CA THR C 246 -24.77 -2.68 -9.81
C THR C 246 -26.23 -2.39 -9.47
N TYR C 247 -27.04 -2.14 -10.49
CA TYR C 247 -28.47 -1.86 -10.31
C TYR C 247 -29.35 -2.86 -11.03
N ASN C 248 -30.40 -3.29 -10.36
CA ASN C 248 -31.54 -3.92 -11.02
C ASN C 248 -32.23 -2.90 -11.89
N ILE C 249 -32.60 -3.32 -13.08
CA ILE C 249 -33.33 -2.49 -14.03
C ILE C 249 -34.68 -3.18 -14.30
N SER C 250 -35.77 -2.49 -13.99
CA SER C 250 -37.09 -3.12 -14.04
C SER C 250 -38.10 -2.37 -14.92
N ALA C 251 -39.03 -3.13 -15.49
CA ALA C 251 -40.12 -2.56 -16.28
C ALA C 251 -41.44 -3.27 -16.01
N MET C 252 -41.45 -4.58 -16.27
CA MET C 252 -42.65 -5.38 -16.11
C MET C 252 -42.30 -6.81 -15.73
N SER C 253 -43.31 -7.57 -15.30
CA SER C 253 -43.16 -9.00 -15.09
C SER C 253 -44.48 -9.66 -15.51
N PHE C 254 -44.38 -10.77 -16.23
CA PHE C 254 -45.59 -11.50 -16.61
C PHE C 254 -45.38 -13.01 -16.72
N THR C 255 -46.50 -13.72 -16.80
CA THR C 255 -46.52 -15.15 -17.09
C THR C 255 -46.89 -15.34 -18.56
N PRO C 256 -46.64 -16.53 -19.12
CA PRO C 256 -47.12 -16.83 -20.47
C PRO C 256 -48.61 -16.55 -20.67
N GLU C 257 -49.44 -16.96 -19.70
CA GLU C 257 -50.88 -16.74 -19.76
C GLU C 257 -51.26 -15.25 -19.86
N GLU C 258 -50.56 -14.41 -19.10
CA GLU C 258 -50.77 -12.96 -19.14
C GLU C 258 -50.41 -12.36 -20.49
N LEU C 259 -49.40 -12.94 -21.13
CA LEU C 259 -48.93 -12.49 -22.44
C LEU C 259 -49.95 -12.83 -23.53
N ALA C 260 -50.56 -14.01 -23.43
CA ALA C 260 -51.63 -14.43 -24.33
C ALA C 260 -52.88 -13.54 -24.16
N GLN C 261 -53.07 -13.03 -22.96
CA GLN C 261 -54.19 -12.13 -22.64
C GLN C 261 -54.12 -10.79 -23.35
N ALA C 262 -52.94 -10.17 -23.36
CA ALA C 262 -52.75 -8.86 -23.98
C ALA C 262 -52.68 -8.96 -25.52
N LEU C 263 -52.36 -10.14 -26.02
CA LEU C 263 -52.38 -10.41 -27.45
C LEU C 263 -53.80 -10.46 -28.00
N ARG C 264 -54.75 -10.84 -27.14
CA ARG C 264 -56.16 -10.94 -27.49
C ARG C 264 -56.82 -9.58 -27.70
N LYS C 265 -56.25 -8.54 -27.11
CA LYS C 265 -56.69 -7.16 -27.32
C LYS C 265 -56.50 -6.72 -28.77
N HIS C 266 -55.66 -7.45 -29.51
CA HIS C 266 -55.40 -7.18 -30.93
C HIS C 266 -55.83 -8.34 -31.83
N ALA C 267 -55.67 -9.58 -31.35
CA ALA C 267 -56.10 -10.77 -32.08
C ALA C 267 -56.77 -11.78 -31.13
N PRO C 268 -58.13 -11.73 -31.05
CA PRO C 268 -58.89 -12.51 -30.07
C PRO C 268 -58.90 -14.02 -30.31
N ASP C 269 -58.61 -14.44 -31.55
CA ASP C 269 -58.57 -15.86 -31.88
C ASP C 269 -57.17 -16.46 -31.69
N PHE C 270 -56.56 -16.15 -30.55
CA PHE C 270 -55.24 -16.64 -30.21
C PHE C 270 -55.31 -17.73 -29.15
N GLN C 271 -54.46 -18.74 -29.29
CA GLN C 271 -54.48 -19.91 -28.41
C GLN C 271 -53.07 -20.42 -28.09
N ILE C 272 -52.93 -21.01 -26.91
CA ILE C 272 -51.64 -21.54 -26.44
C ILE C 272 -51.73 -23.01 -26.02
N THR C 273 -50.78 -23.81 -26.48
CA THR C 273 -50.66 -25.20 -26.06
C THR C 273 -49.36 -25.37 -25.26
N TYR C 274 -49.51 -25.56 -23.95
CA TYR C 274 -48.36 -25.66 -23.07
C TYR C 274 -47.74 -27.05 -23.10
N CYS C 275 -46.59 -27.16 -23.77
CA CYS C 275 -45.78 -28.37 -23.76
C CYS C 275 -44.43 -28.02 -23.12
N VAL C 276 -44.37 -28.19 -21.80
CA VAL C 276 -43.29 -27.63 -20.99
C VAL C 276 -41.99 -28.44 -21.04
N ASP C 277 -40.92 -27.78 -21.48
CA ASP C 277 -39.57 -28.33 -21.44
C ASP C 277 -38.99 -28.16 -20.03
N PRO C 278 -38.82 -29.28 -19.30
CA PRO C 278 -38.47 -29.23 -17.87
C PRO C 278 -37.11 -28.58 -17.59
N LEU C 279 -36.18 -28.68 -18.53
CA LEU C 279 -34.83 -28.15 -18.37
C LEU C 279 -34.78 -26.63 -18.28
N ARG C 280 -35.53 -25.96 -19.15
CA ARG C 280 -35.65 -24.50 -19.11
C ARG C 280 -36.63 -24.04 -18.04
N GLN C 281 -37.62 -24.88 -17.76
CA GLN C 281 -38.61 -24.63 -16.70
C GLN C 281 -37.94 -24.57 -15.33
N ALA C 282 -37.06 -25.52 -15.06
CA ALA C 282 -36.37 -25.63 -13.78
C ALA C 282 -35.53 -24.39 -13.46
N ILE C 283 -34.83 -23.87 -14.45
CA ILE C 283 -34.00 -22.68 -14.25
C ILE C 283 -34.81 -21.38 -14.24
N ALA C 284 -36.02 -21.43 -14.81
CA ALA C 284 -36.96 -20.32 -14.73
C ALA C 284 -37.53 -20.20 -13.31
N GLU C 285 -37.61 -21.34 -12.63
CA GLU C 285 -38.05 -21.37 -11.23
C GLU C 285 -36.92 -20.97 -10.29
N SER C 286 -35.69 -21.05 -10.78
CA SER C 286 -34.52 -20.66 -9.99
C SER C 286 -34.23 -19.17 -10.14
N TRP C 287 -34.98 -18.51 -11.02
CA TRP C 287 -34.82 -17.07 -11.23
C TRP C 287 -35.88 -16.27 -10.47
N PRO C 288 -35.61 -14.98 -10.19
CA PRO C 288 -36.63 -14.14 -9.56
C PRO C 288 -37.87 -13.96 -10.43
N MET C 289 -38.97 -13.54 -9.82
CA MET C 289 -40.20 -13.25 -10.55
C MET C 289 -40.32 -11.75 -10.83
N ILE C 290 -39.81 -10.94 -9.89
CA ILE C 290 -39.83 -9.48 -10.03
C ILE C 290 -38.48 -8.92 -9.61
N LEU C 291 -38.06 -7.84 -10.29
CA LEU C 291 -36.88 -7.07 -9.90
C LEU C 291 -37.28 -5.73 -9.31
N ASP C 292 -36.77 -5.44 -8.12
CA ASP C 292 -36.96 -4.15 -7.47
C ASP C 292 -35.86 -3.19 -7.93
N ASP C 293 -36.28 -2.09 -8.55
CA ASP C 293 -35.34 -1.10 -9.08
C ASP C 293 -35.37 0.24 -8.33
N SER C 294 -35.72 0.19 -7.05
CA SER C 294 -35.77 1.39 -6.19
C SER C 294 -34.54 2.26 -6.40
N ASN C 295 -33.38 1.68 -6.13
CA ASN C 295 -32.11 2.37 -6.21
C ASN C 295 -31.84 3.00 -7.57
N ALA C 296 -32.11 2.25 -8.64
CA ALA C 296 -31.96 2.74 -10.01
C ALA C 296 -32.77 4.03 -10.23
N ARG C 297 -34.06 3.97 -9.91
CA ARG C 297 -34.96 5.12 -10.02
C ARG C 297 -34.51 6.27 -9.12
N LYS C 298 -34.13 5.95 -7.89
CA LYS C 298 -33.68 6.95 -6.93
C LYS C 298 -32.40 7.67 -7.38
N ASP C 299 -31.32 6.91 -7.56
CA ASP C 299 -29.98 7.46 -7.79
C ASP C 299 -29.85 8.25 -9.10
N TRP C 300 -30.02 7.55 -10.23
CA TRP C 300 -29.79 8.14 -11.55
C TRP C 300 -31.07 8.39 -12.35
N GLY C 301 -32.21 8.24 -11.68
CA GLY C 301 -33.50 8.65 -12.24
C GLY C 301 -34.05 7.76 -13.33
N TRP C 302 -33.98 6.46 -13.11
CA TRP C 302 -34.52 5.48 -14.06
C TRP C 302 -36.04 5.48 -14.07
N LYS C 303 -36.61 5.35 -15.27
CA LYS C 303 -38.05 5.20 -15.47
C LYS C 303 -38.28 4.46 -16.78
N HIS C 304 -39.02 3.37 -16.73
CA HIS C 304 -39.32 2.60 -17.95
C HIS C 304 -40.43 3.26 -18.77
N ASP C 305 -40.57 2.84 -20.03
CA ASP C 305 -41.58 3.41 -20.93
C ASP C 305 -42.59 2.38 -21.43
N PHE C 306 -42.16 1.14 -21.56
CA PHE C 306 -42.99 0.08 -22.11
C PHE C 306 -43.48 -0.87 -21.02
N ASP C 307 -44.78 -0.89 -20.79
CA ASP C 307 -45.40 -1.94 -19.97
C ASP C 307 -46.12 -2.93 -20.89
N LEU C 308 -46.63 -4.02 -20.32
CA LEU C 308 -47.21 -5.13 -21.10
C LEU C 308 -48.12 -4.72 -22.27
N PRO C 309 -49.10 -3.82 -22.02
CA PRO C 309 -49.98 -3.35 -23.10
C PRO C 309 -49.25 -2.80 -24.32
N GLU C 310 -48.42 -1.77 -24.12
CA GLU C 310 -47.73 -1.10 -25.22
C GLU C 310 -46.48 -1.84 -25.72
N LEU C 311 -46.13 -2.93 -25.05
CA LEU C 311 -45.08 -3.84 -25.52
C LEU C 311 -45.61 -4.66 -26.70
N VAL C 312 -46.81 -5.21 -26.53
CA VAL C 312 -47.47 -6.05 -27.53
C VAL C 312 -47.78 -5.26 -28.81
N ALA C 313 -48.29 -4.05 -28.63
CA ALA C 313 -48.60 -3.16 -29.75
C ALA C 313 -47.39 -2.88 -30.62
N THR C 314 -46.26 -2.56 -29.99
CA THR C 314 -45.01 -2.26 -30.70
C THR C 314 -44.50 -3.49 -31.45
N MET C 315 -44.57 -4.67 -30.80
CA MET C 315 -44.07 -5.91 -31.38
C MET C 315 -44.84 -6.33 -32.63
N LEU C 316 -46.17 -6.18 -32.57
CA LEU C 316 -47.04 -6.58 -33.68
C LEU C 316 -46.88 -5.74 -34.94
N ASN C 317 -46.50 -4.47 -34.77
CA ASN C 317 -46.18 -3.57 -35.89
C ASN C 317 -45.09 -4.16 -36.81
N PHE C 318 -44.19 -4.94 -36.22
CA PHE C 318 -43.09 -5.56 -36.95
C PHE C 318 -43.51 -6.82 -37.72
N HIS C 319 -44.81 -7.04 -37.85
CA HIS C 319 -45.34 -8.24 -38.52
C HIS C 319 -46.38 -7.92 -39.59
N PRO D 11 -28.94 44.82 14.18
CA PRO D 11 -27.53 45.09 13.89
C PRO D 11 -26.62 44.74 15.07
N PRO D 12 -25.46 44.10 14.80
CA PRO D 12 -24.56 43.59 15.83
C PRO D 12 -23.86 44.69 16.63
N ARG D 13 -24.00 44.62 17.95
CA ARG D 13 -23.33 45.55 18.87
C ARG D 13 -22.13 44.82 19.48
N VAL D 14 -20.94 45.33 19.21
CA VAL D 14 -19.68 44.64 19.50
C VAL D 14 -18.96 45.20 20.72
N LEU D 15 -18.46 44.31 21.57
CA LEU D 15 -17.55 44.69 22.65
C LEU D 15 -16.21 43.99 22.47
N ILE D 16 -15.15 44.76 22.42
CA ILE D 16 -13.80 44.23 22.33
C ILE D 16 -13.13 44.33 23.70
N THR D 17 -12.90 43.18 24.32
CA THR D 17 -12.24 43.09 25.60
C THR D 17 -10.73 43.16 25.40
N GLY D 18 -10.02 43.78 26.35
CA GLY D 18 -8.57 43.94 26.27
C GLY D 18 -8.05 44.32 24.91
N GLY D 19 -8.52 45.45 24.38
CA GLY D 19 -8.25 45.82 23.00
C GLY D 19 -7.26 46.94 22.76
N LEU D 20 -6.49 47.32 23.78
CA LEU D 20 -5.51 48.39 23.62
C LEU D 20 -4.11 47.86 23.33
N GLY D 21 -4.02 46.55 23.11
CA GLY D 21 -2.74 45.90 22.85
C GLY D 21 -2.34 45.91 21.40
N GLN D 22 -1.86 44.77 20.92
CA GLN D 22 -1.31 44.65 19.58
C GLN D 22 -2.38 44.49 18.51
N LEU D 23 -3.47 43.80 18.84
CA LEU D 23 -4.45 43.40 17.82
C LEU D 23 -5.83 44.03 17.98
N GLY D 24 -6.18 44.43 19.21
CA GLY D 24 -7.50 44.99 19.50
C GLY D 24 -7.82 46.26 18.74
N VAL D 25 -6.85 47.16 18.68
CA VAL D 25 -7.02 48.45 18.01
C VAL D 25 -7.33 48.26 16.53
N GLY D 26 -6.52 47.44 15.86
CA GLY D 26 -6.74 47.08 14.47
C GLY D 26 -8.07 46.38 14.25
N LEU D 27 -8.42 45.49 15.19
CA LEU D 27 -9.71 44.79 15.16
C LEU D 27 -10.87 45.77 15.15
N ALA D 28 -10.81 46.78 16.02
CA ALA D 28 -11.83 47.82 16.10
C ALA D 28 -11.98 48.55 14.77
N ASN D 29 -10.86 48.99 14.20
CA ASN D 29 -10.83 49.69 12.92
C ASN D 29 -11.58 48.97 11.80
N LEU D 30 -11.37 47.65 11.70
CA LEU D 30 -12.05 46.83 10.70
C LEU D 30 -13.52 46.64 11.03
N LEU D 31 -13.82 46.31 12.29
CA LEU D 31 -15.19 46.01 12.70
C LEU D 31 -16.11 47.23 12.68
N ARG D 32 -15.55 48.42 12.92
CA ARG D 32 -16.31 49.66 12.90
C ARG D 32 -16.73 50.02 11.47
N LYS D 33 -15.81 49.82 10.53
CA LYS D 33 -16.08 50.08 9.11
C LYS D 33 -17.04 49.05 8.53
N ARG D 34 -17.34 48.02 9.31
CA ARG D 34 -18.26 46.96 8.88
C ARG D 34 -19.63 47.06 9.54
N PHE D 35 -19.67 47.33 10.84
CA PHE D 35 -20.92 47.33 11.60
C PHE D 35 -21.38 48.70 12.10
N GLY D 36 -20.52 49.70 11.94
CA GLY D 36 -20.81 51.03 12.45
C GLY D 36 -19.86 51.45 13.56
N LYS D 37 -19.39 52.69 13.47
CA LYS D 37 -18.45 53.27 14.43
C LYS D 37 -18.93 53.11 15.87
N ASP D 38 -20.19 53.50 16.13
CA ASP D 38 -20.74 53.53 17.48
C ASP D 38 -21.18 52.16 17.99
N ASN D 39 -21.17 51.18 17.11
CA ASN D 39 -21.61 49.83 17.44
C ASN D 39 -20.47 48.89 17.82
N VAL D 40 -19.26 49.44 17.93
CA VAL D 40 -18.09 48.69 18.38
C VAL D 40 -17.41 49.44 19.54
N ILE D 41 -17.51 48.85 20.73
CA ILE D 41 -16.98 49.44 21.94
C ILE D 41 -15.66 48.77 22.32
N LEU D 42 -14.60 49.55 22.32
CA LEU D 42 -13.28 49.10 22.73
C LEU D 42 -13.17 49.19 24.24
N SER D 43 -12.55 48.19 24.87
CA SER D 43 -12.41 48.17 26.32
C SER D 43 -11.09 47.56 26.80
N ASP D 44 -10.62 48.04 27.95
CA ASP D 44 -9.38 47.59 28.54
C ASP D 44 -9.30 48.14 29.95
N ILE D 45 -8.24 47.77 30.67
CA ILE D 45 -7.98 48.30 32.01
C ILE D 45 -7.05 49.51 31.95
N ARG D 46 -6.24 49.58 30.90
CA ARG D 46 -5.24 50.65 30.73
C ARG D 46 -5.84 51.92 30.11
N LYS D 47 -5.05 52.99 30.13
CA LYS D 47 -5.48 54.29 29.62
C LYS D 47 -5.32 54.33 28.10
N PRO D 48 -6.43 54.58 27.37
CA PRO D 48 -6.36 54.65 25.91
C PRO D 48 -5.67 55.93 25.43
N PRO D 49 -4.71 55.80 24.49
CA PRO D 49 -4.16 56.95 23.78
C PRO D 49 -5.27 57.83 23.21
N ALA D 50 -5.04 59.15 23.23
CA ALA D 50 -6.05 60.11 22.81
C ALA D 50 -6.67 59.78 21.45
N HIS D 51 -5.82 59.42 20.48
CA HIS D 51 -6.29 59.10 19.13
C HIS D 51 -7.16 57.84 19.04
N VAL D 52 -6.93 56.87 19.92
CA VAL D 52 -7.77 55.65 19.92
C VAL D 52 -9.01 55.80 20.80
N PHE D 53 -8.99 56.78 21.70
CA PHE D 53 -10.20 57.16 22.45
C PHE D 53 -11.21 57.80 21.49
N HIS D 54 -10.72 58.73 20.67
CA HIS D 54 -11.58 59.44 19.69
C HIS D 54 -11.82 58.65 18.40
N SER D 55 -11.47 57.35 18.41
CA SER D 55 -11.80 56.43 17.33
C SER D 55 -13.29 56.10 17.34
N GLY D 56 -13.80 55.87 18.54
CA GLY D 56 -15.17 55.41 18.77
C GLY D 56 -15.30 55.03 20.23
N PRO D 57 -16.49 54.53 20.63
CA PRO D 57 -16.81 54.30 22.06
C PRO D 57 -15.74 53.50 22.79
N PHE D 58 -15.26 54.05 23.89
CA PHE D 58 -14.32 53.33 24.75
C PHE D 58 -14.90 53.22 26.15
N VAL D 59 -14.58 52.12 26.81
CA VAL D 59 -15.11 51.81 28.11
C VAL D 59 -14.03 51.11 28.92
N TYR D 60 -13.94 51.42 30.21
CA TYR D 60 -13.10 50.66 31.11
C TYR D 60 -13.83 49.36 31.42
N ALA D 61 -13.14 48.24 31.26
CA ALA D 61 -13.71 46.95 31.61
C ALA D 61 -12.63 46.00 32.12
N ASN D 62 -12.69 45.72 33.42
CA ASN D 62 -11.81 44.71 34.01
C ASN D 62 -12.50 43.36 33.92
N ILE D 63 -11.81 42.41 33.31
CA ILE D 63 -12.37 41.11 32.99
C ILE D 63 -12.59 40.21 34.21
N LEU D 64 -11.95 40.57 35.33
CA LEU D 64 -12.09 39.85 36.58
C LEU D 64 -13.31 40.33 37.37
N ASP D 65 -13.80 41.52 37.03
CA ASP D 65 -15.02 42.04 37.65
C ASP D 65 -16.24 41.53 36.88
N TYR D 66 -16.80 40.43 37.38
CA TYR D 66 -17.94 39.77 36.76
C TYR D 66 -19.19 40.66 36.71
N LYS D 67 -19.50 41.30 37.83
CA LYS D 67 -20.68 42.17 37.94
C LYS D 67 -20.62 43.31 36.93
N SER D 68 -19.40 43.80 36.66
CA SER D 68 -19.17 44.88 35.69
C SER D 68 -19.42 44.45 34.26
N LEU D 69 -19.12 43.19 33.95
CA LEU D 69 -19.33 42.65 32.61
C LEU D 69 -20.81 42.52 32.30
N ARG D 70 -21.58 42.11 33.29
CA ARG D 70 -23.02 41.99 33.16
C ARG D 70 -23.66 43.34 32.87
N GLU D 71 -23.17 44.38 33.56
CA GLU D 71 -23.63 45.76 33.35
C GLU D 71 -23.38 46.24 31.92
N ILE D 72 -22.14 46.08 31.47
CA ILE D 72 -21.73 46.56 30.15
C ILE D 72 -22.50 45.86 29.03
N VAL D 73 -22.67 44.55 29.16
CA VAL D 73 -23.36 43.75 28.14
C VAL D 73 -24.86 44.04 28.08
N VAL D 74 -25.46 44.37 29.23
CA VAL D 74 -26.87 44.77 29.27
C VAL D 74 -27.07 46.20 28.80
N ASN D 75 -26.43 47.17 29.48
CA ASN D 75 -26.62 48.60 29.19
C ASN D 75 -26.35 48.94 27.72
N HIS D 76 -25.26 48.40 27.18
CA HIS D 76 -24.85 48.69 25.79
C HIS D 76 -25.44 47.72 24.75
N ARG D 77 -26.24 46.75 25.22
CA ARG D 77 -26.90 45.73 24.37
C ARG D 77 -25.94 44.96 23.47
N ILE D 78 -24.85 44.46 24.06
CA ILE D 78 -23.83 43.71 23.34
C ILE D 78 -24.37 42.35 22.87
N SER D 79 -24.15 42.04 21.59
CA SER D 79 -24.54 40.76 21.01
C SER D 79 -23.35 40.00 20.41
N TRP D 80 -22.25 40.70 20.16
CA TRP D 80 -20.98 40.11 19.72
C TRP D 80 -19.87 40.51 20.68
N LEU D 81 -19.08 39.53 21.14
CA LEU D 81 -17.94 39.82 22.01
C LEU D 81 -16.66 39.18 21.50
N PHE D 82 -15.61 39.98 21.44
CA PHE D 82 -14.27 39.51 21.10
C PHE D 82 -13.38 39.61 22.33
N HIS D 83 -12.90 38.47 22.82
CA HIS D 83 -12.16 38.41 24.06
C HIS D 83 -10.65 38.45 23.83
N TYR D 84 -10.08 39.65 23.91
CA TYR D 84 -8.66 39.84 23.61
C TYR D 84 -7.75 40.03 24.82
N SER D 85 -8.33 40.12 26.01
CA SER D 85 -7.54 40.30 27.22
C SER D 85 -6.88 39.02 27.67
N ALA D 86 -5.57 39.10 27.90
CA ALA D 86 -4.77 37.98 28.42
C ALA D 86 -3.42 38.48 28.91
N LEU D 87 -2.71 37.63 29.64
CA LEU D 87 -1.30 37.84 29.90
C LEU D 87 -0.53 36.91 28.98
N LEU D 88 0.54 37.44 28.38
CA LEU D 88 1.32 36.71 27.38
C LEU D 88 2.27 35.66 27.97
N SER D 89 2.90 34.89 27.09
CA SER D 89 3.79 33.79 27.45
C SER D 89 5.03 34.17 28.26
N ALA D 90 5.56 35.38 28.04
CA ALA D 90 6.75 35.84 28.75
C ALA D 90 6.44 36.47 30.11
N VAL D 91 5.43 37.34 30.15
CA VAL D 91 5.00 37.98 31.40
C VAL D 91 4.25 36.99 32.31
N GLY D 92 3.48 36.10 31.69
CA GLY D 92 2.69 35.10 32.40
C GLY D 92 3.51 34.15 33.25
N GLU D 93 4.65 33.72 32.72
CA GLU D 93 5.58 32.86 33.45
C GLU D 93 6.19 33.56 34.66
N ALA D 94 6.30 34.88 34.57
CA ALA D 94 6.83 35.69 35.67
C ALA D 94 5.79 35.89 36.75
N ASN D 95 4.53 36.03 36.34
CA ASN D 95 3.41 36.22 37.27
C ASN D 95 2.34 35.14 37.10
N VAL D 96 2.56 34.00 37.74
CA VAL D 96 1.73 32.80 37.53
C VAL D 96 0.31 32.94 38.08
N SER D 97 0.17 33.38 39.33
CA SER D 97 -1.15 33.61 39.93
C SER D 97 -1.99 34.58 39.10
N LEU D 98 -1.38 35.69 38.70
CA LEU D 98 -2.04 36.72 37.92
C LEU D 98 -2.43 36.20 36.53
N ALA D 99 -1.54 35.41 35.92
CA ALA D 99 -1.83 34.77 34.64
C ALA D 99 -3.01 33.80 34.75
N ARG D 100 -3.03 33.04 35.83
CA ARG D 100 -4.14 32.13 36.10
C ARG D 100 -5.46 32.87 36.26
N ASP D 101 -5.42 33.98 37.01
CA ASP D 101 -6.60 34.81 37.25
C ASP D 101 -7.13 35.42 35.95
N VAL D 102 -6.25 36.14 35.24
CA VAL D 102 -6.64 36.88 34.05
C VAL D 102 -7.14 35.97 32.92
N ASN D 103 -6.45 34.85 32.71
CA ASN D 103 -6.73 33.97 31.57
C ASN D 103 -7.83 32.94 31.81
N ILE D 104 -7.86 32.36 33.01
CA ILE D 104 -8.84 31.31 33.32
C ILE D 104 -10.12 31.89 33.91
N THR D 105 -10.00 32.61 35.03
CA THR D 105 -11.14 33.29 35.64
C THR D 105 -11.73 34.31 34.66
N GLY D 106 -10.84 34.99 33.93
CA GLY D 106 -11.26 35.91 32.87
C GLY D 106 -12.16 35.24 31.86
N LEU D 107 -11.75 34.05 31.40
CA LEU D 107 -12.55 33.25 30.48
C LEU D 107 -13.86 32.80 31.11
N HIS D 108 -13.80 32.35 32.37
CA HIS D 108 -14.96 31.87 33.10
C HIS D 108 -16.07 32.92 33.16
N ASN D 109 -15.66 34.18 33.40
CA ASN D 109 -16.59 35.30 33.45
C ASN D 109 -17.19 35.60 32.09
N VAL D 110 -16.34 35.66 31.07
CA VAL D 110 -16.77 35.97 29.70
C VAL D 110 -17.77 34.93 29.20
N LEU D 111 -17.50 33.65 29.47
CA LEU D 111 -18.40 32.57 29.12
C LEU D 111 -19.74 32.71 29.81
N ASP D 112 -19.72 32.92 31.12
CA ASP D 112 -20.94 33.10 31.91
C ASP D 112 -21.83 34.19 31.33
N VAL D 113 -21.24 35.36 31.10
CA VAL D 113 -21.95 36.53 30.58
C VAL D 113 -22.50 36.26 29.18
N ALA D 114 -21.65 35.74 28.30
CA ALA D 114 -22.03 35.44 26.92
C ALA D 114 -23.12 34.36 26.83
N ALA D 115 -23.07 33.38 27.72
CA ALA D 115 -24.05 32.29 27.75
C ALA D 115 -25.42 32.79 28.21
N GLU D 116 -25.44 33.56 29.29
CA GLU D 116 -26.69 34.09 29.85
C GLU D 116 -27.36 35.12 28.95
N TYR D 117 -26.56 35.88 28.22
CA TYR D 117 -27.08 37.03 27.46
C TYR D 117 -27.05 36.85 25.94
N ASN D 118 -26.94 35.60 25.50
CA ASN D 118 -27.01 35.22 24.09
C ASN D 118 -26.04 36.00 23.21
N VAL D 119 -24.75 35.91 23.54
CA VAL D 119 -23.72 36.68 22.87
C VAL D 119 -22.86 35.78 21.98
N ARG D 120 -22.55 36.24 20.77
CA ARG D 120 -21.63 35.54 19.89
C ARG D 120 -20.21 35.77 20.43
N LEU D 121 -19.63 34.73 21.01
CA LEU D 121 -18.31 34.85 21.65
C LEU D 121 -17.17 34.40 20.75
N PHE D 122 -16.22 35.30 20.50
CA PHE D 122 -14.96 34.93 19.88
C PHE D 122 -13.81 35.07 20.87
N VAL D 123 -13.02 34.02 20.98
CA VAL D 123 -11.78 34.07 21.75
C VAL D 123 -10.67 33.43 20.92
N PRO D 124 -9.54 34.14 20.74
CA PRO D 124 -8.45 33.53 19.97
C PRO D 124 -7.65 32.54 20.80
N SER D 125 -7.15 31.50 20.13
CA SER D 125 -6.16 30.62 20.74
C SER D 125 -4.80 30.91 20.15
N THR D 126 -3.80 30.09 20.46
CA THR D 126 -2.43 30.40 20.06
C THR D 126 -1.60 29.17 19.75
N ILE D 127 -0.51 29.36 19.02
CA ILE D 127 0.47 28.32 18.77
C ILE D 127 1.14 27.88 20.07
N GLY D 128 1.01 28.70 21.10
CA GLY D 128 1.49 28.37 22.44
C GLY D 128 0.66 27.31 23.14
N ALA D 129 -0.47 26.93 22.55
CA ALA D 129 -1.35 25.88 23.09
C ALA D 129 -0.91 24.46 22.71
N PHE D 130 0.24 24.34 22.05
CA PHE D 130 0.82 23.05 21.72
C PHE D 130 2.09 22.82 22.54
N GLY D 131 2.35 21.56 22.86
CA GLY D 131 3.53 21.18 23.65
C GLY D 131 4.59 20.45 22.84
N PRO D 132 5.67 19.99 23.53
CA PRO D 132 6.76 19.25 22.88
C PRO D 132 6.34 17.86 22.41
N THR D 133 5.18 17.40 22.88
CA THR D 133 4.62 16.09 22.52
C THR D 133 3.60 16.18 21.40
N SER D 134 3.43 17.38 20.85
CA SER D 134 2.51 17.62 19.75
C SER D 134 3.20 17.40 18.40
N PRO D 135 2.44 17.00 17.36
CA PRO D 135 2.98 17.02 16.01
C PRO D 135 3.47 18.42 15.64
N ARG D 136 4.63 18.51 15.01
CA ARG D 136 5.27 19.80 14.74
C ARG D 136 5.53 20.09 13.25
N ASN D 137 5.25 19.11 12.39
CA ASN D 137 5.55 19.24 10.97
C ASN D 137 4.57 18.49 10.05
N PRO D 138 3.33 18.98 9.91
CA PRO D 138 2.75 20.13 10.58
C PRO D 138 1.84 19.77 11.77
N ALA D 139 1.39 20.77 12.50
CA ALA D 139 0.43 20.58 13.58
C ALA D 139 -0.99 20.62 13.01
N PRO D 140 -1.72 19.49 13.10
CA PRO D 140 -3.09 19.47 12.60
C PRO D 140 -4.04 20.20 13.53
N ASP D 141 -5.32 20.26 13.17
CA ASP D 141 -6.34 20.88 14.00
C ASP D 141 -6.58 20.07 15.27
N LEU D 142 -6.61 18.74 15.12
CA LEU D 142 -6.81 17.84 16.25
C LEU D 142 -5.56 17.01 16.49
N CYS D 143 -4.91 17.25 17.63
CA CYS D 143 -3.71 16.50 18.04
C CYS D 143 -3.48 16.62 19.55
N ILE D 144 -2.40 15.99 20.01
CA ILE D 144 -1.98 16.08 21.40
C ILE D 144 -1.69 17.53 21.76
N GLN D 145 -2.32 18.01 22.83
CA GLN D 145 -2.10 19.38 23.32
C GLN D 145 -1.64 19.36 24.78
N ARG D 146 -0.31 19.42 24.96
CA ARG D 146 0.30 19.30 26.29
C ARG D 146 1.32 20.41 26.53
N PRO D 147 0.84 21.68 26.57
CA PRO D 147 1.77 22.80 26.66
C PRO D 147 2.43 22.90 28.03
N ARG D 148 3.63 23.47 28.06
CA ARG D 148 4.43 23.57 29.28
C ARG D 148 4.52 25.04 29.73
N THR D 149 3.43 25.77 29.49
CA THR D 149 3.34 27.19 29.82
C THR D 149 1.94 27.52 30.33
N ILE D 150 1.86 28.37 31.35
CA ILE D 150 0.57 28.76 31.96
C ILE D 150 -0.35 29.39 30.91
N TYR D 151 0.23 30.21 30.04
CA TYR D 151 -0.48 30.80 28.90
C TYR D 151 -1.08 29.70 28.01
N GLY D 152 -0.26 28.72 27.66
CA GLY D 152 -0.70 27.58 26.86
C GLY D 152 -1.84 26.78 27.49
N VAL D 153 -1.63 26.35 28.73
CA VAL D 153 -2.62 25.58 29.48
C VAL D 153 -3.97 26.30 29.56
N SER D 154 -3.91 27.62 29.77
CA SER D 154 -5.12 28.43 29.87
C SER D 154 -5.79 28.61 28.52
N LYS D 155 -5.00 28.58 27.45
CA LYS D 155 -5.53 28.64 26.07
C LYS D 155 -6.16 27.30 25.65
N VAL D 156 -5.55 26.21 26.09
CA VAL D 156 -6.13 24.88 25.90
C VAL D 156 -7.46 24.81 26.66
N HIS D 157 -7.47 25.35 27.88
CA HIS D 157 -8.68 25.45 28.70
C HIS D 157 -9.76 26.29 27.98
N THR D 158 -9.34 27.41 27.40
CA THR D 158 -10.24 28.27 26.63
C THR D 158 -10.95 27.50 25.53
N GLU D 159 -10.17 26.75 24.73
CA GLU D 159 -10.70 25.90 23.67
C GLU D 159 -11.76 24.91 24.18
N LEU D 160 -11.39 24.16 25.21
CA LEU D 160 -12.27 23.09 25.73
C LEU D 160 -13.53 23.62 26.41
N MET D 161 -13.37 24.64 27.26
CA MET D 161 -14.49 25.26 27.95
C MET D 161 -15.48 25.86 26.96
N GLY D 162 -14.94 26.60 25.99
CA GLY D 162 -15.75 27.25 24.96
C GLY D 162 -16.54 26.26 24.14
N GLU D 163 -15.86 25.20 23.70
CA GLU D 163 -16.50 24.11 22.97
C GLU D 163 -17.57 23.43 23.82
N TYR D 164 -17.26 23.20 25.09
CA TYR D 164 -18.22 22.59 26.00
C TYR D 164 -19.50 23.41 26.11
N TYR D 165 -19.34 24.72 26.27
CA TYR D 165 -20.47 25.65 26.35
C TYR D 165 -21.32 25.68 25.07
N TYR D 166 -20.69 25.35 23.95
CA TYR D 166 -21.41 25.19 22.69
C TYR D 166 -22.33 23.96 22.72
N TYR D 167 -21.82 22.86 23.29
CA TYR D 167 -22.61 21.63 23.37
C TYR D 167 -23.60 21.64 24.54
N ARG D 168 -23.25 22.38 25.60
CA ARG D 168 -24.06 22.38 26.83
C ARG D 168 -25.13 23.46 26.83
N TYR D 169 -24.77 24.67 26.41
CA TYR D 169 -25.70 25.80 26.46
C TYR D 169 -26.02 26.39 25.08
N GLY D 170 -25.36 25.89 24.04
CA GLY D 170 -25.56 26.40 22.69
C GLY D 170 -24.96 27.78 22.46
N LEU D 171 -23.96 28.13 23.27
CA LEU D 171 -23.21 29.35 23.08
C LEU D 171 -22.49 29.31 21.74
N ASP D 172 -22.69 30.34 20.93
CA ASP D 172 -22.00 30.44 19.63
C ASP D 172 -20.54 30.82 19.87
N PHE D 173 -19.73 29.80 20.10
CA PHE D 173 -18.31 29.97 20.42
C PHE D 173 -17.47 29.65 19.20
N ARG D 174 -16.58 30.57 18.85
CA ARG D 174 -15.71 30.41 17.70
C ARG D 174 -14.29 30.85 18.07
N CYS D 175 -13.30 30.17 17.49
CA CYS D 175 -11.92 30.32 17.94
C CYS D 175 -10.92 30.02 16.82
N LEU D 176 -9.88 30.85 16.71
CA LEU D 176 -8.81 30.63 15.75
C LEU D 176 -7.45 30.65 16.46
N ARG D 177 -6.57 29.73 16.07
CA ARG D 177 -5.24 29.65 16.67
C ARG D 177 -4.23 30.51 15.91
N TYR D 178 -4.13 31.79 16.29
CA TYR D 178 -3.22 32.70 15.63
C TYR D 178 -1.77 32.24 15.74
N PRO D 179 -1.03 32.33 14.62
CA PRO D 179 0.42 32.24 14.69
C PRO D 179 0.97 33.57 15.21
N GLY D 180 2.28 33.75 15.16
CA GLY D 180 2.90 35.01 15.55
C GLY D 180 2.42 36.12 14.62
N ILE D 181 1.87 37.17 15.21
CA ILE D 181 1.34 38.27 14.41
C ILE D 181 2.37 39.38 14.27
N ILE D 182 2.51 39.88 13.05
CA ILE D 182 3.39 40.99 12.75
C ILE D 182 2.55 42.23 12.44
N SER D 183 2.90 43.34 13.10
CA SER D 183 2.34 44.65 12.82
C SER D 183 3.38 45.72 13.16
N ALA D 184 3.32 46.85 12.47
CA ALA D 184 4.34 47.90 12.59
C ALA D 184 4.07 48.86 13.75
N ASP D 185 3.59 48.32 14.87
CA ASP D 185 3.23 49.11 16.04
C ASP D 185 3.79 48.50 17.32
N SER D 186 3.92 47.17 17.33
CA SER D 186 4.38 46.44 18.50
C SER D 186 5.89 46.61 18.73
N PRO D 188 6.60 46.97 22.74
CA PRO D 188 7.16 46.22 23.86
C PRO D 188 6.81 44.73 23.79
N GLY D 189 7.06 44.01 24.88
CA GLY D 189 6.69 42.60 25.01
C GLY D 189 7.58 41.64 24.24
N GLY D 190 8.46 40.94 24.97
CA GLY D 190 9.31 39.91 24.37
C GLY D 190 8.57 38.60 24.26
N GLY D 191 7.54 38.58 23.40
CA GLY D 191 6.64 37.43 23.29
C GLY D 191 7.12 36.31 22.38
N THR D 192 8.41 35.97 22.50
CA THR D 192 9.06 34.90 21.71
C THR D 192 9.20 35.27 20.23
N THR D 193 8.07 35.57 19.59
CA THR D 193 8.06 36.04 18.20
C THR D 193 8.40 37.53 18.11
N ASP D 194 8.95 38.04 19.22
CA ASP D 194 9.34 39.44 19.40
C ASP D 194 10.30 39.97 18.32
N TYR D 195 11.28 39.14 17.94
CA TYR D 195 12.33 39.53 17.01
C TYR D 195 11.81 40.09 15.68
N ALA D 196 10.78 39.45 15.13
CA ALA D 196 10.32 39.74 13.79
C ALA D 196 9.54 41.05 13.63
N VAL D 197 9.15 41.64 14.75
CA VAL D 197 8.55 42.98 14.75
C VAL D 197 9.67 44.02 14.90
N GLN D 198 10.61 43.72 15.81
CA GLN D 198 11.72 44.62 16.13
C GLN D 198 12.76 44.69 15.01
N ILE D 199 12.72 43.71 14.10
CA ILE D 199 13.73 43.60 13.04
C ILE D 199 13.61 44.70 11.97
N PHE D 200 12.39 45.15 11.70
CA PHE D 200 12.12 46.14 10.65
C PHE D 200 12.63 47.55 10.98
N HIS D 201 12.46 47.95 12.24
CA HIS D 201 12.92 49.26 12.70
C HIS D 201 14.44 49.39 12.61
N ALA D 202 15.14 48.35 13.05
CA ALA D 202 16.60 48.32 13.05
C ALA D 202 17.18 48.07 11.64
N ALA D 203 16.36 47.57 10.74
CA ALA D 203 16.76 47.31 9.36
C ALA D 203 16.88 48.60 8.55
N ALA D 204 15.88 49.47 8.69
CA ALA D 204 15.84 50.73 7.95
C ALA D 204 16.79 51.78 8.52
N LYS D 205 16.91 51.81 9.85
CA LYS D 205 17.71 52.82 10.54
C LYS D 205 19.21 52.65 10.31
N ASN D 206 19.78 51.58 10.88
CA ASN D 206 21.23 51.36 10.84
C ASN D 206 21.66 50.26 9.86
N GLY D 207 20.87 49.20 9.79
CA GLY D 207 21.18 48.04 8.95
C GLY D 207 21.67 46.85 9.74
N THR D 208 21.45 46.89 11.06
CA THR D 208 21.84 45.79 11.95
C THR D 208 20.87 45.62 13.10
N PHE D 209 20.58 44.37 13.44
CA PHE D 209 19.64 44.02 14.51
C PHE D 209 20.17 42.85 15.34
N GLU D 210 20.04 42.97 16.66
CA GLU D 210 20.47 41.91 17.58
C GLU D 210 19.33 40.92 17.80
N CYS D 211 19.41 39.78 17.10
CA CYS D 211 18.42 38.71 17.22
C CYS D 211 18.75 37.80 18.41
N ASN D 212 17.72 37.18 18.99
CA ASN D 212 17.88 36.34 20.18
C ASN D 212 17.35 34.91 20.02
N LEU D 213 17.24 34.45 18.77
CA LEU D 213 16.83 33.08 18.47
C LEU D 213 17.73 32.46 17.40
N GLU D 214 17.79 31.13 17.38
CA GLU D 214 18.61 30.38 16.41
C GLU D 214 18.15 30.59 14.97
N ALA D 215 19.09 30.49 14.03
CA ALA D 215 18.81 30.68 12.62
C ALA D 215 18.02 29.54 12.00
N GLY D 216 18.05 28.37 12.64
CA GLY D 216 17.35 27.18 12.13
C GLY D 216 16.00 26.92 12.78
N THR D 217 15.48 27.91 13.50
CA THR D 217 14.20 27.77 14.20
C THR D 217 13.03 28.31 13.39
N ARG D 218 12.18 27.40 12.92
CA ARG D 218 11.01 27.76 12.13
C ARG D 218 9.77 27.91 13.03
N LEU D 219 8.97 28.93 12.74
CA LEU D 219 7.72 29.18 13.45
C LEU D 219 6.67 29.72 12.48
N PRO D 220 5.39 29.35 12.69
CA PRO D 220 4.31 29.89 11.84
C PRO D 220 4.07 31.36 12.14
N MET D 221 3.88 32.16 11.08
CA MET D 221 3.68 33.60 11.23
C MET D 221 2.57 34.11 10.31
N MET D 222 2.07 35.31 10.61
CA MET D 222 0.99 35.94 9.85
C MET D 222 1.01 37.45 10.03
N TYR D 223 0.67 38.18 8.97
CA TYR D 223 0.53 39.63 9.05
C TYR D 223 -0.86 39.99 9.59
N ILE D 224 -0.89 41.07 10.36
CA ILE D 224 -2.09 41.51 11.09
C ILE D 224 -3.38 41.58 10.24
N SER D 225 -3.28 42.06 9.00
CA SER D 225 -4.45 42.25 8.13
C SER D 225 -5.26 40.96 7.93
N ASP D 226 -4.54 39.86 7.70
CA ASP D 226 -5.15 38.55 7.55
C ASP D 226 -5.74 38.04 8.86
N CYS D 227 -5.00 38.23 9.95
CA CYS D 227 -5.43 37.82 11.29
C CYS D 227 -6.82 38.37 11.65
N LEU D 228 -7.03 39.66 11.38
CA LEU D 228 -8.28 40.32 11.68
C LEU D 228 -9.37 39.96 10.67
N ARG D 229 -8.99 39.87 9.40
CA ARG D 229 -9.91 39.49 8.32
C ARG D 229 -10.46 38.07 8.53
N ALA D 230 -9.58 37.15 8.94
CA ALA D 230 -9.98 35.78 9.26
C ALA D 230 -10.90 35.72 10.47
N THR D 231 -10.61 36.58 11.45
CA THR D 231 -11.40 36.68 12.68
C THR D 231 -12.82 37.15 12.37
N LEU D 232 -12.92 38.17 11.52
CA LEU D 232 -14.22 38.70 11.09
C LEU D 232 -14.97 37.68 10.25
N GLU D 233 -14.24 37.01 9.36
CA GLU D 233 -14.82 36.02 8.46
C GLU D 233 -15.50 34.87 9.20
N VAL D 234 -14.78 34.24 10.12
CA VAL D 234 -15.30 33.06 10.84
C VAL D 234 -16.52 33.43 11.70
N MET D 235 -16.57 34.68 12.15
CA MET D 235 -17.70 35.18 12.91
C MET D 235 -18.89 35.47 12.00
N GLU D 236 -18.63 35.71 10.73
CA GLU D 236 -19.68 35.95 9.74
C GLU D 236 -20.15 34.66 9.07
N ALA D 237 -19.27 33.67 9.02
CA ALA D 237 -19.54 32.37 8.39
C ALA D 237 -20.77 31.67 8.96
N PRO D 238 -21.58 31.00 8.11
CA PRO D 238 -22.79 30.33 8.56
C PRO D 238 -22.51 29.18 9.52
N ALA D 239 -23.30 29.07 10.59
CA ALA D 239 -23.11 28.09 11.65
C ALA D 239 -22.99 26.65 11.13
N GLU D 240 -23.85 26.29 10.20
CA GLU D 240 -23.93 24.93 9.65
C GLU D 240 -22.65 24.42 8.98
N ARG D 241 -21.87 25.32 8.39
CA ARG D 241 -20.63 24.93 7.69
C ARG D 241 -19.44 24.72 8.62
N LEU D 242 -19.58 25.09 9.90
CA LEU D 242 -18.50 24.94 10.86
C LEU D 242 -18.51 23.60 11.57
N SER D 243 -17.68 22.68 11.10
CA SER D 243 -17.58 21.33 11.66
C SER D 243 -17.12 21.35 13.13
N MET D 244 -15.93 21.93 13.36
CA MET D 244 -15.39 22.15 14.69
C MET D 244 -15.56 23.61 15.09
N ARG D 245 -15.22 23.95 16.33
CA ARG D 245 -15.32 25.33 16.80
C ARG D 245 -13.95 26.00 16.98
N THR D 246 -12.88 25.19 16.95
CA THR D 246 -11.51 25.70 17.04
C THR D 246 -10.71 25.33 15.79
N TYR D 247 -10.42 26.33 14.96
CA TYR D 247 -9.68 26.14 13.73
C TYR D 247 -8.28 26.69 13.82
N ASN D 248 -7.33 25.99 13.21
CA ASN D 248 -6.02 26.57 12.95
C ASN D 248 -6.13 27.64 11.87
N ILE D 249 -5.16 28.53 11.83
CA ILE D 249 -5.09 29.59 10.85
C ILE D 249 -3.63 29.81 10.50
N SER D 250 -3.31 29.69 9.22
CA SER D 250 -1.92 29.71 8.78
C SER D 250 -1.71 30.56 7.53
N ALA D 251 -0.50 31.10 7.40
CA ALA D 251 -0.09 31.89 6.25
C ALA D 251 1.29 31.47 5.76
N MET D 252 2.27 31.56 6.65
CA MET D 252 3.66 31.27 6.31
C MET D 252 4.43 30.73 7.52
N SER D 253 5.60 30.16 7.26
CA SER D 253 6.51 29.74 8.32
C SER D 253 7.94 30.01 7.90
N PHE D 254 8.63 30.86 8.65
CA PHE D 254 10.00 31.23 8.31
C PHE D 254 10.95 31.20 9.50
N THR D 255 12.24 31.07 9.18
CA THR D 255 13.31 31.14 10.17
C THR D 255 13.90 32.56 10.13
N PRO D 256 14.64 32.96 11.18
CA PRO D 256 15.40 34.21 11.12
C PRO D 256 16.41 34.25 9.97
N GLU D 257 16.81 33.07 9.49
CA GLU D 257 17.67 32.94 8.31
C GLU D 257 16.95 33.40 7.04
N GLU D 258 15.66 33.04 6.94
CA GLU D 258 14.85 33.33 5.76
C GLU D 258 14.37 34.78 5.71
N LEU D 259 14.05 35.34 6.87
CA LEU D 259 13.58 36.73 6.97
C LEU D 259 14.70 37.74 6.72
N ALA D 260 15.94 37.33 7.02
CA ALA D 260 17.12 38.15 6.76
C ALA D 260 17.39 38.30 5.26
N GLN D 261 17.00 37.29 4.49
CA GLN D 261 17.19 37.29 3.04
C GLN D 261 16.05 37.98 2.30
N ALA D 262 14.84 37.89 2.86
CA ALA D 262 13.65 38.52 2.28
C ALA D 262 13.66 40.04 2.44
N LEU D 263 14.39 40.52 3.44
CA LEU D 263 14.56 41.95 3.69
C LEU D 263 15.58 42.59 2.75
N ARG D 264 16.58 41.81 2.33
CA ARG D 264 17.70 42.30 1.52
C ARG D 264 17.33 42.61 0.06
N LYS D 265 16.09 42.30 -0.32
CA LYS D 265 15.58 42.67 -1.64
C LYS D 265 15.35 44.18 -1.73
N HIS D 266 15.05 44.79 -0.60
CA HIS D 266 14.84 46.24 -0.50
C HIS D 266 16.09 46.96 0.01
N ALA D 267 16.88 46.29 0.85
CA ALA D 267 18.12 46.86 1.38
C ALA D 267 19.15 45.77 1.67
N PRO D 268 20.06 45.50 0.71
CA PRO D 268 21.08 44.46 0.84
C PRO D 268 22.19 44.81 1.84
N ASP D 269 22.06 45.97 2.50
CA ASP D 269 23.02 46.40 3.51
C ASP D 269 22.71 45.84 4.90
N PHE D 270 21.58 45.11 5.00
CA PHE D 270 21.11 44.57 6.28
C PHE D 270 21.93 43.38 6.77
N GLN D 271 22.21 43.37 8.08
CA GLN D 271 22.94 42.28 8.74
C GLN D 271 22.26 41.84 10.04
N ILE D 272 22.62 40.65 10.51
CA ILE D 272 22.02 40.06 11.72
C ILE D 272 23.04 39.42 12.66
N THR D 273 22.92 39.75 13.95
CA THR D 273 23.76 39.16 15.00
C THR D 273 22.90 38.36 15.98
N TYR D 274 23.31 37.11 16.23
CA TYR D 274 22.53 36.19 17.06
C TYR D 274 23.08 36.03 18.48
N CYS D 275 22.41 36.67 19.43
CA CYS D 275 22.68 36.46 20.84
C CYS D 275 21.51 35.67 21.43
N VAL D 276 21.51 34.37 21.15
CA VAL D 276 20.37 33.48 21.48
C VAL D 276 20.08 33.42 22.98
N ASP D 277 18.88 33.87 23.33
CA ASP D 277 18.38 33.81 24.71
C ASP D 277 17.80 32.41 24.97
N PRO D 278 18.42 31.65 25.91
CA PRO D 278 17.97 30.31 26.22
C PRO D 278 16.59 30.26 26.89
N LEU D 279 16.22 31.34 27.57
CA LEU D 279 14.92 31.43 28.26
C LEU D 279 13.75 31.56 27.28
N ARG D 280 14.04 31.98 26.05
CA ARG D 280 13.02 32.10 25.01
C ARG D 280 13.22 31.09 23.87
N GLN D 281 14.40 30.47 23.83
CA GLN D 281 14.71 29.46 22.84
C GLN D 281 14.09 28.11 23.19
N ALA D 282 14.03 27.81 24.48
CA ALA D 282 13.45 26.55 24.97
C ALA D 282 11.96 26.45 24.69
N ILE D 283 11.26 27.58 24.77
CA ILE D 283 9.82 27.63 24.50
C ILE D 283 9.49 27.77 23.01
N ALA D 284 10.47 28.19 22.23
CA ALA D 284 10.33 28.27 20.77
C ALA D 284 10.30 26.87 20.16
N GLU D 285 11.09 25.97 20.73
CA GLU D 285 11.17 24.57 20.28
C GLU D 285 9.93 23.77 20.70
N SER D 286 9.29 24.19 21.79
CA SER D 286 8.08 23.54 22.30
C SER D 286 6.86 23.86 21.43
N TRP D 287 7.01 24.86 20.57
CA TRP D 287 5.97 25.22 19.62
C TRP D 287 6.21 24.54 18.27
N PRO D 288 5.13 24.19 17.56
CA PRO D 288 5.22 23.55 16.24
C PRO D 288 5.82 24.47 15.19
N MET D 289 6.39 23.90 14.13
CA MET D 289 7.05 24.68 13.07
C MET D 289 6.09 25.12 11.98
N ILE D 290 5.06 24.32 11.73
CA ILE D 290 4.05 24.60 10.70
C ILE D 290 2.65 24.29 11.25
N LEU D 291 1.66 25.07 10.81
CA LEU D 291 0.26 24.84 11.17
C LEU D 291 -0.58 24.38 9.99
N ASP D 292 -1.35 23.31 10.19
CA ASP D 292 -2.19 22.76 9.14
C ASP D 292 -3.61 23.32 9.24
N ASP D 293 -3.91 24.31 8.40
CA ASP D 293 -5.23 24.94 8.38
C ASP D 293 -6.17 24.30 7.36
N SER D 294 -6.15 22.96 7.31
CA SER D 294 -6.95 22.18 6.36
C SER D 294 -8.43 22.57 6.42
N ASN D 295 -9.04 22.32 7.57
CA ASN D 295 -10.48 22.51 7.76
C ASN D 295 -10.94 23.95 7.60
N ALA D 296 -10.10 24.89 8.01
CA ALA D 296 -10.42 26.31 7.91
C ALA D 296 -10.58 26.75 6.46
N ARG D 297 -9.73 26.20 5.59
CA ARG D 297 -9.77 26.53 4.16
C ARG D 297 -10.95 25.86 3.46
N LYS D 298 -11.42 24.75 4.02
CA LYS D 298 -12.56 24.03 3.47
C LYS D 298 -13.89 24.62 3.95
N ASP D 299 -14.13 24.55 5.25
CA ASP D 299 -15.41 24.94 5.88
C ASP D 299 -15.84 26.37 5.52
N TRP D 300 -14.95 27.32 5.74
CA TRP D 300 -15.13 28.70 5.26
C TRP D 300 -13.98 29.04 4.31
N GLY D 301 -14.19 30.01 3.43
CA GLY D 301 -13.24 30.27 2.35
C GLY D 301 -11.94 30.95 2.79
N TRP D 302 -11.23 30.33 3.73
CA TRP D 302 -10.02 30.93 4.25
C TRP D 302 -8.85 30.83 3.28
N LYS D 303 -8.32 32.00 2.89
CA LYS D 303 -7.11 32.10 2.07
C LYS D 303 -6.30 33.29 2.56
N HIS D 304 -5.00 33.10 2.73
CA HIS D 304 -4.13 34.20 3.16
C HIS D 304 -3.67 35.06 1.98
N ASP D 305 -3.72 36.37 2.16
CA ASP D 305 -3.37 37.33 1.11
C ASP D 305 -1.96 37.90 1.28
N PHE D 306 -1.28 37.50 2.36
CA PHE D 306 0.05 38.01 2.67
C PHE D 306 1.02 36.87 2.96
N ASP D 307 1.98 36.67 2.06
CA ASP D 307 3.08 35.73 2.28
C ASP D 307 4.41 36.46 2.44
N LEU D 308 5.47 35.70 2.75
CA LEU D 308 6.78 36.27 3.12
C LEU D 308 7.21 37.53 2.35
N PRO D 309 7.26 37.47 0.99
CA PRO D 309 7.68 38.65 0.24
C PRO D 309 6.78 39.87 0.41
N GLU D 310 5.48 39.71 0.18
CA GLU D 310 4.53 40.82 0.25
C GLU D 310 4.14 41.26 1.67
N LEU D 311 4.71 40.59 2.67
CA LEU D 311 4.61 41.03 4.06
C LEU D 311 5.63 42.15 4.33
N VAL D 312 6.86 41.94 3.84
CA VAL D 312 7.96 42.89 4.02
C VAL D 312 7.67 44.22 3.33
N ALA D 313 7.07 44.15 2.14
CA ALA D 313 6.71 45.34 1.36
C ALA D 313 5.68 46.21 2.07
N THR D 314 4.71 45.58 2.73
CA THR D 314 3.69 46.31 3.50
C THR D 314 4.30 46.88 4.80
N MET D 315 5.21 46.13 5.39
CA MET D 315 5.86 46.51 6.65
C MET D 315 6.84 47.67 6.49
N LEU D 316 7.63 47.63 5.42
CA LEU D 316 8.61 48.69 5.15
C LEU D 316 7.96 49.99 4.67
N ASN D 317 6.71 49.90 4.21
CA ASN D 317 5.92 51.08 3.85
C ASN D 317 5.66 52.02 5.03
N PHE D 318 5.87 51.50 6.24
CA PHE D 318 5.73 52.28 7.46
C PHE D 318 7.01 53.01 7.83
N HIS D 319 8.14 52.59 7.24
CA HIS D 319 9.45 53.15 7.56
C HIS D 319 10.07 53.88 6.37
N PRO E 11 12.63 9.87 -49.80
CA PRO E 11 12.70 10.01 -48.34
C PRO E 11 12.50 8.67 -47.62
N PRO E 12 12.90 8.59 -46.33
CA PRO E 12 12.70 7.34 -45.58
C PRO E 12 11.35 7.29 -44.84
N ARG E 13 10.92 6.08 -44.51
CA ARG E 13 9.71 5.85 -43.73
C ARG E 13 10.12 5.50 -42.30
N VAL E 14 9.62 6.27 -41.34
CA VAL E 14 10.06 6.15 -39.95
C VAL E 14 9.01 5.54 -39.04
N LEU E 15 9.47 4.65 -38.16
CA LEU E 15 8.69 4.16 -37.03
C LEU E 15 9.45 4.45 -35.73
N ILE E 16 8.80 5.18 -34.82
CA ILE E 16 9.36 5.41 -33.50
C ILE E 16 8.70 4.50 -32.46
N THR E 17 9.46 3.52 -31.99
CA THR E 17 9.03 2.62 -30.93
C THR E 17 9.11 3.34 -29.58
N GLY E 18 8.11 3.15 -28.74
CA GLY E 18 8.06 3.75 -27.40
C GLY E 18 8.20 5.26 -27.41
N GLY E 19 7.41 5.93 -28.24
CA GLY E 19 7.57 7.35 -28.49
C GLY E 19 6.67 8.30 -27.75
N LEU E 20 6.02 7.82 -26.68
CA LEU E 20 5.17 8.69 -25.86
C LEU E 20 5.84 9.11 -24.54
N GLY E 21 7.15 8.87 -24.45
CA GLY E 21 7.92 9.26 -23.27
C GLY E 21 8.45 10.68 -23.40
N GLN E 22 9.54 10.97 -22.69
CA GLN E 22 10.14 12.30 -22.66
C GLN E 22 10.75 12.70 -24.00
N LEU E 23 11.36 11.74 -24.70
CA LEU E 23 12.11 12.03 -25.92
C LEU E 23 11.35 11.79 -27.21
N GLY E 24 10.47 10.78 -27.20
CA GLY E 24 9.75 10.33 -28.38
C GLY E 24 9.06 11.39 -29.21
N VAL E 25 8.19 12.18 -28.56
CA VAL E 25 7.38 13.18 -29.27
C VAL E 25 8.25 14.32 -29.81
N GLY E 26 9.34 14.61 -29.11
CA GLY E 26 10.30 15.61 -29.58
C GLY E 26 10.95 15.18 -30.88
N LEU E 27 11.34 13.91 -30.93
CA LEU E 27 11.93 13.31 -32.13
C LEU E 27 10.96 13.24 -33.30
N ALA E 28 9.71 12.88 -33.00
CA ALA E 28 8.66 12.77 -34.01
C ALA E 28 8.48 14.11 -34.73
N ASN E 29 8.21 15.16 -33.96
CA ASN E 29 8.05 16.51 -34.50
C ASN E 29 9.23 16.96 -35.35
N LEU E 30 10.44 16.67 -34.89
CA LEU E 30 11.66 17.02 -35.61
C LEU E 30 11.70 16.34 -36.99
N LEU E 31 11.44 15.04 -37.00
CA LEU E 31 11.45 14.25 -38.23
C LEU E 31 10.26 14.56 -39.15
N ARG E 32 9.09 14.80 -38.57
CA ARG E 32 7.89 15.13 -39.34
C ARG E 32 8.03 16.44 -40.13
N LYS E 33 8.70 17.42 -39.53
CA LYS E 33 8.96 18.69 -40.21
C LYS E 33 10.06 18.56 -41.26
N ARG E 34 10.86 17.50 -41.12
CA ARG E 34 11.92 17.19 -42.08
C ARG E 34 11.40 16.31 -43.22
N PHE E 35 11.00 15.08 -42.88
CA PHE E 35 10.66 14.07 -43.89
C PHE E 35 9.18 14.01 -44.27
N GLY E 36 8.35 14.79 -43.59
CA GLY E 36 6.92 14.83 -43.90
C GLY E 36 6.05 14.21 -42.83
N LYS E 37 4.83 14.70 -42.72
CA LYS E 37 3.88 14.33 -41.67
C LYS E 37 3.59 12.83 -41.61
N ASP E 38 3.23 12.25 -42.75
CA ASP E 38 2.81 10.84 -42.81
C ASP E 38 3.98 9.86 -42.97
N ASN E 39 5.20 10.39 -43.00
CA ASN E 39 6.40 9.55 -43.10
C ASN E 39 6.93 9.13 -41.75
N VAL E 40 6.34 9.65 -40.67
CA VAL E 40 6.75 9.29 -39.32
C VAL E 40 5.58 8.70 -38.53
N ILE E 41 5.72 7.42 -38.18
CA ILE E 41 4.71 6.70 -37.44
C ILE E 41 5.14 6.57 -35.98
N LEU E 42 4.34 7.17 -35.10
CA LEU E 42 4.59 7.11 -33.68
C LEU E 42 3.97 5.83 -33.12
N SER E 43 4.62 5.23 -32.13
CA SER E 43 4.12 4.01 -31.53
C SER E 43 4.52 3.86 -30.07
N ASP E 44 3.59 3.32 -29.29
CA ASP E 44 3.78 3.04 -27.87
C ASP E 44 2.71 2.03 -27.43
N ILE E 45 2.76 1.63 -26.17
CA ILE E 45 1.74 0.76 -25.58
C ILE E 45 0.68 1.58 -24.84
N ARG E 46 0.99 2.84 -24.59
CA ARG E 46 0.12 3.73 -23.81
C ARG E 46 -0.81 4.58 -24.67
N LYS E 47 -1.81 5.19 -24.01
CA LYS E 47 -2.76 6.08 -24.69
C LYS E 47 -2.14 7.45 -24.96
N PRO E 48 -2.16 7.90 -26.22
CA PRO E 48 -1.59 9.19 -26.60
C PRO E 48 -2.50 10.36 -26.22
N PRO E 49 -1.92 11.45 -25.69
CA PRO E 49 -2.71 12.66 -25.53
C PRO E 49 -3.23 13.15 -26.88
N ALA E 50 -4.44 13.70 -26.90
CA ALA E 50 -5.13 14.09 -28.14
C ALA E 50 -4.26 14.93 -29.08
N HIS E 51 -3.44 15.80 -28.50
CA HIS E 51 -2.57 16.70 -29.24
C HIS E 51 -1.51 15.96 -30.08
N VAL E 52 -0.95 14.88 -29.53
CA VAL E 52 0.08 14.12 -30.26
C VAL E 52 -0.50 13.14 -31.27
N PHE E 53 -1.73 12.68 -31.03
CA PHE E 53 -2.43 11.78 -31.95
C PHE E 53 -2.70 12.46 -33.28
N HIS E 54 -3.02 13.76 -33.22
CA HIS E 54 -3.31 14.54 -34.42
C HIS E 54 -2.06 15.14 -35.06
N SER E 55 -0.90 14.92 -34.44
CA SER E 55 0.39 15.36 -34.98
C SER E 55 0.76 14.56 -36.22
N GLY E 56 0.24 13.33 -36.30
CA GLY E 56 0.51 12.42 -37.40
C GLY E 56 0.20 10.99 -37.03
N PRO E 57 0.48 10.03 -37.95
CA PRO E 57 0.23 8.61 -37.74
C PRO E 57 0.71 8.08 -36.38
N PHE E 58 -0.22 7.49 -35.65
CA PHE E 58 0.07 6.81 -34.39
C PHE E 58 -0.56 5.43 -34.40
N VAL E 59 0.22 4.42 -34.00
CA VAL E 59 -0.28 3.05 -33.92
C VAL E 59 0.19 2.41 -32.61
N TYR E 60 -0.67 1.60 -31.99
CA TYR E 60 -0.29 0.80 -30.83
C TYR E 60 0.70 -0.27 -31.25
N ALA E 61 1.81 -0.38 -30.51
CA ALA E 61 2.81 -1.41 -30.79
C ALA E 61 3.49 -1.88 -29.51
N ASN E 62 3.21 -3.13 -29.12
CA ASN E 62 3.90 -3.74 -27.99
C ASN E 62 5.16 -4.44 -28.45
N ILE E 63 6.28 -4.06 -27.85
CA ILE E 63 7.61 -4.53 -28.27
C ILE E 63 7.85 -6.01 -27.97
N LEU E 64 7.07 -6.57 -27.04
CA LEU E 64 7.19 -7.98 -26.69
C LEU E 64 6.47 -8.88 -27.71
N ASP E 65 5.78 -8.24 -28.65
CA ASP E 65 5.01 -8.94 -29.67
C ASP E 65 5.73 -8.90 -31.01
N TYR E 66 6.56 -9.91 -31.25
CA TYR E 66 7.38 -10.00 -32.47
C TYR E 66 6.55 -10.06 -33.75
N LYS E 67 5.44 -10.78 -33.70
CA LYS E 67 4.51 -10.90 -34.84
C LYS E 67 3.90 -9.56 -35.23
N SER E 68 3.57 -8.75 -34.23
CA SER E 68 2.99 -7.42 -34.44
C SER E 68 3.99 -6.44 -35.03
N LEU E 69 5.25 -6.56 -34.62
CA LEU E 69 6.34 -5.76 -35.18
C LEU E 69 6.51 -6.03 -36.67
N ARG E 70 6.56 -7.32 -37.03
CA ARG E 70 6.61 -7.75 -38.43
C ARG E 70 5.46 -7.12 -39.22
N GLU E 71 4.23 -7.23 -38.69
CA GLU E 71 3.04 -6.65 -39.32
C GLU E 71 3.22 -5.17 -39.62
N ILE E 72 3.72 -4.42 -38.65
CA ILE E 72 3.80 -2.97 -38.75
C ILE E 72 4.89 -2.52 -39.74
N VAL E 73 6.05 -3.17 -39.70
CA VAL E 73 7.16 -2.82 -40.60
C VAL E 73 6.86 -3.14 -42.08
N VAL E 74 6.24 -4.30 -42.33
CA VAL E 74 5.88 -4.69 -43.69
C VAL E 74 4.77 -3.81 -44.27
N ASN E 75 3.69 -3.62 -43.51
CA ASN E 75 2.52 -2.87 -43.98
C ASN E 75 2.79 -1.40 -44.20
N HIS E 76 3.56 -0.79 -43.30
CA HIS E 76 3.84 0.63 -43.38
C HIS E 76 5.14 0.94 -44.13
N ARG E 77 5.78 -0.11 -44.65
CA ARG E 77 6.99 0.01 -45.45
C ARG E 77 8.07 0.79 -44.69
N ILE E 78 8.34 0.35 -43.48
CA ILE E 78 9.32 1.01 -42.60
C ILE E 78 10.74 0.74 -43.08
N SER E 79 11.53 1.81 -43.18
CA SER E 79 12.94 1.72 -43.55
C SER E 79 13.84 2.28 -42.43
N TRP E 80 13.25 3.09 -41.55
CA TRP E 80 13.96 3.72 -40.44
C TRP E 80 13.21 3.48 -39.13
N LEU E 81 13.89 2.90 -38.14
CA LEU E 81 13.30 2.65 -36.83
C LEU E 81 14.12 3.27 -35.69
N PHE E 82 13.44 4.02 -34.84
CA PHE E 82 14.04 4.55 -33.61
C PHE E 82 13.43 3.83 -32.41
N HIS E 83 14.27 3.09 -31.69
CA HIS E 83 13.82 2.24 -30.60
C HIS E 83 13.88 2.92 -29.22
N TYR E 84 12.79 3.59 -28.87
CA TYR E 84 12.72 4.37 -27.63
C TYR E 84 11.96 3.67 -26.50
N SER E 85 11.48 2.46 -26.76
CA SER E 85 10.73 1.71 -25.75
C SER E 85 11.67 1.07 -24.74
N ALA E 86 11.40 1.32 -23.46
CA ALA E 86 12.17 0.79 -22.35
C ALA E 86 11.63 1.31 -21.04
N LEU E 87 11.98 0.65 -19.95
CA LEU E 87 11.83 1.23 -18.62
C LEU E 87 13.21 1.39 -18.02
N LEU E 88 13.47 2.59 -17.50
CA LEU E 88 14.82 2.98 -17.05
C LEU E 88 15.20 2.32 -15.71
N SER E 89 16.32 2.76 -15.14
CA SER E 89 16.82 2.20 -13.88
C SER E 89 15.90 2.47 -12.69
N ALA E 90 15.16 3.60 -12.78
CA ALA E 90 14.25 4.02 -11.72
C ALA E 90 13.26 2.95 -11.29
N VAL E 91 12.52 2.39 -12.26
CA VAL E 91 11.50 1.37 -11.97
C VAL E 91 11.98 -0.05 -12.32
N GLY E 92 13.07 -0.12 -13.09
CA GLY E 92 13.64 -1.39 -13.52
C GLY E 92 14.12 -2.29 -12.39
N GLU E 93 14.57 -1.67 -11.31
CA GLU E 93 15.10 -2.40 -10.15
C GLU E 93 14.00 -3.01 -9.28
N ALA E 94 12.78 -2.49 -9.40
CA ALA E 94 11.63 -3.03 -8.69
C ALA E 94 10.92 -4.09 -9.51
N ASN E 95 11.15 -4.07 -10.83
CA ASN E 95 10.55 -5.04 -11.76
C ASN E 95 11.61 -5.65 -12.67
N VAL E 96 12.57 -6.36 -12.07
CA VAL E 96 13.70 -6.94 -12.79
C VAL E 96 13.27 -7.84 -13.95
N SER E 97 12.27 -8.67 -13.70
CA SER E 97 11.72 -9.57 -14.73
C SER E 97 11.04 -8.81 -15.87
N LEU E 98 10.27 -7.78 -15.53
CA LEU E 98 9.58 -6.96 -16.52
C LEU E 98 10.55 -6.13 -17.34
N ALA E 99 11.58 -5.60 -16.68
CA ALA E 99 12.64 -4.83 -17.34
C ALA E 99 13.46 -5.71 -18.27
N ARG E 100 13.82 -6.92 -17.82
CA ARG E 100 14.58 -7.88 -18.61
C ARG E 100 13.85 -8.27 -19.90
N ASP E 101 12.54 -8.47 -19.80
CA ASP E 101 11.72 -8.79 -20.97
C ASP E 101 11.67 -7.62 -21.94
N VAL E 102 11.24 -6.45 -21.45
CA VAL E 102 11.07 -5.27 -22.28
C VAL E 102 12.38 -4.83 -22.93
N ASN E 103 13.44 -4.77 -22.14
CA ASN E 103 14.73 -4.27 -22.62
C ASN E 103 15.50 -5.24 -23.52
N ILE E 104 15.63 -6.49 -23.09
CA ILE E 104 16.42 -7.49 -23.83
C ILE E 104 15.61 -8.21 -24.90
N THR E 105 14.52 -8.86 -24.48
CA THR E 105 13.61 -9.58 -25.39
C THR E 105 12.96 -8.63 -26.39
N GLY E 106 12.68 -7.40 -25.95
CA GLY E 106 12.21 -6.35 -26.84
C GLY E 106 13.23 -6.07 -27.93
N LEU E 107 14.48 -5.85 -27.52
CA LEU E 107 15.59 -5.58 -28.43
C LEU E 107 15.77 -6.65 -29.51
N HIS E 108 15.72 -7.92 -29.09
CA HIS E 108 15.88 -9.05 -30.01
C HIS E 108 14.84 -9.01 -31.13
N ASN E 109 13.60 -8.68 -30.78
CA ASN E 109 12.52 -8.57 -31.75
C ASN E 109 12.80 -7.47 -32.76
N VAL E 110 13.21 -6.30 -32.26
CA VAL E 110 13.54 -5.14 -33.10
C VAL E 110 14.75 -5.42 -33.99
N LEU E 111 15.73 -6.15 -33.44
CA LEU E 111 16.89 -6.58 -34.21
C LEU E 111 16.51 -7.56 -35.33
N ASP E 112 15.64 -8.52 -35.01
CA ASP E 112 15.20 -9.53 -35.97
C ASP E 112 14.34 -8.96 -37.09
N VAL E 113 13.55 -7.95 -36.75
CA VAL E 113 12.68 -7.29 -37.73
C VAL E 113 13.49 -6.42 -38.68
N ALA E 114 14.42 -5.64 -38.12
CA ALA E 114 15.26 -4.73 -38.89
C ALA E 114 16.24 -5.46 -39.80
N ALA E 115 16.69 -6.63 -39.36
CA ALA E 115 17.58 -7.49 -40.15
C ALA E 115 16.87 -8.06 -41.37
N GLU E 116 15.65 -8.56 -41.16
CA GLU E 116 14.92 -9.25 -42.21
C GLU E 116 14.36 -8.31 -43.28
N TYR E 117 13.91 -7.13 -42.86
CA TYR E 117 13.25 -6.20 -43.78
C TYR E 117 14.09 -4.96 -44.10
N ASN E 118 15.40 -5.10 -43.94
CA ASN E 118 16.38 -4.09 -44.36
C ASN E 118 16.10 -2.69 -43.79
N VAL E 119 15.98 -2.62 -42.46
CA VAL E 119 15.64 -1.37 -41.78
C VAL E 119 16.88 -0.76 -41.11
N ARG E 120 17.02 0.56 -41.23
CA ARG E 120 18.01 1.30 -40.45
C ARG E 120 17.58 1.40 -39.00
N LEU E 121 18.41 0.83 -38.10
CA LEU E 121 18.07 0.76 -36.68
C LEU E 121 18.90 1.70 -35.78
N PHE E 122 18.22 2.66 -35.17
CA PHE E 122 18.82 3.47 -34.13
C PHE E 122 18.28 3.07 -32.78
N VAL E 123 19.15 2.54 -31.92
CA VAL E 123 18.81 2.35 -30.52
C VAL E 123 19.76 3.24 -29.71
N PRO E 124 19.21 4.05 -28.78
CA PRO E 124 20.05 4.90 -27.96
C PRO E 124 20.53 4.19 -26.70
N SER E 125 21.76 4.51 -26.28
CA SER E 125 22.30 4.00 -25.03
C SER E 125 22.30 5.10 -23.97
N THR E 126 22.95 4.83 -22.84
CA THR E 126 22.87 5.69 -21.66
C THR E 126 24.19 5.77 -20.90
N ILE E 127 24.35 6.83 -20.10
CA ILE E 127 25.45 6.93 -19.15
C ILE E 127 25.41 5.76 -18.16
N GLY E 128 24.20 5.22 -17.95
CA GLY E 128 23.97 4.05 -17.10
C GLY E 128 24.55 2.75 -17.64
N ALA E 129 25.03 2.79 -18.89
CA ALA E 129 25.71 1.66 -19.50
C ALA E 129 27.14 1.51 -18.97
N PHE E 130 27.55 2.44 -18.10
CA PHE E 130 28.83 2.35 -17.41
C PHE E 130 28.62 2.00 -15.94
N GLY E 131 29.61 1.30 -15.36
CA GLY E 131 29.56 0.90 -13.96
C GLY E 131 30.70 1.47 -13.14
N PRO E 132 30.73 1.15 -11.82
CA PRO E 132 31.75 1.65 -10.88
C PRO E 132 33.19 1.45 -11.34
N THR E 133 33.45 0.40 -12.12
CA THR E 133 34.80 0.09 -12.60
C THR E 133 35.13 0.73 -13.94
N SER E 134 34.21 1.55 -14.44
CA SER E 134 34.43 2.31 -15.67
C SER E 134 35.18 3.60 -15.34
N PRO E 135 36.01 4.09 -16.29
CA PRO E 135 36.55 5.43 -16.17
C PRO E 135 35.43 6.47 -16.05
N ARG E 136 35.65 7.49 -15.23
CA ARG E 136 34.59 8.46 -14.92
C ARG E 136 34.97 9.92 -15.22
N ASN E 137 36.26 10.18 -15.40
CA ASN E 137 36.76 11.54 -15.62
C ASN E 137 37.82 11.65 -16.71
N PRO E 138 37.41 11.58 -18.00
CA PRO E 138 36.05 11.31 -18.48
C PRO E 138 35.84 9.85 -18.91
N ALA E 139 34.61 9.51 -19.28
CA ALA E 139 34.31 8.19 -19.81
C ALA E 139 34.46 8.17 -21.33
N PRO E 140 35.32 7.27 -21.85
CA PRO E 140 35.59 7.15 -23.28
C PRO E 140 34.64 6.21 -24.02
N ASP E 141 34.75 6.18 -25.34
CA ASP E 141 33.90 5.34 -26.20
C ASP E 141 34.20 3.85 -26.02
N LEU E 142 35.48 3.51 -25.85
CA LEU E 142 35.87 2.14 -25.55
C LEU E 142 36.48 2.04 -24.16
N CYS E 143 35.74 1.45 -23.24
CA CYS E 143 36.19 1.25 -21.86
C CYS E 143 35.47 0.09 -21.21
N ILE E 144 35.87 -0.23 -19.98
CA ILE E 144 35.22 -1.26 -19.17
C ILE E 144 33.77 -0.90 -18.90
N GLN E 145 32.88 -1.87 -19.07
CA GLN E 145 31.47 -1.67 -18.77
C GLN E 145 30.95 -2.82 -17.92
N ARG E 146 30.76 -2.54 -16.64
CA ARG E 146 30.30 -3.54 -15.68
C ARG E 146 29.16 -2.99 -14.82
N PRO E 147 28.05 -2.56 -15.46
CA PRO E 147 27.00 -1.86 -14.70
C PRO E 147 26.23 -2.80 -13.75
N ARG E 148 25.88 -2.27 -12.59
CA ARG E 148 25.21 -3.08 -11.55
C ARG E 148 23.71 -2.79 -11.50
N THR E 149 23.18 -2.32 -12.62
CA THR E 149 21.75 -2.08 -12.81
C THR E 149 21.26 -2.92 -14.01
N ILE E 150 20.02 -3.39 -13.94
CA ILE E 150 19.46 -4.23 -15.01
C ILE E 150 19.35 -3.45 -16.33
N TYR E 151 18.87 -2.22 -16.22
CA TYR E 151 18.83 -1.25 -17.32
C TYR E 151 20.21 -1.11 -17.96
N GLY E 152 21.23 -0.92 -17.13
CA GLY E 152 22.62 -0.86 -17.59
C GLY E 152 23.07 -2.14 -18.27
N VAL E 153 22.85 -3.27 -17.62
CA VAL E 153 23.21 -4.58 -18.18
C VAL E 153 22.59 -4.79 -19.55
N SER E 154 21.32 -4.44 -19.68
CA SER E 154 20.60 -4.59 -20.94
C SER E 154 21.06 -3.60 -22.01
N LYS E 155 21.48 -2.41 -21.59
CA LYS E 155 21.98 -1.41 -22.53
C LYS E 155 23.36 -1.76 -23.08
N VAL E 156 24.16 -2.46 -22.26
CA VAL E 156 25.44 -2.98 -22.71
C VAL E 156 25.18 -4.07 -23.74
N HIS E 157 24.21 -4.93 -23.45
CA HIS E 157 23.78 -5.99 -24.34
C HIS E 157 23.25 -5.41 -25.66
N THR E 158 22.47 -4.33 -25.56
CA THR E 158 21.97 -3.59 -26.72
C THR E 158 23.10 -3.19 -27.67
N GLU E 159 24.15 -2.61 -27.10
CA GLU E 159 25.35 -2.18 -27.85
C GLU E 159 26.06 -3.36 -28.53
N LEU E 160 26.42 -4.37 -27.73
CA LEU E 160 27.17 -5.51 -28.24
C LEU E 160 26.41 -6.30 -29.30
N MET E 161 25.10 -6.48 -29.08
CA MET E 161 24.24 -7.22 -30.01
C MET E 161 24.01 -6.46 -31.30
N GLY E 162 23.67 -5.18 -31.15
CA GLY E 162 23.47 -4.29 -32.29
C GLY E 162 24.71 -4.22 -33.15
N GLU E 163 25.88 -4.13 -32.50
CA GLU E 163 27.15 -4.15 -33.20
C GLU E 163 27.41 -5.49 -33.86
N TYR E 164 27.11 -6.59 -33.15
CA TYR E 164 27.27 -7.93 -33.72
C TYR E 164 26.43 -8.13 -34.98
N TYR E 165 25.22 -7.57 -34.97
CA TYR E 165 24.32 -7.68 -36.10
C TYR E 165 24.81 -6.89 -37.32
N TYR E 166 25.67 -5.90 -37.08
CA TYR E 166 26.34 -5.18 -38.16
C TYR E 166 27.44 -6.00 -38.80
N TYR E 167 28.08 -6.87 -38.01
CA TYR E 167 29.20 -7.68 -38.50
C TYR E 167 28.77 -9.05 -39.03
N ARG E 168 27.73 -9.62 -38.44
CA ARG E 168 27.22 -10.92 -38.87
C ARG E 168 26.32 -10.76 -40.09
N TYR E 169 25.42 -9.78 -40.01
CA TYR E 169 24.58 -9.40 -41.14
C TYR E 169 24.96 -7.98 -41.53
N GLY E 170 24.24 -7.39 -42.49
CA GLY E 170 24.58 -6.04 -42.93
C GLY E 170 23.80 -4.98 -42.19
N LEU E 171 23.33 -5.31 -40.99
CA LEU E 171 22.39 -4.43 -40.29
C LEU E 171 23.01 -3.08 -39.93
N ASP E 172 22.41 -2.03 -40.48
CA ASP E 172 22.83 -0.67 -40.19
C ASP E 172 22.32 -0.28 -38.80
N PHE E 173 23.07 -0.71 -37.79
CA PHE E 173 22.81 -0.34 -36.42
C PHE E 173 23.60 0.92 -36.07
N ARG E 174 22.93 1.87 -35.41
CA ARG E 174 23.56 3.12 -34.97
C ARG E 174 23.11 3.45 -33.54
N CYS E 175 24.09 3.79 -32.69
CA CYS E 175 23.84 3.98 -31.26
C CYS E 175 24.52 5.22 -30.66
N LEU E 176 23.80 5.92 -29.79
CA LEU E 176 24.33 7.08 -29.08
C LEU E 176 24.07 6.99 -27.58
N ARG E 177 25.13 7.05 -26.78
CA ARG E 177 25.01 7.02 -25.32
C ARG E 177 24.57 8.36 -24.76
N TYR E 178 23.26 8.52 -24.56
CA TYR E 178 22.69 9.78 -24.08
C TYR E 178 23.06 10.12 -22.63
N PRO E 179 23.37 11.41 -22.37
CA PRO E 179 23.43 11.93 -21.00
C PRO E 179 22.03 12.12 -20.43
N GLY E 180 21.94 12.70 -19.23
CA GLY E 180 20.66 13.05 -18.64
C GLY E 180 19.99 14.16 -19.42
N ILE E 181 18.98 13.80 -20.22
CA ILE E 181 18.32 14.76 -21.09
C ILE E 181 17.35 15.65 -20.31
N ILE E 182 17.41 16.95 -20.61
CA ILE E 182 16.57 17.94 -19.96
C ILE E 182 15.46 18.39 -20.91
N SER E 183 14.22 18.33 -20.42
CA SER E 183 13.05 18.76 -21.18
C SER E 183 12.13 19.63 -20.33
N ALA E 184 11.63 20.71 -20.91
CA ALA E 184 10.67 21.59 -20.25
C ALA E 184 9.27 21.00 -20.34
N ASP E 185 8.95 20.45 -21.52
CA ASP E 185 7.64 19.83 -21.79
C ASP E 185 7.40 18.62 -20.89
N SER E 186 8.46 18.12 -20.27
CA SER E 186 8.39 17.07 -19.27
C SER E 186 8.25 17.67 -17.88
N PRO E 188 6.87 14.48 -15.38
CA PRO E 188 6.54 13.10 -15.02
C PRO E 188 7.78 12.24 -14.80
N GLY E 189 7.62 11.15 -14.06
CA GLY E 189 8.72 10.21 -13.79
C GLY E 189 9.60 10.59 -12.61
N GLY E 190 10.52 9.69 -12.26
CA GLY E 190 11.44 9.91 -11.15
C GLY E 190 12.79 9.25 -11.37
N GLY E 191 13.54 9.74 -12.35
CA GLY E 191 14.89 9.25 -12.64
C GLY E 191 15.95 9.88 -11.76
N THR E 192 17.21 9.65 -12.10
CA THR E 192 18.34 10.14 -11.30
C THR E 192 18.72 11.57 -11.69
N THR E 193 18.62 11.88 -12.98
CA THR E 193 18.91 13.22 -13.48
C THR E 193 17.64 14.09 -13.44
N ASP E 194 16.63 13.57 -12.77
CA ASP E 194 15.31 14.18 -12.69
C ASP E 194 15.28 15.44 -11.83
N TYR E 195 16.36 15.68 -11.08
CA TYR E 195 16.45 16.86 -10.23
C TYR E 195 16.56 18.15 -11.05
N ALA E 196 17.12 18.05 -12.25
CA ALA E 196 17.35 19.22 -13.11
C ALA E 196 16.15 19.57 -13.99
N VAL E 197 15.13 18.71 -13.96
CA VAL E 197 13.85 19.00 -14.64
C VAL E 197 12.90 19.64 -13.63
N GLN E 198 12.94 19.16 -12.39
CA GLN E 198 12.07 19.65 -11.32
C GLN E 198 12.55 20.98 -10.73
N ILE E 199 13.80 21.35 -11.01
CA ILE E 199 14.41 22.55 -10.45
C ILE E 199 13.90 23.86 -11.09
N PHE E 200 13.45 23.78 -12.34
CA PHE E 200 12.92 24.93 -13.05
C PHE E 200 11.45 25.20 -12.72
N HIS E 201 10.72 24.14 -12.37
CA HIS E 201 9.32 24.24 -11.93
C HIS E 201 9.20 25.00 -10.61
N ALA E 202 10.09 24.69 -9.68
CA ALA E 202 10.10 25.32 -8.36
C ALA E 202 10.72 26.72 -8.37
N ALA E 203 11.49 27.03 -9.41
CA ALA E 203 12.11 28.34 -9.57
C ALA E 203 11.10 29.44 -9.89
N ALA E 204 9.93 29.03 -10.39
CA ALA E 204 8.85 29.96 -10.74
C ALA E 204 7.63 29.81 -9.82
N LYS E 205 7.41 28.60 -9.31
CA LYS E 205 6.28 28.30 -8.43
C LYS E 205 6.44 28.87 -7.02
N ASN E 206 7.59 28.59 -6.40
CA ASN E 206 7.86 29.03 -5.03
C ASN E 206 9.15 29.84 -4.87
N GLY E 207 10.23 29.36 -5.48
CA GLY E 207 11.55 29.97 -5.33
C GLY E 207 12.46 29.17 -4.43
N THR E 208 12.00 27.99 -4.02
CA THR E 208 12.74 27.10 -3.14
C THR E 208 12.66 25.65 -3.65
N PHE E 209 13.79 24.93 -3.56
CA PHE E 209 13.88 23.59 -4.14
C PHE E 209 14.63 22.60 -3.23
N GLU E 210 13.98 21.46 -2.96
CA GLU E 210 14.59 20.38 -2.21
C GLU E 210 15.18 19.34 -3.18
N CYS E 211 16.50 19.34 -3.29
CA CYS E 211 17.22 18.41 -4.18
C CYS E 211 17.37 17.04 -3.52
N ASN E 212 17.64 16.02 -4.34
CA ASN E 212 17.83 14.65 -3.85
C ASN E 212 19.18 14.01 -4.24
N LEU E 213 20.18 14.85 -4.48
CA LEU E 213 21.56 14.41 -4.70
C LEU E 213 22.53 15.36 -3.99
N GLU E 214 23.73 14.88 -3.67
CA GLU E 214 24.76 15.70 -3.02
C GLU E 214 25.08 16.97 -3.82
N ALA E 215 25.42 18.04 -3.09
CA ALA E 215 25.67 19.36 -3.69
C ALA E 215 26.77 19.38 -4.74
N GLY E 216 27.73 18.46 -4.63
CA GLY E 216 28.85 18.40 -5.55
C GLY E 216 28.98 17.09 -6.30
N THR E 217 27.85 16.58 -6.81
CA THR E 217 27.84 15.37 -7.65
C THR E 217 27.70 15.73 -9.13
N ARG E 218 28.76 15.47 -9.90
CA ARG E 218 28.78 15.79 -11.32
C ARG E 218 28.20 14.65 -12.16
N LEU E 219 27.44 15.02 -13.19
CA LEU E 219 26.86 14.09 -14.14
C LEU E 219 26.76 14.76 -15.51
N PRO E 220 26.95 13.98 -16.61
CA PRO E 220 26.76 14.54 -17.95
C PRO E 220 25.28 14.79 -18.22
N MET E 221 24.96 15.99 -18.70
CA MET E 221 23.58 16.37 -19.01
C MET E 221 23.53 17.03 -20.38
N MET E 222 22.32 17.19 -20.92
CA MET E 222 22.12 17.75 -22.26
C MET E 222 20.69 18.22 -22.49
N TYR E 223 20.53 19.34 -23.19
CA TYR E 223 19.21 19.82 -23.58
C TYR E 223 18.64 18.97 -24.72
N ILE E 224 17.31 18.84 -24.73
CA ILE E 224 16.61 17.96 -25.68
C ILE E 224 16.89 18.29 -27.16
N SER E 225 16.99 19.57 -27.50
CA SER E 225 17.32 20.00 -28.87
C SER E 225 18.62 19.38 -29.37
N ASP E 226 19.63 19.36 -28.50
CA ASP E 226 20.93 18.76 -28.82
C ASP E 226 20.82 17.26 -29.03
N CYS E 227 20.17 16.59 -28.07
CA CYS E 227 19.94 15.14 -28.12
C CYS E 227 19.24 14.68 -29.39
N LEU E 228 18.16 15.39 -29.75
CA LEU E 228 17.36 15.00 -30.91
C LEU E 228 18.05 15.27 -32.23
N ARG E 229 18.72 16.42 -32.34
CA ARG E 229 19.47 16.78 -33.54
C ARG E 229 20.62 15.80 -33.79
N ALA E 230 21.35 15.46 -32.72
CA ALA E 230 22.44 14.49 -32.80
C ALA E 230 21.97 13.14 -33.35
N THR E 231 20.76 12.76 -32.96
CA THR E 231 20.13 11.51 -33.35
C THR E 231 19.86 11.47 -34.86
N LEU E 232 19.34 12.56 -35.39
CA LEU E 232 19.10 12.69 -36.83
C LEU E 232 20.42 12.75 -37.60
N GLU E 233 21.36 13.55 -37.09
CA GLU E 233 22.66 13.75 -37.75
C GLU E 233 23.48 12.48 -37.91
N VAL E 234 23.43 11.59 -36.90
CA VAL E 234 24.14 10.31 -36.99
C VAL E 234 23.39 9.32 -37.87
N MET E 235 22.08 9.48 -37.98
CA MET E 235 21.24 8.63 -38.84
C MET E 235 21.30 9.03 -40.31
N GLU E 236 21.47 10.33 -40.56
CA GLU E 236 21.68 10.84 -41.91
C GLU E 236 23.15 10.75 -42.32
N ALA E 237 24.03 10.62 -41.34
CA ALA E 237 25.47 10.53 -41.57
C ALA E 237 25.82 9.42 -42.56
N PRO E 238 26.80 9.68 -43.45
CA PRO E 238 27.32 8.69 -44.39
C PRO E 238 27.81 7.43 -43.67
N ALA E 239 27.60 6.28 -44.30
CA ALA E 239 27.96 4.99 -43.72
C ALA E 239 29.47 4.79 -43.58
N GLU E 240 30.23 5.35 -44.53
CA GLU E 240 31.68 5.14 -44.57
C GLU E 240 32.46 5.86 -43.48
N ARG E 241 31.93 6.99 -43.01
CA ARG E 241 32.63 7.83 -42.02
C ARG E 241 32.54 7.31 -40.58
N LEU E 242 31.69 6.32 -40.35
CA LEU E 242 31.49 5.76 -39.01
C LEU E 242 32.41 4.58 -38.71
N SER E 243 33.47 4.86 -37.94
CA SER E 243 34.46 3.85 -37.57
C SER E 243 33.94 2.87 -36.52
N MET E 244 32.98 3.34 -35.73
CA MET E 244 32.30 2.51 -34.74
C MET E 244 30.81 2.83 -34.72
N ARG E 245 30.01 1.91 -34.18
CA ARG E 245 28.55 2.03 -34.20
C ARG E 245 27.94 2.55 -32.91
N THR E 246 28.76 2.70 -31.87
CA THR E 246 28.31 3.25 -30.61
C THR E 246 29.17 4.44 -30.20
N TYR E 247 28.56 5.63 -30.22
CA TYR E 247 29.25 6.87 -29.88
C TYR E 247 28.72 7.46 -28.59
N ASN E 248 29.62 8.00 -27.77
CA ASN E 248 29.23 8.91 -26.71
C ASN E 248 28.81 10.23 -27.33
N ILE E 249 27.90 10.92 -26.67
CA ILE E 249 27.43 12.21 -27.12
C ILE E 249 27.42 13.16 -25.92
N SER E 250 28.11 14.28 -26.04
CA SER E 250 28.29 15.18 -24.90
C SER E 250 27.94 16.65 -25.16
N ALA E 251 27.52 17.32 -24.10
CA ALA E 251 27.21 18.75 -24.13
C ALA E 251 27.85 19.47 -22.94
N MET E 252 27.46 19.06 -21.74
CA MET E 252 27.92 19.68 -20.50
C MET E 252 27.98 18.65 -19.37
N SER E 253 28.55 19.05 -18.24
CA SER E 253 28.59 18.23 -17.04
C SER E 253 28.60 19.14 -15.81
N PHE E 254 27.51 19.13 -15.05
CA PHE E 254 27.38 20.04 -13.92
C PHE E 254 26.95 19.40 -12.59
N THR E 255 27.29 20.08 -11.50
CA THR E 255 26.83 19.75 -10.16
C THR E 255 25.63 20.65 -9.83
N PRO E 256 24.74 20.21 -8.92
CA PRO E 256 23.60 21.03 -8.47
C PRO E 256 23.97 22.46 -8.04
N GLU E 257 25.15 22.62 -7.42
CA GLU E 257 25.67 23.93 -7.00
C GLU E 257 25.94 24.83 -8.22
N GLU E 258 26.55 24.26 -9.25
CA GLU E 258 26.84 24.98 -10.50
C GLU E 258 25.57 25.26 -11.30
N LEU E 259 24.57 24.39 -11.12
CA LEU E 259 23.25 24.59 -11.71
C LEU E 259 22.56 25.78 -11.06
N ALA E 260 22.80 25.96 -9.75
CA ALA E 260 22.28 27.11 -9.01
C ALA E 260 23.03 28.39 -9.36
N GLN E 261 24.31 28.25 -9.76
CA GLN E 261 25.14 29.37 -10.17
C GLN E 261 24.54 30.11 -11.38
N ALA E 262 24.12 29.35 -12.39
CA ALA E 262 23.54 29.92 -13.60
C ALA E 262 22.09 30.36 -13.42
N LEU E 263 21.40 29.77 -12.44
CA LEU E 263 20.01 30.12 -12.13
C LEU E 263 19.89 31.50 -11.49
N ARG E 264 20.84 31.83 -10.62
CA ARG E 264 20.86 33.12 -9.92
C ARG E 264 21.32 34.27 -10.84
N LYS E 265 21.70 33.93 -12.06
CA LYS E 265 22.03 34.92 -13.09
C LYS E 265 20.75 35.47 -13.74
N HIS E 266 19.60 34.92 -13.36
CA HIS E 266 18.30 35.37 -13.86
C HIS E 266 17.31 35.64 -12.72
N ALA E 267 17.25 34.74 -11.75
CA ALA E 267 16.39 34.91 -10.57
C ALA E 267 17.20 34.68 -9.29
N PRO E 268 17.51 35.77 -8.57
CA PRO E 268 18.33 35.69 -7.35
C PRO E 268 17.53 35.23 -6.11
N ASP E 269 16.24 34.96 -6.31
CA ASP E 269 15.35 34.51 -5.24
C ASP E 269 15.61 33.05 -4.84
N PHE E 270 16.24 32.31 -5.75
CA PHE E 270 16.36 30.86 -5.64
C PHE E 270 17.34 30.39 -4.56
N GLN E 271 16.93 29.34 -3.85
CA GLN E 271 17.77 28.68 -2.85
C GLN E 271 17.59 27.16 -2.91
N ILE E 272 18.63 26.44 -2.50
CA ILE E 272 18.67 24.97 -2.58
C ILE E 272 18.75 24.34 -1.19
N THR E 273 17.95 23.31 -0.97
CA THR E 273 18.05 22.49 0.24
C THR E 273 18.30 21.04 -0.14
N TYR E 274 19.24 20.40 0.56
CA TYR E 274 19.71 19.07 0.18
C TYR E 274 19.22 17.95 1.12
N CYS E 275 18.29 17.15 0.62
CA CYS E 275 17.83 15.96 1.30
C CYS E 275 18.19 14.75 0.44
N VAL E 276 19.40 14.23 0.64
CA VAL E 276 19.98 13.18 -0.21
C VAL E 276 19.15 11.90 -0.23
N ASP E 277 18.60 11.58 -1.40
CA ASP E 277 17.90 10.34 -1.62
C ASP E 277 18.93 9.21 -1.70
N PRO E 278 18.80 8.20 -0.81
CA PRO E 278 19.81 7.13 -0.71
C PRO E 278 19.87 6.23 -1.94
N LEU E 279 18.70 5.87 -2.49
CA LEU E 279 18.57 4.92 -3.60
C LEU E 279 19.25 5.42 -4.87
N ARG E 280 19.13 6.73 -5.12
CA ARG E 280 19.56 7.34 -6.38
C ARG E 280 20.97 7.94 -6.31
N GLN E 281 21.42 8.25 -5.09
CA GLN E 281 22.78 8.76 -4.88
C GLN E 281 23.81 7.67 -5.16
N ALA E 282 23.48 6.44 -4.81
CA ALA E 282 24.36 5.28 -5.01
C ALA E 282 24.60 5.00 -6.50
N ILE E 283 23.52 5.04 -7.29
CA ILE E 283 23.61 4.80 -8.73
C ILE E 283 24.17 6.00 -9.50
N ALA E 284 24.05 7.20 -8.91
CA ALA E 284 24.67 8.39 -9.48
C ALA E 284 26.20 8.36 -9.32
N GLU E 285 26.67 7.72 -8.24
CA GLU E 285 28.09 7.57 -7.98
C GLU E 285 28.71 6.41 -8.77
N SER E 286 27.86 5.55 -9.33
CA SER E 286 28.32 4.44 -10.18
C SER E 286 28.41 4.87 -11.65
N TRP E 287 27.83 6.03 -11.95
CA TRP E 287 27.85 6.61 -13.28
C TRP E 287 29.02 7.60 -13.44
N PRO E 288 29.51 7.77 -14.68
CA PRO E 288 30.60 8.72 -14.93
C PRO E 288 30.15 10.17 -14.72
N MET E 289 31.12 11.07 -14.54
CA MET E 289 30.85 12.49 -14.35
C MET E 289 30.91 13.26 -15.66
N ILE E 290 31.78 12.82 -16.57
CA ILE E 290 31.98 13.46 -17.87
C ILE E 290 32.05 12.42 -18.97
N LEU E 291 31.33 12.67 -20.06
CA LEU E 291 31.35 11.81 -21.24
C LEU E 291 32.26 12.37 -22.32
N ASP E 292 33.26 11.59 -22.71
CA ASP E 292 34.18 11.98 -23.76
C ASP E 292 33.62 11.59 -25.14
N ASP E 293 33.29 12.60 -25.94
CA ASP E 293 32.69 12.36 -27.26
C ASP E 293 33.60 12.73 -28.43
N SER E 294 34.91 12.47 -28.27
CA SER E 294 35.90 12.80 -29.30
C SER E 294 35.55 12.23 -30.67
N ASN E 295 35.22 10.94 -30.70
CA ASN E 295 34.92 10.25 -31.96
C ASN E 295 33.66 10.75 -32.64
N ALA E 296 32.71 11.24 -31.84
CA ALA E 296 31.46 11.79 -32.39
C ALA E 296 31.73 13.07 -33.14
N ARG E 297 32.57 13.93 -32.59
CA ARG E 297 32.92 15.22 -33.19
C ARG E 297 33.89 15.05 -34.38
N LYS E 298 34.60 13.94 -34.39
CA LYS E 298 35.59 13.63 -35.43
C LYS E 298 34.94 12.99 -36.67
N ASP E 299 34.14 11.94 -36.45
CA ASP E 299 33.58 11.14 -37.54
C ASP E 299 32.40 11.81 -38.24
N TRP E 300 31.61 12.54 -37.47
CA TRP E 300 30.53 13.36 -38.03
C TRP E 300 30.50 14.72 -37.33
N GLY E 301 29.91 15.72 -37.98
CA GLY E 301 29.96 17.10 -37.47
C GLY E 301 29.12 17.34 -36.24
N TRP E 302 29.56 16.81 -35.10
CA TRP E 302 28.83 16.97 -33.84
C TRP E 302 29.33 18.11 -32.97
N LYS E 303 28.44 19.07 -32.71
CA LYS E 303 28.69 20.17 -31.79
C LYS E 303 27.38 20.42 -31.05
N HIS E 304 27.45 20.51 -29.72
CA HIS E 304 26.30 20.93 -28.94
C HIS E 304 26.08 22.43 -29.14
N ASP E 305 24.82 22.85 -29.18
CA ASP E 305 24.48 24.26 -29.36
C ASP E 305 24.03 24.88 -28.04
N PHE E 306 23.88 24.03 -27.02
CA PHE E 306 23.41 24.47 -25.71
C PHE E 306 24.42 24.21 -24.60
N ASP E 307 24.91 25.29 -24.00
CA ASP E 307 25.71 25.22 -22.78
C ASP E 307 24.78 25.44 -21.60
N LEU E 308 25.30 25.25 -20.39
CA LEU E 308 24.51 25.46 -19.18
C LEU E 308 23.94 26.89 -19.10
N PRO E 309 24.76 27.93 -19.36
CA PRO E 309 24.22 29.29 -19.32
C PRO E 309 22.98 29.49 -20.20
N GLU E 310 23.01 28.94 -21.41
CA GLU E 310 21.94 29.10 -22.39
C GLU E 310 20.84 28.02 -22.29
N LEU E 311 21.15 26.92 -21.61
CA LEU E 311 20.17 25.90 -21.27
C LEU E 311 19.12 26.51 -20.34
N VAL E 312 19.59 27.20 -19.30
CA VAL E 312 18.75 27.84 -18.31
C VAL E 312 17.83 28.89 -18.95
N ALA E 313 18.39 29.64 -19.90
CA ALA E 313 17.65 30.71 -20.59
C ALA E 313 16.42 30.19 -21.35
N THR E 314 16.56 29.02 -21.98
CA THR E 314 15.48 28.42 -22.75
C THR E 314 14.40 27.82 -21.83
N MET E 315 14.85 27.15 -20.76
CA MET E 315 13.95 26.49 -19.82
C MET E 315 13.05 27.47 -19.07
N LEU E 316 13.60 28.64 -18.74
CA LEU E 316 12.85 29.67 -18.02
C LEU E 316 11.85 30.42 -18.90
N ASN E 317 11.92 30.20 -20.21
CA ASN E 317 10.97 30.79 -21.15
C ASN E 317 9.59 30.15 -21.11
N PHE E 318 9.54 28.91 -20.62
CA PHE E 318 8.28 28.17 -20.54
C PHE E 318 7.73 28.12 -19.10
N HIS E 319 8.04 29.17 -18.34
CA HIS E 319 7.56 29.30 -16.96
C HIS E 319 7.19 30.75 -16.63
N PRO F 11 26.53 -31.90 2.77
CA PRO F 11 26.93 -32.36 1.45
C PRO F 11 25.89 -31.98 0.39
N PRO F 12 26.31 -31.19 -0.63
CA PRO F 12 25.40 -30.59 -1.62
C PRO F 12 24.78 -31.58 -2.60
N ARG F 13 23.67 -31.17 -3.22
CA ARG F 13 23.02 -31.92 -4.29
C ARG F 13 23.22 -31.16 -5.59
N VAL F 14 23.77 -31.86 -6.58
CA VAL F 14 24.28 -31.22 -7.78
C VAL F 14 23.47 -31.54 -9.04
N LEU F 15 23.07 -30.50 -9.75
CA LEU F 15 22.51 -30.64 -11.08
C LEU F 15 23.48 -30.06 -12.11
N ILE F 16 23.97 -30.93 -12.99
CA ILE F 16 24.77 -30.48 -14.12
C ILE F 16 23.88 -30.33 -15.34
N THR F 17 23.75 -29.09 -15.80
CA THR F 17 22.96 -28.75 -16.98
C THR F 17 23.75 -29.01 -18.27
N GLY F 18 23.09 -29.60 -19.26
CA GLY F 18 23.71 -29.87 -20.56
C GLY F 18 25.12 -30.44 -20.41
N GLY F 19 25.21 -31.60 -19.78
CA GLY F 19 26.50 -32.20 -19.46
C GLY F 19 26.77 -33.53 -20.14
N LEU F 20 26.51 -33.60 -21.44
CA LEU F 20 26.86 -34.78 -22.23
C LEU F 20 27.95 -34.44 -23.23
N GLY F 21 28.35 -33.16 -23.25
CA GLY F 21 29.41 -32.69 -24.12
C GLY F 21 30.80 -33.10 -23.65
N GLN F 22 31.79 -32.33 -24.08
CA GLN F 22 33.20 -32.61 -23.77
C GLN F 22 33.47 -32.57 -22.25
N LEU F 23 32.97 -31.53 -21.59
CA LEU F 23 33.29 -31.26 -20.20
C LEU F 23 32.35 -31.92 -19.19
N GLY F 24 31.10 -32.13 -19.60
CA GLY F 24 30.04 -32.58 -18.70
C GLY F 24 30.26 -33.89 -17.98
N VAL F 25 30.55 -34.94 -18.75
CA VAL F 25 30.75 -36.29 -18.19
C VAL F 25 31.93 -36.34 -17.21
N GLY F 26 32.98 -35.57 -17.52
CA GLY F 26 34.17 -35.48 -16.66
C GLY F 26 33.84 -34.86 -15.31
N LEU F 27 33.30 -33.63 -15.33
CA LEU F 27 32.90 -32.93 -14.11
C LEU F 27 31.98 -33.79 -13.23
N ALA F 28 31.11 -34.56 -13.88
CA ALA F 28 30.22 -35.48 -13.19
C ALA F 28 30.99 -36.52 -12.37
N ASN F 29 32.00 -37.12 -12.99
CA ASN F 29 32.80 -38.18 -12.38
C ASN F 29 33.62 -37.72 -11.18
N LEU F 30 34.05 -36.47 -11.20
CA LEU F 30 34.80 -35.88 -10.10
C LEU F 30 33.89 -35.75 -8.87
N LEU F 31 32.74 -35.09 -9.07
CA LEU F 31 31.79 -34.79 -7.99
C LEU F 31 31.08 -36.04 -7.43
N ARG F 32 30.85 -37.04 -8.29
CA ARG F 32 30.24 -38.30 -7.86
C ARG F 32 31.17 -39.13 -6.95
N LYS F 33 32.46 -38.83 -6.98
CA LYS F 33 33.41 -39.42 -6.05
C LYS F 33 33.57 -38.54 -4.82
N ARG F 34 33.57 -37.22 -5.05
CA ARG F 34 33.76 -36.22 -4.00
C ARG F 34 32.54 -36.07 -3.08
N PHE F 35 31.35 -36.00 -3.66
CA PHE F 35 30.11 -35.79 -2.91
C PHE F 35 29.18 -37.00 -2.84
N GLY F 36 29.52 -38.07 -3.56
CA GLY F 36 28.70 -39.27 -3.57
C GLY F 36 27.91 -39.43 -4.86
N LYS F 37 27.73 -40.69 -5.27
CA LYS F 37 27.15 -41.04 -6.57
C LYS F 37 25.80 -40.39 -6.83
N ASP F 38 24.82 -40.67 -5.97
CA ASP F 38 23.44 -40.23 -6.18
C ASP F 38 23.18 -38.79 -5.72
N ASN F 39 24.25 -38.02 -5.53
CA ASN F 39 24.11 -36.61 -5.15
C ASN F 39 24.49 -35.66 -6.27
N VAL F 40 24.75 -36.23 -7.45
CA VAL F 40 25.03 -35.46 -8.67
C VAL F 40 24.12 -35.96 -9.79
N ILE F 41 23.33 -35.04 -10.36
CA ILE F 41 22.40 -35.38 -11.41
C ILE F 41 22.83 -34.78 -12.74
N LEU F 42 22.95 -35.65 -13.74
CA LEU F 42 23.38 -35.28 -15.08
C LEU F 42 22.17 -35.05 -15.98
N SER F 43 22.19 -33.98 -16.77
CA SER F 43 21.05 -33.61 -17.59
C SER F 43 21.46 -33.09 -18.97
N ASP F 44 20.62 -33.39 -19.97
CA ASP F 44 20.81 -32.90 -21.32
C ASP F 44 19.51 -33.08 -22.14
N ILE F 45 19.54 -32.66 -23.40
CA ILE F 45 18.43 -32.88 -24.34
C ILE F 45 18.63 -34.08 -25.25
N ARG F 46 19.82 -34.69 -25.22
CA ARG F 46 20.16 -35.81 -26.09
C ARG F 46 20.09 -37.14 -25.34
N LYS F 47 20.02 -38.25 -26.09
CA LYS F 47 20.14 -39.58 -25.48
C LYS F 47 21.59 -39.83 -25.06
N PRO F 48 21.81 -40.24 -23.80
CA PRO F 48 23.15 -40.54 -23.31
C PRO F 48 23.58 -41.99 -23.62
N PRO F 49 24.90 -42.22 -23.83
CA PRO F 49 25.38 -43.59 -23.98
C PRO F 49 25.19 -44.40 -22.69
N ALA F 50 24.86 -45.68 -22.84
CA ALA F 50 24.61 -46.58 -21.71
C ALA F 50 25.56 -46.37 -20.54
N HIS F 51 26.85 -46.30 -20.84
CA HIS F 51 27.91 -46.12 -19.84
C HIS F 51 27.66 -44.95 -18.90
N VAL F 52 27.30 -43.80 -19.45
CA VAL F 52 27.10 -42.58 -18.64
C VAL F 52 25.70 -42.50 -18.05
N PHE F 53 24.77 -43.28 -18.61
CA PHE F 53 23.43 -43.42 -18.04
C PHE F 53 23.48 -44.19 -16.73
N HIS F 54 24.46 -45.07 -16.60
CA HIS F 54 24.59 -45.94 -15.43
C HIS F 54 25.64 -45.46 -14.41
N SER F 55 26.33 -44.38 -14.75
CA SER F 55 27.31 -43.75 -13.84
C SER F 55 26.64 -43.13 -12.62
N GLY F 56 25.34 -42.89 -12.74
CA GLY F 56 24.54 -42.27 -11.69
C GLY F 56 23.20 -41.84 -12.25
N PRO F 57 22.49 -40.95 -11.53
CA PRO F 57 21.17 -40.51 -11.99
C PRO F 57 21.27 -39.57 -13.19
N PHE F 58 20.57 -39.92 -14.27
CA PHE F 58 20.45 -39.07 -15.45
C PHE F 58 18.99 -38.72 -15.71
N VAL F 59 18.76 -37.48 -16.14
CA VAL F 59 17.42 -36.95 -16.33
C VAL F 59 17.38 -36.03 -17.56
N TYR F 60 16.26 -36.04 -18.29
CA TYR F 60 16.08 -35.13 -19.41
C TYR F 60 15.76 -33.72 -18.91
N ALA F 61 16.49 -32.73 -19.43
CA ALA F 61 16.25 -31.33 -19.07
C ALA F 61 16.57 -30.37 -20.20
N ASN F 62 15.53 -29.74 -20.72
CA ASN F 62 15.67 -28.71 -21.73
C ASN F 62 15.64 -27.34 -21.07
N ILE F 63 16.76 -26.64 -21.17
CA ILE F 63 16.97 -25.36 -20.49
C ILE F 63 16.00 -24.26 -20.93
N LEU F 64 15.39 -24.45 -22.11
CA LEU F 64 14.38 -23.53 -22.62
C LEU F 64 13.00 -23.75 -21.99
N ASP F 65 12.88 -24.81 -21.19
CA ASP F 65 11.64 -25.12 -20.47
C ASP F 65 11.75 -24.66 -19.02
N TYR F 66 11.38 -23.42 -18.77
CA TYR F 66 11.46 -22.83 -17.44
C TYR F 66 10.69 -23.61 -16.37
N LYS F 67 9.50 -24.08 -16.72
CA LYS F 67 8.67 -24.88 -15.81
C LYS F 67 9.34 -26.19 -15.39
N SER F 68 10.09 -26.80 -16.31
CA SER F 68 10.77 -28.07 -16.07
C SER F 68 11.93 -27.96 -15.08
N LEU F 69 12.66 -26.85 -15.17
CA LEU F 69 13.79 -26.60 -14.28
C LEU F 69 13.37 -26.54 -12.81
N ARG F 70 12.28 -25.83 -12.53
CA ARG F 70 11.77 -25.73 -11.17
C ARG F 70 11.39 -27.10 -10.63
N GLU F 71 10.70 -27.90 -11.45
CA GLU F 71 10.33 -29.27 -11.08
C GLU F 71 11.55 -30.04 -10.59
N ILE F 72 12.62 -30.00 -11.38
CA ILE F 72 13.83 -30.77 -11.11
C ILE F 72 14.57 -30.21 -9.89
N VAL F 73 14.73 -28.89 -9.85
CA VAL F 73 15.44 -28.23 -8.77
C VAL F 73 14.76 -28.43 -7.42
N VAL F 74 13.43 -28.43 -7.41
CA VAL F 74 12.67 -28.67 -6.19
C VAL F 74 12.66 -30.15 -5.80
N ASN F 75 12.24 -31.01 -6.72
CA ASN F 75 12.09 -32.44 -6.41
C ASN F 75 13.37 -33.13 -5.97
N HIS F 76 14.50 -32.71 -6.53
CA HIS F 76 15.79 -33.33 -6.23
C HIS F 76 16.57 -32.55 -5.18
N ARG F 77 16.02 -31.42 -4.76
CA ARG F 77 16.57 -30.61 -3.68
C ARG F 77 17.97 -30.09 -4.04
N ILE F 78 18.09 -29.53 -5.24
CA ILE F 78 19.37 -29.07 -5.78
C ILE F 78 19.88 -27.82 -5.05
N SER F 79 21.13 -27.87 -4.59
CA SER F 79 21.78 -26.72 -3.97
C SER F 79 22.91 -26.15 -4.83
N TRP F 80 23.44 -26.99 -5.73
CA TRP F 80 24.52 -26.63 -6.63
C TRP F 80 24.13 -26.92 -8.08
N LEU F 81 24.24 -25.90 -8.93
CA LEU F 81 23.95 -26.08 -10.36
C LEU F 81 25.13 -25.68 -11.24
N PHE F 82 25.49 -26.55 -12.16
CA PHE F 82 26.53 -26.28 -13.14
C PHE F 82 25.92 -26.12 -14.54
N HIS F 83 25.88 -24.89 -15.02
CA HIS F 83 25.21 -24.55 -16.29
C HIS F 83 26.13 -24.74 -17.49
N TYR F 84 26.16 -25.97 -18.00
CA TYR F 84 27.12 -26.35 -19.05
C TYR F 84 26.51 -26.40 -20.45
N SER F 85 25.19 -26.24 -20.55
CA SER F 85 24.51 -26.31 -21.84
C SER F 85 24.70 -25.03 -22.65
N ALA F 86 25.23 -25.17 -23.85
CA ALA F 86 25.44 -24.06 -24.76
C ALA F 86 25.53 -24.52 -26.21
N LEU F 87 25.55 -23.55 -27.12
CA LEU F 87 25.99 -23.78 -28.49
C LEU F 87 27.27 -22.96 -28.69
N LEU F 88 28.33 -23.64 -29.10
CA LEU F 88 29.66 -23.03 -29.24
C LEU F 88 29.77 -22.17 -30.50
N SER F 89 30.88 -21.43 -30.61
CA SER F 89 31.11 -20.46 -31.69
C SER F 89 31.00 -21.02 -33.12
N ALA F 90 31.28 -22.31 -33.29
CA ALA F 90 31.20 -22.95 -34.59
C ALA F 90 29.75 -23.04 -35.09
N VAL F 91 28.92 -23.76 -34.35
CA VAL F 91 27.53 -24.00 -34.73
C VAL F 91 26.63 -22.77 -34.52
N GLY F 92 27.00 -21.92 -33.56
CA GLY F 92 26.22 -20.74 -33.20
C GLY F 92 26.07 -19.69 -34.29
N GLU F 93 27.12 -19.48 -35.05
CA GLU F 93 27.13 -18.48 -36.13
C GLU F 93 26.27 -18.92 -37.31
N ALA F 94 26.09 -20.23 -37.45
CA ALA F 94 25.22 -20.78 -38.48
C ALA F 94 23.74 -20.61 -38.13
N ASN F 95 23.40 -20.77 -36.85
CA ASN F 95 22.02 -20.66 -36.39
C ASN F 95 21.90 -19.61 -35.29
N VAL F 96 21.84 -18.34 -35.69
CA VAL F 96 21.90 -17.20 -34.76
C VAL F 96 20.70 -17.15 -33.81
N SER F 97 19.50 -17.29 -34.36
CA SER F 97 18.27 -17.29 -33.56
C SER F 97 18.27 -18.38 -32.49
N LEU F 98 18.65 -19.59 -32.88
CA LEU F 98 18.70 -20.72 -31.95
C LEU F 98 19.73 -20.53 -30.84
N ALA F 99 20.95 -20.14 -31.22
CA ALA F 99 22.04 -19.90 -30.27
C ALA F 99 21.71 -18.79 -29.29
N ARG F 100 21.01 -17.77 -29.76
CA ARG F 100 20.51 -16.69 -28.91
C ARG F 100 19.50 -17.23 -27.90
N ASP F 101 18.59 -18.10 -28.36
CA ASP F 101 17.59 -18.74 -27.49
C ASP F 101 18.23 -19.58 -26.39
N VAL F 102 19.12 -20.50 -26.78
CA VAL F 102 19.72 -21.44 -25.84
C VAL F 102 20.63 -20.73 -24.83
N ASN F 103 21.50 -19.85 -25.32
CA ASN F 103 22.48 -19.19 -24.46
C ASN F 103 21.89 -18.13 -23.54
N ILE F 104 20.99 -17.31 -24.05
CA ILE F 104 20.47 -16.16 -23.32
C ILE F 104 19.17 -16.45 -22.57
N THR F 105 18.13 -16.90 -23.30
CA THR F 105 16.88 -17.31 -22.66
C THR F 105 17.18 -18.40 -21.64
N GLY F 106 17.97 -19.39 -22.06
CA GLY F 106 18.42 -20.45 -21.18
C GLY F 106 19.06 -19.94 -19.91
N LEU F 107 19.92 -18.93 -20.04
CA LEU F 107 20.59 -18.32 -18.89
C LEU F 107 19.59 -17.67 -17.93
N HIS F 108 18.67 -16.88 -18.49
CA HIS F 108 17.65 -16.22 -17.68
C HIS F 108 16.86 -17.24 -16.86
N ASN F 109 16.50 -18.36 -17.49
CA ASN F 109 15.83 -19.44 -16.78
C ASN F 109 16.67 -19.94 -15.62
N VAL F 110 17.91 -20.32 -15.92
CA VAL F 110 18.83 -20.87 -14.93
C VAL F 110 19.13 -19.87 -13.81
N LEU F 111 19.23 -18.59 -14.17
CA LEU F 111 19.35 -17.52 -13.19
C LEU F 111 18.13 -17.46 -12.27
N ASP F 112 16.95 -17.35 -12.89
CA ASP F 112 15.68 -17.23 -12.17
C ASP F 112 15.43 -18.37 -11.20
N VAL F 113 15.83 -19.57 -11.59
CA VAL F 113 15.61 -20.76 -10.79
C VAL F 113 16.53 -20.77 -9.57
N ALA F 114 17.83 -20.61 -9.81
CA ALA F 114 18.85 -20.58 -8.76
C ALA F 114 18.62 -19.47 -7.73
N ALA F 115 18.10 -18.34 -8.19
CA ALA F 115 17.72 -17.22 -7.32
C ALA F 115 16.57 -17.60 -6.40
N GLU F 116 15.51 -18.15 -6.98
CA GLU F 116 14.28 -18.46 -6.23
C GLU F 116 14.43 -19.65 -5.27
N TYR F 117 15.45 -20.48 -5.48
CA TYR F 117 15.63 -21.68 -4.65
C TYR F 117 16.97 -21.71 -3.92
N ASN F 118 17.63 -20.55 -3.85
CA ASN F 118 18.89 -20.38 -3.13
C ASN F 118 19.93 -21.41 -3.55
N VAL F 119 20.24 -21.43 -4.84
CA VAL F 119 21.18 -22.40 -5.43
C VAL F 119 22.48 -21.71 -5.81
N ARG F 120 23.61 -22.33 -5.41
CA ARG F 120 24.92 -21.89 -5.87
C ARG F 120 25.07 -22.21 -7.35
N LEU F 121 25.18 -21.17 -8.16
CA LEU F 121 25.22 -21.34 -9.61
C LEU F 121 26.62 -21.14 -10.20
N PHE F 122 27.09 -22.14 -10.92
CA PHE F 122 28.30 -22.00 -11.72
C PHE F 122 27.97 -21.98 -13.20
N VAL F 123 28.41 -20.92 -13.86
CA VAL F 123 28.33 -20.83 -15.31
C VAL F 123 29.72 -20.49 -15.86
N PRO F 124 30.23 -21.32 -16.78
CA PRO F 124 31.53 -21.03 -17.36
C PRO F 124 31.46 -19.95 -18.43
N SER F 125 32.43 -19.04 -18.41
CA SER F 125 32.63 -18.09 -19.49
C SER F 125 33.77 -18.58 -20.38
N THR F 126 34.18 -17.74 -21.32
CA THR F 126 35.17 -18.13 -22.33
C THR F 126 36.07 -16.99 -22.77
N ILE F 127 37.21 -17.34 -23.35
CA ILE F 127 38.06 -16.38 -24.05
C ILE F 127 37.31 -15.75 -25.22
N GLY F 128 36.24 -16.40 -25.65
CA GLY F 128 35.33 -15.87 -26.67
C GLY F 128 34.59 -14.63 -26.21
N ALA F 129 34.63 -14.36 -24.91
CA ALA F 129 34.00 -13.16 -24.33
C ALA F 129 34.84 -11.89 -24.52
N PHE F 130 35.97 -12.04 -25.22
CA PHE F 130 36.83 -10.89 -25.53
C PHE F 130 36.79 -10.52 -27.01
N GLY F 131 36.78 -9.22 -27.29
CA GLY F 131 36.77 -8.74 -28.67
C GLY F 131 38.14 -8.43 -29.23
N PRO F 132 38.19 -7.99 -30.50
CA PRO F 132 39.45 -7.53 -31.10
C PRO F 132 40.02 -6.32 -30.36
N THR F 133 39.15 -5.44 -29.89
CA THR F 133 39.55 -4.23 -29.18
C THR F 133 39.97 -4.49 -27.73
N SER F 134 40.02 -5.77 -27.34
CA SER F 134 40.41 -6.15 -25.98
C SER F 134 41.92 -6.41 -25.88
N PRO F 135 42.54 -6.00 -24.76
CA PRO F 135 43.96 -6.32 -24.51
C PRO F 135 44.23 -7.81 -24.64
N ARG F 136 45.27 -8.17 -25.38
CA ARG F 136 45.55 -9.56 -25.71
C ARG F 136 46.86 -10.06 -25.08
N ASN F 137 47.61 -9.16 -24.46
CA ASN F 137 48.89 -9.52 -23.87
C ASN F 137 49.22 -8.77 -22.57
N PRO F 138 48.66 -9.23 -21.44
CA PRO F 138 47.71 -10.34 -21.38
C PRO F 138 46.27 -9.83 -21.29
N ALA F 139 45.31 -10.74 -21.07
CA ALA F 139 43.91 -10.37 -20.89
C ALA F 139 43.56 -10.33 -19.40
N PRO F 140 43.36 -9.11 -18.85
CA PRO F 140 43.05 -8.94 -17.43
C PRO F 140 41.61 -9.30 -17.08
N ASP F 141 41.37 -9.64 -15.82
CA ASP F 141 40.04 -9.98 -15.31
C ASP F 141 39.01 -8.89 -15.62
N LEU F 142 39.45 -7.63 -15.62
CA LEU F 142 38.61 -6.51 -16.00
C LEU F 142 39.21 -5.76 -17.19
N CYS F 143 38.43 -5.65 -18.26
CA CYS F 143 38.83 -4.90 -19.46
C CYS F 143 37.65 -4.66 -20.40
N ILE F 144 37.93 -4.02 -21.54
CA ILE F 144 36.94 -3.81 -22.59
C ILE F 144 36.58 -5.15 -23.19
N GLN F 145 35.28 -5.42 -23.31
CA GLN F 145 34.77 -6.63 -23.92
C GLN F 145 33.76 -6.28 -25.01
N ARG F 146 34.17 -6.51 -26.25
CA ARG F 146 33.35 -6.15 -27.43
C ARG F 146 33.37 -7.25 -28.49
N PRO F 147 33.05 -8.50 -28.10
CA PRO F 147 33.18 -9.61 -29.05
C PRO F 147 32.24 -9.52 -30.25
N ARG F 148 32.54 -10.31 -31.29
CA ARG F 148 31.77 -10.30 -32.52
C ARG F 148 31.35 -11.73 -32.92
N THR F 149 30.94 -12.48 -31.91
CA THR F 149 30.39 -13.83 -32.08
C THR F 149 29.19 -13.99 -31.12
N ILE F 150 28.07 -14.49 -31.63
CA ILE F 150 26.83 -14.61 -30.82
C ILE F 150 27.06 -15.37 -29.51
N TYR F 151 27.92 -16.37 -29.56
CA TYR F 151 28.36 -17.13 -28.39
C TYR F 151 29.11 -16.23 -27.41
N GLY F 152 30.02 -15.41 -27.93
CA GLY F 152 30.80 -14.51 -27.09
C GLY F 152 30.00 -13.38 -26.47
N VAL F 153 29.16 -12.75 -27.30
CA VAL F 153 28.29 -11.64 -26.86
C VAL F 153 27.33 -12.12 -25.76
N SER F 154 26.90 -13.37 -25.86
CA SER F 154 26.03 -13.97 -24.85
C SER F 154 26.78 -14.35 -23.57
N LYS F 155 28.09 -14.60 -23.70
CA LYS F 155 28.89 -14.94 -22.53
C LYS F 155 29.28 -13.72 -21.73
N VAL F 156 29.40 -12.57 -22.40
CA VAL F 156 29.57 -11.30 -21.71
C VAL F 156 28.29 -11.00 -20.94
N HIS F 157 27.15 -11.16 -21.63
CA HIS F 157 25.83 -11.01 -21.02
C HIS F 157 25.66 -11.95 -19.84
N THR F 158 26.17 -13.18 -19.97
CA THR F 158 26.18 -14.13 -18.86
C THR F 158 26.85 -13.52 -17.63
N GLU F 159 28.07 -13.03 -17.84
CA GLU F 159 28.88 -12.45 -16.76
C GLU F 159 28.20 -11.28 -16.06
N LEU F 160 27.78 -10.28 -16.83
CA LEU F 160 27.16 -9.07 -16.28
C LEU F 160 25.87 -9.37 -15.52
N MET F 161 25.00 -10.20 -16.10
CA MET F 161 23.73 -10.61 -15.49
C MET F 161 23.93 -11.35 -14.18
N GLY F 162 24.77 -12.38 -14.22
CA GLY F 162 25.06 -13.22 -13.06
C GLY F 162 25.55 -12.39 -11.88
N GLU F 163 26.47 -11.47 -12.16
CA GLU F 163 27.00 -10.55 -11.15
C GLU F 163 25.88 -9.67 -10.60
N TYR F 164 25.09 -9.09 -11.50
CA TYR F 164 23.96 -8.26 -11.11
C TYR F 164 23.02 -8.98 -10.14
N TYR F 165 22.67 -10.22 -10.47
CA TYR F 165 21.81 -11.04 -9.62
C TYR F 165 22.40 -11.30 -8.23
N TYR F 166 23.73 -11.22 -8.12
CA TYR F 166 24.40 -11.29 -6.82
C TYR F 166 24.27 -9.98 -6.04
N TYR F 167 24.27 -8.85 -6.75
CA TYR F 167 24.19 -7.56 -6.09
C TYR F 167 22.75 -7.11 -5.85
N ARG F 168 21.84 -7.51 -6.71
CA ARG F 168 20.42 -7.18 -6.57
C ARG F 168 19.73 -8.13 -5.60
N TYR F 169 19.79 -9.42 -5.90
CA TYR F 169 19.35 -10.46 -4.97
C TYR F 169 20.60 -11.03 -4.33
N GLY F 170 20.48 -12.13 -3.59
CA GLY F 170 21.65 -12.71 -2.94
C GLY F 170 22.23 -13.92 -3.65
N LEU F 171 22.16 -13.91 -4.98
CA LEU F 171 22.53 -15.08 -5.77
C LEU F 171 24.01 -15.41 -5.68
N ASP F 172 24.31 -16.67 -5.37
CA ASP F 172 25.68 -17.13 -5.31
C ASP F 172 26.16 -17.54 -6.70
N PHE F 173 26.48 -16.51 -7.50
CA PHE F 173 26.95 -16.68 -8.87
C PHE F 173 28.47 -16.71 -8.89
N ARG F 174 29.01 -17.77 -9.49
CA ARG F 174 30.45 -17.94 -9.59
C ARG F 174 30.81 -18.37 -11.00
N CYS F 175 31.67 -17.58 -11.64
CA CYS F 175 31.99 -17.77 -13.06
C CYS F 175 33.49 -17.82 -13.32
N LEU F 176 33.90 -18.78 -14.14
CA LEU F 176 35.30 -18.89 -14.59
C LEU F 176 35.39 -18.84 -16.10
N ARG F 177 36.19 -17.88 -16.61
CA ARG F 177 36.45 -17.78 -18.05
C ARG F 177 37.44 -18.84 -18.48
N TYR F 178 36.94 -19.94 -19.05
CA TYR F 178 37.79 -21.03 -19.52
C TYR F 178 38.61 -20.65 -20.75
N PRO F 179 39.83 -21.20 -20.87
CA PRO F 179 40.54 -21.18 -22.14
C PRO F 179 40.16 -22.42 -22.95
N GLY F 180 40.88 -22.69 -24.03
CA GLY F 180 40.69 -23.90 -24.81
C GLY F 180 40.92 -25.12 -23.93
N ILE F 181 39.99 -26.07 -23.99
CA ILE F 181 40.08 -27.28 -23.16
C ILE F 181 40.44 -28.49 -24.01
N ILE F 182 41.52 -29.17 -23.62
CA ILE F 182 42.03 -30.32 -24.36
C ILE F 182 41.82 -31.60 -23.53
N SER F 183 41.27 -32.63 -24.18
CA SER F 183 41.09 -33.94 -23.57
C SER F 183 41.16 -35.04 -24.62
N ALA F 184 41.08 -36.30 -24.19
CA ALA F 184 41.10 -37.44 -25.10
C ALA F 184 39.70 -37.82 -25.59
N ASP F 185 38.97 -36.82 -26.09
CA ASP F 185 37.61 -37.01 -26.61
C ASP F 185 37.47 -36.35 -27.99
N SER F 186 36.24 -36.31 -28.51
CA SER F 186 35.94 -35.65 -29.78
C SER F 186 34.43 -35.47 -29.99
N GLN F 187 34.06 -34.38 -30.65
CA GLN F 187 32.66 -34.11 -31.00
C GLN F 187 32.57 -33.30 -32.30
N GLY F 190 34.84 -29.85 -35.07
CA GLY F 190 34.43 -28.45 -35.10
C GLY F 190 34.98 -27.65 -33.93
N GLY F 191 35.07 -26.34 -34.12
CA GLY F 191 35.62 -25.44 -33.10
C GLY F 191 37.01 -24.96 -33.43
N THR F 192 37.43 -23.89 -32.76
CA THR F 192 38.71 -23.24 -33.03
C THR F 192 39.90 -23.99 -32.43
N THR F 193 39.80 -24.34 -31.16
CA THR F 193 40.88 -25.04 -30.44
C THR F 193 40.82 -26.55 -30.65
N ASP F 194 40.16 -26.95 -31.73
CA ASP F 194 39.96 -28.35 -32.10
C ASP F 194 41.24 -29.00 -32.63
N TYR F 195 42.22 -28.18 -33.03
CA TYR F 195 43.46 -28.66 -33.65
C TYR F 195 44.36 -29.41 -32.68
N ALA F 196 44.35 -29.01 -31.40
CA ALA F 196 45.24 -29.61 -30.40
C ALA F 196 44.72 -30.94 -29.85
N VAL F 197 43.47 -31.26 -30.17
CA VAL F 197 42.88 -32.55 -29.79
C VAL F 197 43.04 -33.56 -30.93
N GLN F 198 42.73 -33.12 -32.15
CA GLN F 198 42.76 -33.98 -33.33
C GLN F 198 44.18 -34.33 -33.80
N ILE F 199 45.18 -33.64 -33.25
CA ILE F 199 46.58 -33.86 -33.61
C ILE F 199 47.14 -35.16 -33.03
N PHE F 200 46.63 -35.57 -31.88
CA PHE F 200 47.10 -36.78 -31.20
C PHE F 200 46.58 -38.07 -31.83
N HIS F 201 45.42 -37.98 -32.49
CA HIS F 201 44.82 -39.11 -33.18
C HIS F 201 45.65 -39.58 -34.38
N ALA F 202 46.45 -38.68 -34.94
CA ALA F 202 47.34 -39.00 -36.04
C ALA F 202 48.75 -39.32 -35.52
N ALA F 203 49.26 -38.45 -34.65
CA ALA F 203 50.62 -38.60 -34.09
C ALA F 203 50.67 -39.71 -33.04
N THR F 208 49.69 -38.74 -40.17
CA THR F 208 49.84 -37.35 -40.60
C THR F 208 48.61 -36.50 -40.25
N PHE F 209 48.84 -35.24 -39.87
CA PHE F 209 47.78 -34.32 -39.49
C PHE F 209 47.90 -32.96 -40.16
N GLU F 210 46.75 -32.41 -40.56
CA GLU F 210 46.66 -31.11 -41.22
C GLU F 210 46.03 -30.08 -40.28
N CYS F 211 46.84 -29.11 -39.86
CA CYS F 211 46.37 -28.02 -38.99
C CYS F 211 45.81 -26.86 -39.81
N ASN F 212 44.75 -26.26 -39.30
CA ASN F 212 44.09 -25.14 -40.00
C ASN F 212 44.30 -23.77 -39.36
N LEU F 213 45.40 -23.63 -38.63
CA LEU F 213 45.79 -22.35 -38.01
C LEU F 213 47.31 -22.12 -38.13
N GLU F 214 47.71 -20.85 -38.19
CA GLU F 214 49.11 -20.48 -38.40
C GLU F 214 50.00 -20.77 -37.19
N ALA F 215 51.28 -21.02 -37.45
CA ALA F 215 52.26 -21.36 -36.40
C ALA F 215 52.70 -20.16 -35.56
N GLY F 216 52.29 -18.97 -35.97
CA GLY F 216 52.60 -17.75 -35.23
C GLY F 216 51.37 -17.07 -34.65
N THR F 217 50.45 -17.88 -34.13
CA THR F 217 49.23 -17.38 -33.48
C THR F 217 48.99 -18.07 -32.14
N ARG F 218 49.05 -17.27 -31.06
CA ARG F 218 48.96 -17.80 -29.69
C ARG F 218 47.55 -17.74 -29.12
N LEU F 219 47.16 -18.81 -28.44
CA LEU F 219 45.88 -18.90 -27.74
C LEU F 219 46.06 -19.65 -26.41
N PRO F 220 45.34 -19.23 -25.35
CA PRO F 220 45.44 -19.92 -24.06
C PRO F 220 44.74 -21.28 -24.09
N MET F 221 45.36 -22.28 -23.48
CA MET F 221 44.83 -23.63 -23.45
C MET F 221 44.93 -24.22 -22.04
N MET F 222 44.26 -25.35 -21.82
CA MET F 222 44.22 -26.02 -20.53
C MET F 222 43.82 -27.49 -20.69
N TYR F 223 44.34 -28.34 -19.82
CA TYR F 223 43.93 -29.73 -19.76
C TYR F 223 42.61 -29.85 -18.99
N ILE F 224 41.84 -30.90 -19.29
CA ILE F 224 40.53 -31.09 -18.68
C ILE F 224 40.57 -31.20 -17.15
N SER F 225 41.57 -31.93 -16.62
CA SER F 225 41.70 -32.12 -15.18
C SER F 225 41.91 -30.80 -14.45
N ASP F 226 42.69 -29.90 -15.05
CA ASP F 226 42.90 -28.55 -14.52
C ASP F 226 41.60 -27.76 -14.50
N CYS F 227 40.79 -27.95 -15.54
CA CYS F 227 39.51 -27.26 -15.71
C CYS F 227 38.50 -27.69 -14.64
N LEU F 228 38.22 -28.99 -14.59
CA LEU F 228 37.22 -29.55 -13.69
C LEU F 228 37.57 -29.34 -12.22
N ARG F 229 38.87 -29.30 -11.91
CA ARG F 229 39.35 -29.09 -10.54
C ARG F 229 39.12 -27.65 -10.06
N ALA F 230 39.40 -26.69 -10.94
CA ALA F 230 39.22 -25.28 -10.61
C ALA F 230 37.75 -24.94 -10.40
N THR F 231 36.88 -25.58 -11.19
CA THR F 231 35.44 -25.44 -11.07
C THR F 231 34.97 -25.83 -9.67
N LEU F 232 35.45 -26.97 -9.19
CA LEU F 232 35.15 -27.45 -7.84
C LEU F 232 35.70 -26.53 -6.77
N GLU F 233 36.96 -26.12 -6.94
CA GLU F 233 37.67 -25.31 -5.96
C GLU F 233 37.07 -23.93 -5.74
N VAL F 234 36.56 -23.32 -6.81
CA VAL F 234 35.93 -22.00 -6.74
C VAL F 234 34.51 -22.07 -6.15
N MET F 235 33.85 -23.22 -6.33
CA MET F 235 32.54 -23.47 -5.73
C MET F 235 32.68 -23.79 -4.24
N GLU F 236 33.75 -24.50 -3.90
CA GLU F 236 34.05 -24.83 -2.50
C GLU F 236 34.59 -23.63 -1.70
N ALA F 237 35.25 -22.72 -2.40
CA ALA F 237 35.90 -21.56 -1.78
C ALA F 237 34.96 -20.74 -0.88
N PRO F 238 35.48 -20.22 0.24
CA PRO F 238 34.73 -19.32 1.09
C PRO F 238 34.26 -18.08 0.33
N ALA F 239 33.03 -17.66 0.59
CA ALA F 239 32.41 -16.55 -0.14
C ALA F 239 32.99 -15.18 0.19
N GLU F 240 33.54 -15.05 1.40
CA GLU F 240 34.05 -13.75 1.88
C GLU F 240 35.35 -13.31 1.21
N ARG F 241 36.13 -14.27 0.71
CA ARG F 241 37.40 -13.97 0.05
C ARG F 241 37.29 -13.96 -1.47
N LEU F 242 36.19 -13.41 -1.97
CA LEU F 242 36.00 -13.23 -3.41
C LEU F 242 35.64 -11.77 -3.69
N SER F 243 36.61 -11.00 -4.16
CA SER F 243 36.42 -9.58 -4.46
C SER F 243 35.60 -9.37 -5.73
N MET F 244 35.53 -10.41 -6.56
CA MET F 244 34.69 -10.42 -7.77
C MET F 244 34.17 -11.82 -8.04
N ARG F 245 33.26 -11.96 -9.00
CA ARG F 245 32.61 -13.24 -9.28
C ARG F 245 32.98 -13.87 -10.63
N THR F 246 33.65 -13.09 -11.49
CA THR F 246 34.14 -13.60 -12.77
C THR F 246 35.67 -13.60 -12.83
N TYR F 247 36.26 -14.78 -12.71
CA TYR F 247 37.71 -14.94 -12.70
C TYR F 247 38.22 -15.58 -13.98
N ASN F 248 39.26 -15.00 -14.56
CA ASN F 248 40.05 -15.65 -15.61
C ASN F 248 40.76 -16.84 -15.02
N ILE F 249 40.84 -17.93 -15.77
CA ILE F 249 41.53 -19.13 -15.32
C ILE F 249 42.55 -19.57 -16.38
N SER F 250 43.82 -19.57 -15.99
CA SER F 250 44.91 -19.84 -16.93
C SER F 250 45.82 -20.97 -16.47
N ALA F 251 46.43 -21.64 -17.45
CA ALA F 251 47.42 -22.67 -17.19
C ALA F 251 48.62 -22.47 -18.12
N MET F 252 48.35 -22.24 -19.39
CA MET F 252 49.37 -22.07 -20.41
C MET F 252 48.87 -21.30 -21.63
N SER F 253 49.80 -20.83 -22.45
CA SER F 253 49.48 -20.17 -23.71
C SER F 253 50.60 -20.45 -24.71
N PHE F 254 50.28 -21.22 -25.75
CA PHE F 254 51.28 -21.64 -26.72
C PHE F 254 50.83 -21.54 -28.20
N THR F 255 51.76 -21.80 -29.11
CA THR F 255 51.52 -21.76 -30.55
C THR F 255 51.73 -23.15 -31.16
N PRO F 256 51.18 -23.39 -32.37
CA PRO F 256 51.47 -24.62 -33.11
C PRO F 256 52.97 -24.89 -33.28
N GLU F 257 53.76 -23.82 -33.26
CA GLU F 257 55.21 -23.89 -33.19
C GLU F 257 55.66 -24.66 -31.94
N GLU F 258 55.12 -24.27 -30.79
CA GLU F 258 55.49 -24.84 -29.49
C GLU F 258 54.92 -26.24 -29.28
N LEU F 259 53.76 -26.51 -29.87
CA LEU F 259 53.12 -27.82 -29.78
C LEU F 259 53.89 -28.86 -30.60
N ALA F 260 54.50 -28.42 -31.70
CA ALA F 260 55.34 -29.28 -32.53
C ALA F 260 56.65 -29.66 -31.83
N GLN F 261 57.24 -28.70 -31.13
CA GLN F 261 58.50 -28.90 -30.41
C GLN F 261 58.34 -29.83 -29.21
N ALA F 262 57.16 -29.81 -28.60
CA ALA F 262 56.82 -30.68 -27.47
C ALA F 262 56.57 -32.12 -27.91
N LEU F 263 56.04 -32.27 -29.13
CA LEU F 263 55.76 -33.59 -29.70
C LEU F 263 57.01 -34.31 -30.21
N ARG F 264 58.07 -33.54 -30.44
CA ARG F 264 59.33 -34.09 -30.95
C ARG F 264 60.26 -34.61 -29.84
N LYS F 265 59.81 -34.51 -28.59
CA LYS F 265 60.55 -34.99 -27.43
C LYS F 265 60.41 -36.51 -27.24
N HIS F 266 59.22 -37.03 -27.53
CA HIS F 266 58.94 -38.47 -27.42
C HIS F 266 58.93 -39.18 -28.77
N ALA F 267 58.36 -38.53 -29.79
CA ALA F 267 58.31 -39.07 -31.15
C ALA F 267 58.63 -38.00 -32.20
N PRO F 268 59.89 -37.95 -32.68
CA PRO F 268 60.32 -36.91 -33.62
C PRO F 268 60.10 -37.28 -35.10
N ASP F 269 59.38 -38.36 -35.36
CA ASP F 269 59.12 -38.84 -36.71
C ASP F 269 57.87 -38.23 -37.34
N PHE F 270 57.15 -37.42 -36.55
CA PHE F 270 55.90 -36.80 -36.98
C PHE F 270 56.08 -35.35 -37.40
N GLN F 271 55.36 -34.95 -38.45
CA GLN F 271 55.42 -33.59 -38.98
C GLN F 271 54.02 -33.02 -39.20
N ILE F 272 53.94 -31.72 -39.47
CA ILE F 272 52.64 -31.03 -39.60
C ILE F 272 52.53 -30.12 -40.82
N THR F 273 51.40 -30.21 -41.50
CA THR F 273 51.07 -29.35 -42.64
C THR F 273 50.08 -28.28 -42.22
N TYR F 274 50.17 -27.10 -42.83
CA TYR F 274 49.29 -25.99 -42.51
C TYR F 274 48.37 -25.65 -43.68
N CYS F 275 47.06 -25.75 -43.43
CA CYS F 275 46.03 -25.41 -44.41
C CYS F 275 44.96 -24.55 -43.72
N VAL F 276 45.27 -23.27 -43.58
CA VAL F 276 44.50 -22.32 -42.77
C VAL F 276 43.05 -22.16 -43.22
N ASP F 277 42.12 -22.46 -42.31
CA ASP F 277 40.70 -22.23 -42.52
C ASP F 277 40.41 -20.75 -42.25
N PRO F 278 39.98 -20.00 -43.28
CA PRO F 278 39.79 -18.55 -43.19
C PRO F 278 38.77 -18.10 -42.15
N LEU F 279 37.63 -18.79 -42.09
CA LEU F 279 36.57 -18.44 -41.15
C LEU F 279 36.96 -18.74 -39.70
N ARG F 280 37.84 -19.72 -39.53
CA ARG F 280 38.29 -20.16 -38.20
C ARG F 280 39.52 -19.39 -37.73
N GLN F 281 40.32 -18.90 -38.67
CA GLN F 281 41.48 -18.08 -38.36
C GLN F 281 41.04 -16.67 -37.95
N ALA F 282 39.98 -16.19 -38.58
CA ALA F 282 39.45 -14.83 -38.33
C ALA F 282 39.06 -14.61 -36.87
N ILE F 283 38.36 -15.59 -36.28
CA ILE F 283 37.92 -15.48 -34.90
C ILE F 283 38.99 -15.88 -33.88
N ALA F 284 39.99 -16.63 -34.34
CA ALA F 284 41.14 -16.99 -33.51
C ALA F 284 42.00 -15.77 -33.22
N GLU F 285 42.10 -14.86 -34.20
CA GLU F 285 42.87 -13.63 -34.08
C GLU F 285 42.19 -12.60 -33.17
N SER F 286 40.86 -12.69 -33.07
CA SER F 286 40.08 -11.77 -32.26
C SER F 286 40.11 -12.11 -30.76
N TRP F 287 40.62 -13.29 -30.43
CA TRP F 287 40.78 -13.71 -29.05
C TRP F 287 42.14 -13.29 -28.49
N PRO F 288 42.25 -13.17 -27.15
CA PRO F 288 43.52 -12.87 -26.50
C PRO F 288 44.54 -14.00 -26.62
N MET F 289 45.82 -13.64 -26.53
CA MET F 289 46.91 -14.61 -26.61
C MET F 289 47.21 -15.24 -25.25
N ILE F 290 47.31 -14.39 -24.22
CA ILE F 290 47.54 -14.84 -22.85
C ILE F 290 46.35 -14.42 -21.97
N LEU F 291 46.05 -15.24 -20.97
CA LEU F 291 44.99 -14.94 -20.02
C LEU F 291 45.59 -14.69 -18.65
N ASP F 292 45.26 -13.53 -18.07
CA ASP F 292 45.81 -13.13 -16.77
C ASP F 292 44.90 -13.51 -15.60
N ASP F 293 45.32 -14.52 -14.84
CA ASP F 293 44.56 -14.98 -13.68
C ASP F 293 45.15 -14.48 -12.35
N SER F 294 45.45 -13.17 -12.30
CA SER F 294 46.02 -12.53 -11.12
C SER F 294 45.09 -12.63 -9.92
N ASN F 295 43.90 -12.03 -10.06
CA ASN F 295 42.87 -12.05 -9.03
C ASN F 295 42.42 -13.47 -8.67
N ALA F 296 42.47 -14.36 -9.66
CA ALA F 296 42.06 -15.75 -9.48
C ALA F 296 43.01 -16.57 -8.60
N ARG F 297 44.27 -16.11 -8.48
CA ARG F 297 45.23 -16.75 -7.59
C ARG F 297 45.35 -15.98 -6.27
N LYS F 298 45.19 -14.65 -6.37
CA LYS F 298 45.21 -13.74 -5.23
C LYS F 298 44.11 -14.07 -4.21
N ASP F 299 42.85 -14.08 -4.69
CA ASP F 299 41.68 -14.26 -3.82
C ASP F 299 41.53 -15.70 -3.29
N TRP F 300 41.37 -16.65 -4.20
CA TRP F 300 41.35 -18.07 -3.86
C TRP F 300 42.55 -18.75 -4.48
N GLY F 301 43.19 -19.66 -3.74
CA GLY F 301 44.45 -20.26 -4.16
C GLY F 301 44.38 -21.16 -5.38
N TRP F 302 44.47 -20.57 -6.57
CA TRP F 302 44.45 -21.33 -7.81
C TRP F 302 45.85 -21.63 -8.34
N LYS F 303 46.14 -22.92 -8.50
CA LYS F 303 47.37 -23.40 -9.11
C LYS F 303 47.00 -24.45 -10.16
N HIS F 304 47.66 -24.41 -11.31
CA HIS F 304 47.50 -25.44 -12.32
C HIS F 304 48.54 -26.55 -12.15
N ASP F 305 48.08 -27.80 -12.20
CA ASP F 305 48.94 -28.96 -12.03
C ASP F 305 49.50 -29.48 -13.36
N PHE F 306 49.03 -28.90 -14.46
CA PHE F 306 49.49 -29.28 -15.80
C PHE F 306 49.91 -28.04 -16.58
N ASP F 307 51.13 -28.07 -17.10
CA ASP F 307 51.60 -27.06 -18.05
C ASP F 307 52.11 -27.73 -19.33
N LEU F 308 52.62 -26.92 -20.27
CA LEU F 308 52.93 -27.37 -21.64
C LEU F 308 53.52 -28.78 -21.81
N PRO F 309 54.68 -29.08 -21.18
CA PRO F 309 55.30 -30.39 -21.40
C PRO F 309 54.57 -31.55 -20.74
N GLU F 310 54.13 -31.35 -19.50
CA GLU F 310 53.40 -32.38 -18.75
C GLU F 310 51.94 -32.53 -19.21
N LEU F 311 51.52 -31.63 -20.10
CA LEU F 311 50.24 -31.76 -20.79
C LEU F 311 50.33 -32.87 -21.84
N VAL F 312 51.37 -32.80 -22.68
CA VAL F 312 51.58 -33.74 -23.79
C VAL F 312 51.91 -35.15 -23.28
N ALA F 313 52.59 -35.21 -22.15
CA ALA F 313 52.99 -36.48 -21.52
C ALA F 313 51.80 -37.41 -21.27
N THR F 314 50.78 -36.88 -20.60
CA THR F 314 49.58 -37.65 -20.27
C THR F 314 48.71 -37.91 -21.51
N MET F 315 48.76 -37.00 -22.48
CA MET F 315 47.92 -37.05 -23.68
C MET F 315 48.18 -38.24 -24.62
N LEU F 316 49.36 -38.85 -24.50
CA LEU F 316 49.73 -39.98 -25.36
C LEU F 316 49.04 -41.29 -24.98
N ASN F 317 48.52 -41.34 -23.75
CA ASN F 317 47.88 -42.54 -23.22
C ASN F 317 46.45 -42.72 -23.76
PA NAD G . -0.49 -19.93 3.07
O1A NAD G . 0.16 -20.23 4.40
O2A NAD G . -0.45 -18.54 2.49
O5B NAD G . 0.18 -20.91 1.98
C5B NAD G . -0.28 -20.90 0.63
C4B NAD G . 0.62 -21.82 -0.16
O4B NAD G . 0.20 -21.83 -1.53
C3B NAD G . 2.06 -21.35 -0.12
O3B NAD G . 2.91 -22.36 0.44
C2B NAD G . 2.43 -21.08 -1.57
O2B NAD G . 3.76 -21.54 -1.84
C1B NAD G . 1.40 -21.90 -2.31
N9A NAD G . 1.24 -21.44 -3.72
C8A NAD G . 1.17 -20.18 -4.19
N7A NAD G . 1.03 -20.18 -5.55
C5A NAD G . 1.02 -21.46 -5.96
C6A NAD G . 0.89 -22.19 -7.24
N6A NAD G . 0.77 -21.54 -8.42
N1A NAD G . 0.92 -23.53 -7.21
C2A NAD G . 1.04 -24.22 -6.05
N3A NAD G . 1.15 -23.62 -4.85
C4A NAD G . 1.15 -22.28 -4.75
O3 NAD G . -2.00 -20.48 3.06
PN NAD G . -2.57 -21.22 4.36
O1N NAD G . -2.71 -20.17 5.43
O2N NAD G . -1.75 -22.45 4.63
O5D NAD G . -4.08 -21.65 4.00
C5D NAD G . -4.43 -22.63 3.02
C4D NAD G . -5.87 -22.36 2.59
O4D NAD G . -6.69 -22.09 3.73
C3D NAD G . -5.95 -21.14 1.69
O3D NAD G . -6.82 -21.42 0.59
C2D NAD G . -6.54 -20.06 2.56
O2D NAD G . -7.32 -19.13 1.81
C1D NAD G . -7.37 -20.84 3.57
N1N NAD G . -7.55 -20.09 4.82
C2N NAD G . -6.56 -20.04 5.73
C3N NAD G . -6.72 -19.31 6.91
C7N NAD G . -5.61 -19.25 7.91
O7N NAD G . -5.79 -18.68 8.98
N7N NAD G . -4.43 -19.80 7.63
C4N NAD G . -7.93 -18.65 7.14
C5N NAD G . -8.94 -18.72 6.20
C6N NAD G . -8.71 -19.46 5.03
C1 GOL H . -5.43 -13.19 6.38
O1 GOL H . -5.72 -13.03 7.78
C2 GOL H . -5.44 -14.67 5.98
O2 GOL H . -5.19 -15.51 7.12
C3 GOL H . -6.77 -15.03 5.33
O3 GOL H . -7.83 -15.18 6.29
PA NAD I . -17.33 11.27 45.39
O1A NAD I . -17.83 9.97 45.97
O2A NAD I . -18.09 12.01 44.32
O5B NAD I . -17.13 12.26 46.65
C5B NAD I . -16.51 13.54 46.52
C4B NAD I . -16.44 14.18 47.90
O4B NAD I . -15.97 15.53 47.82
C3B NAD I . -17.83 14.23 48.54
O3B NAD I . -17.78 13.55 49.80
C2B NAD I . -18.12 15.70 48.74
O2B NAD I . -18.78 15.91 49.98
C1B NAD I . -16.72 16.32 48.73
N9A NAD I . -16.74 17.75 48.35
C8A NAD I . -17.52 18.35 47.43
N7A NAD I . -17.27 19.67 47.35
C5A NAD I . -16.29 19.95 48.23
C6A NAD I . -15.55 21.15 48.67
N6A NAD I . -15.79 22.37 48.11
N1A NAD I . -14.60 21.01 49.62
C2A NAD I . -14.33 19.81 50.19
N3A NAD I . -14.97 18.68 49.84
C4A NAD I . -15.94 18.68 48.89
O3 NAD I . -15.82 11.08 44.87
PN NAD I . -15.15 9.64 44.63
O1N NAD I . -16.07 8.83 43.75
O2N NAD I . -14.68 9.08 45.95
O5D NAD I . -13.85 10.02 43.76
C5D NAD I . -12.79 10.82 44.28
C4D NAD I . -11.94 11.29 43.10
O4D NAD I . -11.68 10.20 42.20
C3D NAD I . -12.64 12.37 42.30
O3D NAD I . -11.69 13.39 41.97
C2D NAD I . -13.13 11.68 41.05
O2D NAD I . -13.12 12.57 39.94
C1D NAD I . -12.12 10.56 40.87
N1N NAD I . -12.67 9.40 40.13
C2N NAD I . -13.57 8.56 40.69
C3N NAD I . -14.08 7.48 39.96
C7N NAD I . -15.07 6.52 40.55
O7N NAD I . -15.95 6.03 39.85
N7N NAD I . -15.00 6.21 41.85
C4N NAD I . -13.63 7.29 38.65
C5N NAD I . -12.71 8.17 38.10
C6N NAD I . -12.25 9.23 38.87
C1 GOL J . -18.89 9.16 37.93
O1 GOL J . -19.13 8.21 38.98
C2 GOL J . -18.31 8.46 36.71
O2 GOL J . -19.07 7.29 36.42
C3 GOL J . -16.85 8.08 36.96
O3 GOL J . -15.97 8.92 36.20
PA NAD K . -26.12 -12.98 -27.63
O1A NAD K . -27.15 -12.64 -28.67
O2A NAD K . -25.88 -14.43 -27.30
O5B NAD K . -24.75 -12.27 -28.07
C5B NAD K . -23.46 -12.67 -27.58
C4B NAD K . -22.43 -12.26 -28.63
O4B NAD K . -21.09 -12.35 -28.12
C3B NAD K . -22.52 -13.15 -29.86
O3B NAD K . -22.66 -12.33 -31.03
C2B NAD K . -21.20 -13.87 -29.90
O2B NAD K . -20.75 -14.11 -31.23
C1B NAD K . -20.27 -12.93 -29.13
N9A NAD K . -19.10 -13.70 -28.64
C8A NAD K . -19.09 -14.96 -28.14
N7A NAD K . -17.84 -15.35 -27.82
C5A NAD K . -17.01 -14.33 -28.11
C6A NAD K . -15.56 -14.07 -28.03
N6A NAD K . -14.71 -15.00 -27.54
N1A NAD K . -15.11 -12.87 -28.45
C2A NAD K . -15.93 -11.92 -28.93
N3A NAD K . -17.25 -12.09 -29.04
C4A NAD K . -17.84 -13.24 -28.66
O3 NAD K . -26.44 -12.20 -26.26
PN NAD K . -27.10 -10.73 -26.24
O1N NAD K . -28.60 -10.95 -26.20
O2N NAD K . -26.50 -9.89 -27.33
O5D NAD K . -26.67 -10.18 -24.78
C5D NAD K . -25.73 -9.12 -24.59
C4D NAD K . -25.35 -8.99 -23.11
O4D NAD K . -26.50 -8.74 -22.29
C3D NAD K . -24.69 -10.24 -22.55
O3D NAD K . -23.59 -9.86 -21.72
C2D NAD K . -25.77 -10.89 -21.70
O2D NAD K . -25.17 -11.58 -20.60
C1D NAD K . -26.62 -9.72 -21.25
N1N NAD K . -28.02 -10.07 -21.04
C2N NAD K . -28.84 -10.29 -22.09
C3N NAD K . -30.18 -10.62 -21.88
C7N NAD K . -31.09 -10.88 -23.05
O7N NAD K . -32.12 -11.52 -22.88
N7N NAD K . -30.75 -10.42 -24.25
C4N NAD K . -30.67 -10.71 -20.58
C5N NAD K . -29.82 -10.47 -19.51
C6N NAD K . -28.49 -10.15 -19.78
C1 GOL L . -32.51 -16.47 -21.35
O1 GOL L . -32.09 -17.74 -20.83
C2 GOL L . -31.31 -15.56 -21.51
O2 GOL L . -31.15 -15.26 -22.90
C3 GOL L . -31.54 -14.27 -20.74
O3 GOL L . -30.53 -14.10 -19.73
PA NAD M . -1.68 42.14 24.19
O1A NAD M . -1.11 43.12 23.19
O2A NAD M . -0.76 41.41 25.14
O5B NAD M . -2.83 42.88 25.03
C5B NAD M . -3.73 42.20 25.91
C4B NAD M . -4.56 43.24 26.67
O4B NAD M . -5.33 42.65 27.72
C3B NAD M . -3.68 44.31 27.32
O3B NAD M . -3.93 45.56 26.68
C2B NAD M . -4.11 44.33 28.78
O2B NAD M . -4.24 45.65 29.30
C1B NAD M . -5.45 43.64 28.75
N9A NAD M . -5.81 43.09 30.08
C8A NAD M . -5.00 42.49 30.97
N7A NAD M . -5.67 42.13 32.08
C5A NAD M . -6.95 42.50 31.93
C6A NAD M . -8.21 42.42 32.72
N6A NAD M . -8.24 41.86 33.94
N1A NAD M . -9.34 42.95 32.17
C2A NAD M . -9.34 43.51 30.96
N3A NAD M . -8.24 43.61 30.19
C4A NAD M . -7.05 43.14 30.61
O3 NAD M . -2.53 41.01 23.39
PN NAD M . -2.55 40.98 21.78
O1N NAD M . -1.14 40.72 21.28
O2N NAD M . -3.29 42.20 21.30
O5D NAD M . -3.43 39.67 21.50
C5D NAD M . -4.81 39.62 21.84
C4D NAD M . -5.25 38.16 21.88
O4D NAD M . -4.69 37.42 20.78
C3D NAD M . -4.78 37.47 23.15
O3D NAD M . -5.86 36.68 23.66
C2D NAD M . -3.62 36.61 22.72
O2D NAD M . -3.56 35.41 23.49
C1D NAD M . -3.94 36.30 21.26
N1N NAD M . -2.72 36.06 20.46
C2N NAD M . -1.90 37.06 20.07
C3N NAD M . -0.75 36.79 19.32
C7N NAD M . 0.16 37.91 18.87
O7N NAD M . 1.26 37.65 18.44
N7N NAD M . -0.26 39.17 18.98
C4N NAD M . -0.46 35.48 18.95
C5N NAD M . -1.32 34.45 19.35
C6N NAD M . -2.45 34.78 20.11
PA NAD N . 10.63 7.06 -21.23
O1A NAD N . 10.21 8.50 -21.09
O2A NAD N . 10.75 6.17 -20.01
O5B NAD N . 9.61 6.39 -22.27
C5B NAD N . 9.80 5.05 -22.74
C4B NAD N . 8.50 4.61 -23.36
O4B NAD N . 8.55 3.22 -23.70
C3B NAD N . 7.32 4.78 -22.40
O3B NAD N . 6.45 5.79 -22.91
C2B NAD N . 6.63 3.44 -22.37
O2B NAD N . 5.21 3.57 -22.50
C1B NAD N . 7.24 2.68 -23.54
N9A NAD N . 7.23 1.22 -23.31
C8A NAD N . 7.45 0.59 -22.15
N7A NAD N . 7.35 -0.76 -22.31
C5A NAD N . 7.06 -0.99 -23.60
C6A NAD N . 6.81 -2.18 -24.46
N6A NAD N . 6.85 -3.44 -23.95
N1A NAD N . 6.54 -1.98 -25.76
C2A NAD N . 6.48 -0.74 -26.30
N3A NAD N . 6.69 0.37 -25.58
C4A NAD N . 6.98 0.32 -24.26
O3 NAD N . 12.02 6.96 -22.05
PN NAD N . 12.78 8.28 -22.55
O1N NAD N . 13.25 9.04 -21.33
O2N NAD N . 11.94 8.99 -23.60
O5D NAD N . 14.06 7.64 -23.27
C5D NAD N . 13.98 7.01 -24.54
C4D NAD N . 15.27 6.23 -24.80
O4D NAD N . 16.41 7.05 -24.56
C3D NAD N . 15.37 5.03 -23.88
O3D NAD N . 15.73 3.88 -24.65
C2D NAD N . 16.49 5.35 -22.91
O2D NAD N . 17.27 4.19 -22.66
C1D NAD N . 17.29 6.45 -23.60
N1N NAD N . 17.85 7.43 -22.65
C2N NAD N . 17.10 8.45 -22.18
C3N NAD N . 17.64 9.37 -21.27
C7N NAD N . 16.82 10.50 -20.74
O7N NAD N . 17.24 11.17 -19.81
N7N NAD N . 15.64 10.76 -21.31
C4N NAD N . 18.97 9.23 -20.86
C5N NAD N . 19.73 8.18 -21.37
C6N NAD N . 19.14 7.29 -22.27
PA NAD O . 29.38 -28.79 -25.78
O1A NAD O . 30.26 -30.01 -25.97
O2A NAD O . 28.90 -28.03 -26.98
O5B NAD O . 28.10 -29.24 -24.90
C5B NAD O . 26.93 -28.44 -24.83
C4B NAD O . 25.75 -29.33 -24.46
O4B NAD O . 24.57 -28.53 -24.27
C3B NAD O . 25.43 -30.35 -25.54
O3B NAD O . 25.56 -31.68 -25.03
C2B NAD O . 23.98 -30.07 -25.93
O2B NAD O . 23.23 -31.27 -26.13
C1B NAD O . 23.45 -29.29 -24.73
N9A NAD O . 22.31 -28.42 -25.08
C8A NAD O . 22.14 -27.70 -26.21
N7A NAD O . 20.96 -27.03 -26.18
C5A NAD O . 20.36 -27.31 -25.02
C6A NAD O . 19.08 -26.94 -24.35
N6A NAD O . 18.20 -26.10 -24.93
N1A NAD O . 18.84 -27.46 -23.12
C2A NAD O . 19.71 -28.30 -22.52
N3A NAD O . 20.87 -28.68 -23.07
C4A NAD O . 21.24 -28.23 -24.29
O3 NAD O . 30.11 -27.76 -24.79
PN NAD O . 31.25 -28.25 -23.75
O1N NAD O . 32.53 -28.38 -24.53
O2N NAD O . 30.73 -29.43 -22.97
O5D NAD O . 31.39 -26.98 -22.77
C5D NAD O . 30.53 -26.80 -21.65
C4D NAD O . 30.56 -25.35 -21.18
O4D NAD O . 31.92 -24.88 -21.09
C3D NAD O . 29.82 -24.41 -22.13
O3D NAD O . 28.91 -23.59 -21.38
C2D NAD O . 30.89 -23.56 -22.76
O2D NAD O . 30.44 -22.20 -22.90
C1D NAD O . 32.06 -23.63 -21.79
N1N NAD O . 33.36 -23.54 -22.47
C2N NAD O . 33.89 -24.59 -23.12
C3N NAD O . 35.13 -24.47 -23.77
C7N NAD O . 35.72 -25.62 -24.51
O7N NAD O . 36.26 -25.41 -25.58
N7N NAD O . 35.67 -26.85 -23.97
C4N NAD O . 35.82 -23.26 -23.71
C5N NAD O . 35.26 -22.19 -23.03
C6N NAD O . 34.02 -22.36 -22.40
#